data_7L8A
#
_entry.id   7L8A
#
loop_
_entity.id
_entity.type
_entity.pdbx_description
1 polymer 'BG505 SOSIP MD39 - gp120'
2 polymer 'BG505 SOSIP MD39 - gp41'
3 polymer 'Rh.33104 pAbC-1 - Heavy Chain'
4 polymer 'Rh.33104 pAbC-1 - Light Chain'
5 branched 2-acetamido-2-deoxy-beta-D-glucopyranose-(1-4)-2-acetamido-2-deoxy-beta-D-glucopyranose
6 branched alpha-D-mannopyranose-(1-3)-beta-D-mannopyranose-(1-4)-2-acetamido-2-deoxy-beta-D-glucopyranose-(1-4)-2-acetamido-2-deoxy-beta-D-glucopyranose
7 branched alpha-D-mannopyranose-(1-3)-[alpha-D-mannopyranose-(1-6)]beta-D-mannopyranose-(1-4)-2-acetamido-2-deoxy-beta-D-glucopyranose-(1-4)-2-acetamido-2-deoxy-beta-D-glucopyranose
8 non-polymer 2-acetamido-2-deoxy-beta-D-glucopyranose
#
loop_
_entity_poly.entity_id
_entity_poly.type
_entity_poly.pdbx_seq_one_letter_code
_entity_poly.pdbx_strand_id
1 'polypeptide(L)'
;NLWVTVYYGVPVWKDAETTLFCASDAKAYETEKHNVWATHACVPTDPNPQEIHLENVTEEFNMWKNNMVEQMHEDIISLW
DQSLKPCVKLTPLCVTLQCTNVTNNITDDMRGELKNCSFNMTTELRDKKQKVYSLFYRLDVVQINENQGNRSNNSNKEYR
LINCNTSAITQACPKVSFEPIPIHYCAPAGFAILKCKDKKFNGTGPCPSVSTVQCTHGIKPVVSTQLLLNGSLAEEEVII
RSENITNNAKNILVQLNTPVQINCTRPNNNTVKSIRIGPGQAFYYTGDIIGDIRQAHCNVSKATWNETLGKVVKQLRKHF
GNNTIIRFAQSSGGDLEVTTHSFNCGGEFFYCNTSGLFNSTWISNTSVQGSNSTGSNDSITLPCRIKQIINMWQRIGQAM
YAPPIQGVIRCVSNITGLILTRDGGSTNSTTETFRPGGGDMRDNWRSELYKYKVVKIEPLGVAPTRCKR
;
E,A,C
2 'polypeptide(L)'
;SLGFLGAAGSTMGAASMTLTVQARNLLSGIVQQQSNLLRAPEPQQHLLKDTHWGIKQLQARVLAVEHYLRDQQLLGIWGC
SGKLICCTNVPWNSSWSNRNLSEIWDNMTWLQWDKEISNYTQIIYGLLEESQNQQEKNEQDLLAL
;
F,B,D
3 'polypeptide(L)'
;(UNK)(UNK)(UNK)(UNK)(UNK)(UNK)(UNK)(UNK)(UNK)(UNK)(UNK)(UNK)(UNK)(UNK)(UNK)(UNK)
(UNK)(UNK)(UNK)(UNK)(UNK)(UNK)(UNK)(UNK)(UNK)(UNK)(UNK)(UNK)(UNK)(UNK)(UNK)(UNK)
(UNK)(UNK)(UNK)(UNK)(UNK)(UNK)(UNK)(UNK)(UNK)(UNK)(UNK)(UNK)(UNK)(UNK)(UNK)(UNK)
(UNK)(UNK)(UNK)(UNK)(UNK)(UNK)(UNK)(UNK)(UNK)(UNK)(UNK)(UNK)(UNK)(UNK)(UNK)(UNK)
(UNK)(UNK)(UNK)(UNK)(UNK)(UNK)(UNK)(UNK)(UNK)(UNK)(UNK)(UNK)(UNK)(UNK)(UNK)(UNK)
(UNK)(UNK)(UNK)(UNK)(UNK)(UNK)(UNK)(UNK)(UNK)(UNK)(UNK)(UNK)(UNK)(UNK)(UNK)(UNK)
(UNK)(UNK)(UNK)(UNK)(UNK)(UNK)(UNK)(UNK)(UNK)(UNK)(UNK)(UNK)(UNK)(UNK)(UNK)(UNK)
(UNK)(UNK)(UNK)
;
H
4 'polypeptide(L)'
;(UNK)(UNK)(UNK)(UNK)(UNK)(UNK)(UNK)(UNK)(UNK)(UNK)(UNK)(UNK)(UNK)(UNK)(UNK)(UNK)
(UNK)(UNK)(UNK)(UNK)(UNK)(UNK)(UNK)(UNK)(UNK)(UNK)(UNK)(UNK)(UNK)(UNK)(UNK)(UNK)
(UNK)(UNK)(UNK)(UNK)(UNK)(UNK)(UNK)(UNK)(UNK)(UNK)(UNK)(UNK)(UNK)(UNK)(UNK)(UNK)
(UNK)(UNK)(UNK)(UNK)(UNK)(UNK)(UNK)(UNK)(UNK)(UNK)(UNK)(UNK)(UNK)(UNK)(UNK)(UNK)
(UNK)(UNK)(UNK)(UNK)(UNK)(UNK)(UNK)(UNK)(UNK)(UNK)(UNK)(UNK)(UNK)(UNK)(UNK)(UNK)
(UNK)(UNK)(UNK)(UNK)(UNK)(UNK)(UNK)(UNK)(UNK)(UNK)(UNK)(UNK)(UNK)(UNK)(UNK)(UNK)
(UNK)(UNK)(UNK)(UNK)(UNK)(UNK)(UNK)(UNK)(UNK)
;
L
#
loop_
_chem_comp.id
_chem_comp.type
_chem_comp.name
_chem_comp.formula
BMA D-saccharide, beta linking beta-D-mannopyranose 'C6 H12 O6'
MAN D-saccharide, alpha linking alpha-D-mannopyranose 'C6 H12 O6'
NAG D-saccharide, beta linking 2-acetamido-2-deoxy-beta-D-glucopyranose 'C8 H15 N O6'
#
# COMPACT_ATOMS: atom_id res chain seq x y z
N ASN A 1 -21.61 -14.73 51.63
CA ASN A 1 -20.22 -14.96 51.99
C ASN A 1 -19.29 -15.34 50.80
N LEU A 2 -19.78 -15.21 49.55
CA LEU A 2 -19.06 -15.50 48.31
C LEU A 2 -18.74 -14.22 47.61
N TRP A 3 -17.67 -14.24 46.85
CA TRP A 3 -17.15 -13.08 46.17
C TRP A 3 -16.99 -13.31 44.69
N VAL A 4 -17.08 -12.24 43.93
CA VAL A 4 -16.92 -12.34 42.49
C VAL A 4 -15.45 -12.57 42.14
N THR A 5 -15.16 -13.58 41.33
CA THR A 5 -13.82 -13.78 40.83
C THR A 5 -13.84 -13.74 39.33
N VAL A 6 -12.92 -12.98 38.79
CA VAL A 6 -12.81 -12.76 37.36
C VAL A 6 -11.83 -13.73 36.75
N TYR A 7 -12.24 -14.40 35.70
CA TYR A 7 -11.37 -15.34 35.01
C TYR A 7 -11.20 -14.96 33.56
N TYR A 8 -9.96 -14.98 33.10
CA TYR A 8 -9.69 -14.65 31.71
C TYR A 8 -9.02 -15.81 31.02
N GLY A 9 -9.57 -16.19 29.89
CA GLY A 9 -9.09 -17.34 29.13
C GLY A 9 -10.09 -18.47 29.29
N VAL A 10 -11.33 -18.13 29.59
CA VAL A 10 -12.40 -19.08 29.79
C VAL A 10 -12.88 -19.66 28.46
N PRO A 11 -12.98 -21.00 28.30
CA PRO A 11 -13.35 -21.66 27.07
C PRO A 11 -14.82 -21.64 26.70
N VAL A 12 -15.33 -20.46 26.40
CA VAL A 12 -16.70 -20.27 25.97
C VAL A 12 -16.80 -19.48 24.70
N TRP A 13 -17.93 -19.56 24.02
CA TRP A 13 -18.13 -18.86 22.78
C TRP A 13 -19.58 -18.54 22.44
N LYS A 14 -19.73 -17.67 21.45
CA LYS A 14 -21.03 -17.28 20.89
C LYS A 14 -21.05 -17.38 19.38
N ASP A 15 -22.23 -17.60 18.81
CA ASP A 15 -22.34 -17.60 17.35
C ASP A 15 -21.92 -16.26 16.82
N ALA A 16 -21.19 -16.24 15.71
CA ALA A 16 -20.79 -14.94 15.20
C ALA A 16 -20.60 -14.90 13.71
N GLU A 17 -20.74 -13.72 13.16
CA GLU A 17 -20.50 -13.51 11.75
C GLU A 17 -19.30 -12.62 11.55
N THR A 18 -18.23 -13.20 11.05
CA THR A 18 -17.03 -12.42 10.83
C THR A 18 -16.51 -12.70 9.47
N THR A 19 -15.46 -12.01 9.11
CA THR A 19 -14.81 -12.15 7.83
C THR A 19 -13.86 -13.31 7.85
N LEU A 20 -13.96 -14.20 6.90
CA LEU A 20 -13.03 -15.31 6.82
C LEU A 20 -12.06 -15.03 5.72
N PHE A 21 -10.87 -15.58 5.81
CA PHE A 21 -9.93 -15.36 4.74
C PHE A 21 -9.58 -16.68 4.07
N CYS A 22 -9.08 -16.60 2.82
CA CYS A 22 -8.66 -17.71 1.97
C CYS A 22 -7.22 -18.11 2.24
N ALA A 23 -7.03 -19.41 2.29
CA ALA A 23 -5.74 -20.04 2.40
C ALA A 23 -5.65 -21.13 1.32
N SER A 24 -4.43 -21.43 0.86
CA SER A 24 -4.26 -22.46 -0.18
C SER A 24 -2.97 -23.24 -0.04
N ASP A 25 -2.91 -24.43 -0.60
CA ASP A 25 -1.68 -25.22 -0.54
C ASP A 25 -0.56 -24.58 -1.37
N ALA A 26 0.69 -24.69 -0.89
CA ALA A 26 1.90 -24.20 -1.56
C ALA A 26 2.28 -25.13 -2.73
N HIS A 34 -2.07 -20.26 -14.95
CA HIS A 34 -2.80 -19.47 -13.98
C HIS A 34 -4.17 -20.12 -13.70
N ASN A 35 -4.98 -19.52 -12.80
CA ASN A 35 -6.31 -19.97 -12.40
C ASN A 35 -7.16 -18.77 -12.11
N VAL A 36 -8.41 -18.99 -11.76
CA VAL A 36 -9.32 -17.88 -11.56
C VAL A 36 -9.70 -17.69 -10.11
N TRP A 37 -8.90 -18.26 -9.22
CA TRP A 37 -9.20 -18.34 -7.78
C TRP A 37 -8.13 -17.55 -7.01
N ALA A 38 -7.27 -16.84 -7.74
CA ALA A 38 -6.16 -16.13 -7.15
C ALA A 38 -5.54 -16.98 -6.08
N THR A 39 -5.22 -18.21 -6.40
CA THR A 39 -4.72 -19.06 -5.34
C THR A 39 -3.37 -18.62 -4.82
N HIS A 40 -2.67 -17.76 -5.57
CA HIS A 40 -1.39 -17.21 -5.15
C HIS A 40 -1.58 -16.05 -4.19
N ALA A 41 -2.79 -15.49 -4.18
CA ALA A 41 -3.12 -14.37 -3.31
C ALA A 41 -3.54 -14.85 -1.89
N CYS A 42 -4.06 -16.10 -1.79
CA CYS A 42 -4.50 -16.80 -0.59
C CYS A 42 -3.27 -17.13 0.28
N VAL A 43 -3.50 -17.17 1.58
CA VAL A 43 -2.44 -17.44 2.53
C VAL A 43 -1.98 -18.90 2.46
N PRO A 44 -0.69 -19.20 2.33
CA PRO A 44 -0.21 -20.56 2.29
C PRO A 44 -0.68 -21.30 3.54
N THR A 45 -1.12 -22.54 3.36
CA THR A 45 -1.62 -23.36 4.43
C THR A 45 -0.61 -24.03 5.32
N ASP A 46 -1.16 -24.48 6.45
CA ASP A 46 -0.51 -25.25 7.47
C ASP A 46 -0.41 -26.69 7.00
N PRO A 47 0.76 -27.29 6.82
CA PRO A 47 0.92 -28.66 6.36
C PRO A 47 0.38 -29.67 7.37
N ASN A 48 0.21 -29.25 8.64
CA ASN A 48 -0.30 -30.14 9.67
C ASN A 48 -1.37 -29.48 10.55
N PRO A 49 -2.58 -29.23 10.03
CA PRO A 49 -3.66 -28.54 10.70
C PRO A 49 -4.04 -29.31 11.92
N GLN A 50 -4.50 -28.61 12.95
CA GLN A 50 -4.93 -29.30 14.14
C GLN A 50 -6.42 -29.41 14.18
N GLU A 51 -6.89 -30.42 14.89
CA GLU A 51 -8.29 -30.62 15.15
C GLU A 51 -8.44 -31.06 16.58
N ILE A 52 -9.21 -30.32 17.35
CA ILE A 52 -9.36 -30.64 18.75
C ILE A 52 -10.72 -31.18 19.09
N HIS A 53 -10.78 -32.39 19.56
CA HIS A 53 -12.08 -32.99 19.86
C HIS A 53 -12.63 -32.43 21.15
N LEU A 54 -13.91 -32.07 21.17
CA LEU A 54 -14.49 -31.56 22.39
C LEU A 54 -15.34 -32.67 23.01
N GLU A 55 -14.81 -33.35 24.03
CA GLU A 55 -15.44 -34.58 24.48
C GLU A 55 -16.87 -34.53 25.01
N ASN A 56 -17.27 -33.45 25.72
CA ASN A 56 -18.60 -33.31 26.31
C ASN A 56 -19.37 -32.10 25.75
N VAL A 57 -19.09 -31.67 24.49
CA VAL A 57 -19.75 -30.53 23.89
C VAL A 57 -20.76 -30.91 22.86
N THR A 58 -21.97 -30.43 23.05
CA THR A 58 -23.05 -30.64 22.11
C THR A 58 -23.32 -29.27 21.60
N GLU A 59 -23.39 -29.13 20.30
CA GLU A 59 -23.59 -27.83 19.70
C GLU A 59 -24.70 -27.86 18.68
N GLU A 60 -25.34 -26.74 18.46
CA GLU A 60 -26.40 -26.68 17.47
C GLU A 60 -25.97 -26.01 16.17
N PHE A 61 -26.16 -26.74 15.08
CA PHE A 61 -25.79 -26.27 13.75
C PHE A 61 -27.01 -26.03 12.91
N ASN A 62 -26.92 -25.08 11.98
CA ASN A 62 -28.00 -24.84 11.04
C ASN A 62 -27.42 -24.42 9.71
N MET A 63 -27.31 -25.36 8.80
CA MET A 63 -26.66 -25.14 7.51
C MET A 63 -27.40 -24.15 6.64
N TRP A 64 -28.65 -23.86 6.94
CA TRP A 64 -29.40 -22.98 6.06
C TRP A 64 -29.25 -21.53 6.48
N LYS A 65 -28.56 -21.31 7.59
CA LYS A 65 -28.32 -19.99 8.16
C LYS A 65 -26.82 -19.76 8.27
N ASN A 66 -26.06 -20.55 7.54
CA ASN A 66 -24.62 -20.50 7.61
C ASN A 66 -24.05 -19.39 6.76
N ASN A 67 -23.50 -18.37 7.38
CA ASN A 67 -23.01 -17.20 6.66
C ASN A 67 -21.69 -17.46 5.96
N MET A 68 -21.13 -18.64 6.15
CA MET A 68 -19.92 -18.97 5.47
C MET A 68 -20.24 -19.18 4.01
N VAL A 69 -21.49 -19.55 3.72
CA VAL A 69 -21.92 -19.82 2.37
C VAL A 69 -22.01 -18.53 1.61
N GLU A 70 -22.55 -17.50 2.24
CA GLU A 70 -22.66 -16.23 1.59
C GLU A 70 -21.30 -15.67 1.30
N GLN A 71 -20.34 -15.85 2.20
CA GLN A 71 -19.03 -15.35 1.87
C GLN A 71 -18.41 -16.16 0.76
N MET A 72 -18.58 -17.47 0.75
CA MET A 72 -17.95 -18.21 -0.31
C MET A 72 -18.51 -17.78 -1.64
N HIS A 73 -19.80 -17.51 -1.70
CA HIS A 73 -20.43 -17.08 -2.92
C HIS A 73 -19.84 -15.77 -3.40
N GLU A 74 -19.73 -14.80 -2.51
CA GLU A 74 -19.19 -13.52 -2.91
C GLU A 74 -17.72 -13.60 -3.29
N ASP A 75 -16.94 -14.43 -2.61
CA ASP A 75 -15.54 -14.52 -2.95
C ASP A 75 -15.36 -15.11 -4.31
N ILE A 76 -16.15 -16.12 -4.64
CA ILE A 76 -16.02 -16.73 -5.94
C ILE A 76 -16.40 -15.80 -7.04
N ILE A 77 -17.49 -15.07 -6.87
CA ILE A 77 -17.85 -14.16 -7.93
C ILE A 77 -16.81 -13.09 -8.09
N SER A 78 -16.32 -12.53 -6.98
CA SER A 78 -15.33 -11.49 -7.07
C SER A 78 -14.07 -11.97 -7.75
N LEU A 79 -13.59 -13.15 -7.38
CA LEU A 79 -12.38 -13.67 -7.99
C LEU A 79 -12.58 -13.94 -9.45
N TRP A 80 -13.75 -14.46 -9.80
CA TRP A 80 -14.07 -14.73 -11.18
C TRP A 80 -13.95 -13.45 -11.98
N ASP A 81 -14.60 -12.38 -11.51
CA ASP A 81 -14.55 -11.15 -12.25
C ASP A 81 -13.16 -10.57 -12.31
N GLN A 82 -12.37 -10.72 -11.27
CA GLN A 82 -11.04 -10.16 -11.32
C GLN A 82 -10.21 -10.81 -12.39
N SER A 83 -10.42 -12.10 -12.63
CA SER A 83 -9.61 -12.81 -13.61
C SER A 83 -9.87 -12.33 -15.03
N LEU A 84 -10.97 -11.62 -15.27
CA LEU A 84 -11.28 -11.16 -16.60
C LEU A 84 -10.85 -9.72 -16.82
N LYS A 85 -10.38 -9.05 -15.78
CA LYS A 85 -10.05 -7.64 -15.96
C LYS A 85 -9.09 -7.32 -17.09
N PRO A 86 -7.96 -8.04 -17.26
CA PRO A 86 -6.97 -7.75 -18.27
C PRO A 86 -7.19 -8.41 -19.65
N CYS A 87 -8.33 -9.09 -19.89
CA CYS A 87 -8.53 -9.91 -21.07
C CYS A 87 -9.14 -9.08 -22.21
N VAL A 88 -9.08 -9.62 -23.41
CA VAL A 88 -9.58 -8.96 -24.63
C VAL A 88 -11.06 -8.65 -24.61
N LYS A 89 -11.43 -7.43 -25.01
CA LYS A 89 -12.83 -7.05 -25.02
C LYS A 89 -13.32 -7.20 -26.43
N LEU A 90 -14.13 -8.21 -26.68
CA LEU A 90 -14.51 -8.54 -28.03
C LEU A 90 -15.72 -7.81 -28.51
N THR A 91 -15.68 -6.50 -28.37
CA THR A 91 -16.76 -5.67 -28.84
C THR A 91 -16.80 -5.66 -30.35
N PRO A 92 -15.67 -5.74 -31.11
CA PRO A 92 -15.65 -5.78 -32.53
C PRO A 92 -16.37 -6.98 -33.12
N LEU A 93 -16.72 -8.00 -32.30
CA LEU A 93 -17.45 -9.13 -32.90
C LEU A 93 -18.94 -8.90 -33.07
N CYS A 94 -19.52 -7.81 -32.49
CA CYS A 94 -20.95 -7.59 -32.56
C CYS A 94 -21.28 -6.89 -33.88
N VAL A 95 -21.28 -7.70 -34.93
CA VAL A 95 -21.51 -7.32 -36.32
C VAL A 95 -22.51 -8.23 -36.94
N THR A 96 -23.01 -7.87 -38.11
CA THR A 96 -23.85 -8.82 -38.79
C THR A 96 -22.97 -9.93 -39.30
N LEU A 97 -23.36 -11.15 -39.04
CA LEU A 97 -22.66 -12.32 -39.49
C LEU A 97 -23.42 -12.91 -40.64
N GLN A 98 -22.73 -13.37 -41.66
CA GLN A 98 -23.38 -14.07 -42.77
C GLN A 98 -23.16 -15.55 -42.51
N CYS A 99 -24.23 -16.35 -42.23
CA CYS A 99 -24.05 -17.74 -41.80
C CYS A 99 -24.83 -18.74 -42.63
N THR A 100 -24.16 -19.84 -42.91
CA THR A 100 -24.75 -20.98 -43.57
C THR A 100 -24.52 -22.19 -42.68
N ASN A 101 -25.20 -23.32 -42.93
CA ASN A 101 -25.09 -24.56 -42.17
C ASN A 101 -23.76 -25.27 -42.46
N VAL A 102 -23.19 -25.96 -41.43
CA VAL A 102 -22.04 -26.85 -41.64
C VAL A 102 -22.64 -28.19 -41.99
N THR A 103 -22.49 -28.57 -43.25
CA THR A 103 -23.11 -29.78 -43.76
C THR A 103 -22.11 -30.80 -44.22
N ASN A 104 -20.85 -30.57 -43.92
CA ASN A 104 -19.83 -31.49 -44.39
C ASN A 104 -19.92 -32.92 -43.84
N ASN A 105 -20.36 -33.09 -42.57
CA ASN A 105 -20.47 -34.37 -41.88
C ASN A 105 -21.65 -34.34 -40.89
N ILE A 106 -22.81 -34.89 -41.28
CA ILE A 106 -24.03 -34.92 -40.46
C ILE A 106 -24.47 -36.32 -40.15
N THR A 107 -24.65 -36.54 -38.85
CA THR A 107 -25.08 -37.77 -38.23
C THR A 107 -26.54 -37.70 -37.81
N ASP A 108 -27.12 -36.56 -38.10
CA ASP A 108 -28.46 -36.09 -37.76
C ASP A 108 -28.64 -35.81 -36.28
N ASP A 109 -27.56 -35.88 -35.50
CA ASP A 109 -27.64 -35.46 -34.12
C ASP A 109 -27.19 -34.02 -34.06
N MET A 110 -26.30 -33.69 -34.99
CA MET A 110 -25.66 -32.39 -35.11
C MET A 110 -26.22 -31.52 -36.22
N ARG A 111 -27.35 -31.92 -36.78
CA ARG A 111 -27.88 -31.13 -37.85
C ARG A 111 -28.45 -29.85 -37.28
N GLY A 112 -27.93 -28.74 -37.73
CA GLY A 112 -28.37 -27.45 -37.22
C GLY A 112 -27.60 -27.02 -35.96
N GLU A 113 -26.61 -27.80 -35.54
CA GLU A 113 -25.87 -27.44 -34.33
C GLU A 113 -24.63 -26.62 -34.59
N LEU A 114 -24.15 -26.56 -35.82
CA LEU A 114 -23.00 -25.77 -36.15
C LEU A 114 -23.25 -24.96 -37.36
N LYS A 115 -22.84 -23.70 -37.28
CA LYS A 115 -22.94 -22.81 -38.40
C LYS A 115 -21.57 -22.26 -38.79
N ASN A 116 -21.37 -22.04 -40.09
CA ASN A 116 -20.20 -21.48 -40.73
C ASN A 116 -20.48 -20.01 -41.08
N CYS A 117 -19.92 -19.08 -40.27
CA CYS A 117 -20.19 -17.66 -40.35
C CYS A 117 -19.01 -16.88 -40.88
N SER A 118 -19.29 -15.81 -41.60
CA SER A 118 -18.22 -14.94 -42.06
C SER A 118 -18.56 -13.50 -41.77
N PHE A 119 -17.53 -12.72 -41.53
CA PHE A 119 -17.70 -11.32 -41.18
C PHE A 119 -16.47 -10.43 -41.42
N ASN A 120 -16.67 -9.09 -41.42
CA ASN A 120 -15.62 -8.07 -41.54
C ASN A 120 -15.15 -7.65 -40.13
N MET A 121 -13.98 -8.16 -39.71
CA MET A 121 -13.37 -7.97 -38.39
C MET A 121 -12.35 -6.85 -38.48
N THR A 122 -12.09 -6.19 -37.37
CA THR A 122 -11.08 -5.14 -37.35
C THR A 122 -9.72 -5.77 -37.40
N THR A 123 -8.71 -4.96 -37.67
CA THR A 123 -7.32 -5.39 -37.73
C THR A 123 -6.54 -4.51 -36.80
N GLU A 124 -5.24 -4.73 -36.71
CA GLU A 124 -4.44 -3.90 -35.83
C GLU A 124 -4.33 -2.46 -36.31
N LEU A 125 -4.65 -2.16 -37.56
CA LEU A 125 -4.58 -0.78 -38.01
C LEU A 125 -5.99 -0.25 -38.12
N ARG A 126 -6.20 0.99 -37.69
CA ARG A 126 -7.53 1.57 -37.71
C ARG A 126 -8.13 1.64 -39.11
N ASP A 127 -7.30 1.80 -40.14
CA ASP A 127 -7.81 1.91 -41.48
C ASP A 127 -7.93 0.59 -42.26
N LYS A 128 -7.72 -0.56 -41.63
CA LYS A 128 -7.84 -1.82 -42.36
C LYS A 128 -8.79 -2.83 -41.72
N LYS A 129 -9.45 -3.61 -42.58
CA LYS A 129 -10.38 -4.67 -42.21
C LYS A 129 -9.92 -6.02 -42.72
N GLN A 130 -10.41 -7.09 -42.12
CA GLN A 130 -10.10 -8.43 -42.61
C GLN A 130 -11.34 -9.30 -42.64
N LYS A 131 -11.40 -10.23 -43.59
CA LYS A 131 -12.55 -11.13 -43.61
C LYS A 131 -12.20 -12.41 -42.88
N VAL A 132 -13.08 -12.76 -41.99
CA VAL A 132 -12.93 -13.89 -41.10
C VAL A 132 -13.98 -14.93 -41.25
N TYR A 133 -13.58 -16.20 -41.19
CA TYR A 133 -14.54 -17.33 -41.25
C TYR A 133 -14.37 -18.18 -39.99
N SER A 134 -15.46 -18.37 -39.25
CA SER A 134 -15.40 -19.10 -37.98
C SER A 134 -16.61 -19.97 -37.76
N LEU A 135 -16.48 -20.98 -36.89
CA LEU A 135 -17.63 -21.80 -36.61
C LEU A 135 -18.23 -21.50 -35.26
N PHE A 136 -19.55 -21.51 -35.20
CA PHE A 136 -20.27 -21.28 -33.96
C PHE A 136 -21.23 -22.40 -33.63
N TYR A 137 -21.44 -22.64 -32.34
CA TYR A 137 -22.31 -23.72 -31.88
C TYR A 137 -23.78 -23.41 -31.72
N ARG A 138 -24.37 -22.71 -32.67
CA ARG A 138 -25.82 -22.46 -32.73
C ARG A 138 -26.48 -21.66 -31.62
N LEU A 139 -26.31 -22.05 -30.38
CA LEU A 139 -26.93 -21.43 -29.23
C LEU A 139 -26.40 -20.04 -28.99
N ASP A 140 -25.24 -19.75 -29.55
CA ASP A 140 -24.60 -18.46 -29.41
C ASP A 140 -25.00 -17.47 -30.50
N VAL A 141 -25.74 -17.93 -31.50
CA VAL A 141 -26.04 -17.09 -32.65
C VAL A 141 -27.55 -16.98 -32.91
N VAL A 142 -28.04 -15.76 -33.06
CA VAL A 142 -29.47 -15.54 -33.29
C VAL A 142 -29.74 -14.72 -34.54
N GLN A 143 -30.83 -15.01 -35.26
CA GLN A 143 -31.14 -14.27 -36.48
C GLN A 143 -31.53 -12.84 -36.21
N ILE A 144 -31.27 -11.96 -37.19
CA ILE A 144 -31.68 -10.56 -37.04
C ILE A 144 -32.82 -10.08 -37.97
N ASN A 145 -33.60 -11.01 -38.58
CA ASN A 145 -34.72 -10.72 -39.46
C ASN A 145 -35.70 -11.89 -39.39
N LYS A 157 -30.11 -15.50 -43.76
CA LYS A 157 -28.69 -15.78 -43.53
C LYS A 157 -27.97 -14.76 -42.61
N GLU A 158 -28.65 -13.69 -42.15
CA GLU A 158 -28.08 -12.65 -41.27
C GLU A 158 -28.37 -12.89 -39.81
N TYR A 159 -27.27 -13.01 -39.06
CA TYR A 159 -27.23 -13.33 -37.64
C TYR A 159 -26.37 -12.39 -36.81
N ARG A 160 -26.60 -12.39 -35.52
CA ARG A 160 -25.79 -11.65 -34.56
C ARG A 160 -25.47 -12.53 -33.39
N LEU A 161 -24.50 -12.16 -32.59
CA LEU A 161 -24.26 -12.97 -31.41
C LEU A 161 -25.33 -12.64 -30.39
N ILE A 162 -25.69 -13.61 -29.57
CA ILE A 162 -26.75 -13.39 -28.59
C ILE A 162 -26.52 -12.32 -27.56
N ASN A 163 -25.29 -11.99 -27.24
CA ASN A 163 -25.06 -10.95 -26.25
C ASN A 163 -25.18 -9.50 -26.76
N CYS A 164 -25.39 -9.26 -28.06
CA CYS A 164 -25.40 -7.90 -28.64
C CYS A 164 -26.43 -6.98 -28.05
N ASN A 165 -27.56 -7.46 -27.62
CA ASN A 165 -28.53 -6.52 -27.08
C ASN A 165 -28.51 -6.41 -25.54
N THR A 166 -27.58 -7.09 -24.81
CA THR A 166 -27.50 -7.05 -23.34
C THR A 166 -26.11 -6.82 -22.74
N SER A 167 -25.04 -7.23 -23.41
CA SER A 167 -23.75 -7.19 -22.75
C SER A 167 -22.50 -7.08 -23.60
N ALA A 168 -21.51 -6.35 -23.12
CA ALA A 168 -20.25 -6.41 -23.82
C ALA A 168 -19.64 -7.77 -23.52
N ILE A 169 -19.10 -8.41 -24.52
CA ILE A 169 -18.52 -9.73 -24.36
C ILE A 169 -17.02 -9.69 -24.16
N THR A 170 -16.55 -10.33 -23.09
CA THR A 170 -15.11 -10.36 -22.77
C THR A 170 -14.54 -11.75 -22.99
N GLN A 171 -13.41 -11.85 -23.67
CA GLN A 171 -12.80 -13.16 -23.92
C GLN A 171 -12.09 -13.62 -22.70
N ALA A 172 -12.29 -14.85 -22.31
CA ALA A 172 -11.52 -15.35 -21.19
C ALA A 172 -10.09 -15.50 -21.67
N CYS A 173 -9.09 -15.22 -20.82
CA CYS A 173 -7.67 -15.37 -21.14
C CYS A 173 -7.33 -16.88 -21.27
N PRO A 174 -6.72 -17.32 -22.39
CA PRO A 174 -6.42 -18.71 -22.70
C PRO A 174 -5.38 -19.34 -21.79
N LYS A 175 -4.65 -18.52 -21.08
CA LYS A 175 -3.60 -18.96 -20.19
C LYS A 175 -4.10 -19.24 -18.78
N VAL A 176 -5.37 -18.94 -18.52
CA VAL A 176 -5.93 -19.07 -17.20
C VAL A 176 -6.91 -20.23 -17.17
N SER A 177 -6.69 -21.19 -16.29
CA SER A 177 -7.53 -22.37 -16.19
C SER A 177 -8.76 -22.21 -15.31
N PHE A 178 -9.83 -22.90 -15.66
CA PHE A 178 -11.04 -22.89 -14.87
C PHE A 178 -11.18 -24.13 -14.02
N GLU A 179 -10.13 -24.92 -13.89
CA GLU A 179 -10.17 -26.12 -13.10
C GLU A 179 -10.12 -25.81 -11.60
N PRO A 180 -11.12 -26.20 -10.79
CA PRO A 180 -11.20 -25.93 -9.37
C PRO A 180 -10.00 -26.41 -8.62
N ILE A 181 -9.53 -25.57 -7.71
CA ILE A 181 -8.41 -25.82 -6.85
C ILE A 181 -8.94 -25.72 -5.45
N PRO A 182 -8.70 -26.66 -4.54
CA PRO A 182 -9.21 -26.60 -3.21
C PRO A 182 -8.77 -25.33 -2.53
N ILE A 183 -9.67 -24.71 -1.80
CA ILE A 183 -9.32 -23.53 -1.02
C ILE A 183 -9.75 -23.82 0.38
N HIS A 184 -9.18 -23.11 1.34
CA HIS A 184 -9.57 -23.34 2.70
C HIS A 184 -10.05 -22.05 3.30
N TYR A 185 -11.12 -22.08 4.06
CA TYR A 185 -11.52 -20.87 4.75
C TYR A 185 -10.95 -20.93 6.13
N CYS A 186 -10.37 -19.81 6.62
CA CYS A 186 -9.74 -19.73 7.93
C CYS A 186 -10.33 -18.59 8.74
N ALA A 187 -10.57 -18.88 10.00
CA ALA A 187 -11.09 -17.87 10.89
C ALA A 187 -9.93 -17.00 11.37
N PRO A 188 -10.14 -15.73 11.65
CA PRO A 188 -9.20 -14.81 12.22
C PRO A 188 -8.98 -15.07 13.67
N ALA A 189 -7.93 -14.49 14.21
CA ALA A 189 -7.66 -14.65 15.61
C ALA A 189 -8.83 -14.20 16.44
N GLY A 190 -9.12 -14.96 17.48
CA GLY A 190 -10.23 -14.64 18.37
C GLY A 190 -11.49 -15.41 18.01
N PHE A 191 -11.46 -16.07 16.85
CA PHE A 191 -12.54 -16.88 16.31
C PHE A 191 -12.11 -18.29 16.05
N ALA A 192 -13.08 -19.18 16.01
CA ALA A 192 -12.79 -20.57 15.72
C ALA A 192 -13.89 -21.18 14.90
N ILE A 193 -13.59 -22.26 14.19
CA ILE A 193 -14.61 -22.92 13.42
C ILE A 193 -14.93 -24.24 14.06
N LEU A 194 -16.18 -24.47 14.35
CA LEU A 194 -16.51 -25.73 14.93
C LEU A 194 -16.98 -26.62 13.82
N LYS A 195 -16.54 -27.86 13.84
CA LYS A 195 -16.88 -28.85 12.87
C LYS A 195 -17.75 -29.94 13.50
N CYS A 196 -18.81 -30.39 12.79
CA CYS A 196 -19.70 -31.46 13.21
C CYS A 196 -19.21 -32.79 12.63
N LYS A 197 -18.91 -33.72 13.52
CA LYS A 197 -18.37 -35.03 13.18
C LYS A 197 -19.41 -36.12 13.28
N ASP A 198 -20.63 -35.72 13.58
CA ASP A 198 -21.69 -36.68 13.77
C ASP A 198 -22.06 -37.27 12.42
N LYS A 199 -21.90 -38.56 12.29
CA LYS A 199 -22.17 -39.23 11.02
C LYS A 199 -23.65 -39.17 10.80
N LYS A 200 -24.09 -39.10 9.56
CA LYS A 200 -25.52 -39.05 9.28
C LYS A 200 -26.19 -37.80 9.88
N PHE A 201 -25.48 -36.69 9.84
CA PHE A 201 -26.02 -35.43 10.33
C PHE A 201 -26.70 -34.72 9.17
N ASN A 202 -27.98 -34.29 9.36
CA ASN A 202 -28.80 -33.68 8.32
C ASN A 202 -28.65 -32.14 8.19
N GLY A 203 -27.81 -31.50 9.03
CA GLY A 203 -27.53 -30.05 8.99
C GLY A 203 -28.36 -29.15 9.89
N THR A 204 -29.42 -29.63 10.52
CA THR A 204 -30.20 -28.71 11.37
C THR A 204 -30.56 -29.27 12.72
N GLY A 205 -29.80 -28.93 13.73
CA GLY A 205 -30.06 -29.45 15.06
C GLY A 205 -28.79 -29.74 15.81
N PRO A 206 -28.92 -30.31 17.01
CA PRO A 206 -27.84 -30.66 17.88
C PRO A 206 -26.94 -31.66 17.21
N CYS A 207 -25.64 -31.52 17.41
CA CYS A 207 -24.56 -32.36 16.93
C CYS A 207 -23.77 -32.78 18.17
N PRO A 208 -23.96 -34.01 18.65
CA PRO A 208 -23.31 -34.62 19.80
C PRO A 208 -21.80 -34.76 19.72
N SER A 209 -21.25 -34.69 18.52
CA SER A 209 -19.81 -34.85 18.42
C SER A 209 -19.21 -33.78 17.56
N VAL A 210 -18.47 -32.88 18.19
CA VAL A 210 -17.87 -31.75 17.49
C VAL A 210 -16.40 -31.61 17.82
N SER A 211 -15.71 -30.87 16.97
CA SER A 211 -14.31 -30.55 17.17
C SER A 211 -13.98 -29.17 16.69
N THR A 212 -12.87 -28.64 17.15
CA THR A 212 -12.48 -27.31 16.75
C THR A 212 -11.33 -27.31 15.77
N VAL A 213 -11.50 -26.55 14.70
CA VAL A 213 -10.46 -26.40 13.70
C VAL A 213 -10.27 -24.92 13.48
N GLN A 214 -9.14 -24.52 12.92
CA GLN A 214 -9.00 -23.10 12.58
C GLN A 214 -9.39 -22.80 11.12
N CYS A 215 -9.17 -23.80 10.20
CA CYS A 215 -9.42 -23.75 8.77
C CYS A 215 -10.26 -24.95 8.37
N THR A 216 -11.06 -24.78 7.33
CA THR A 216 -11.89 -25.83 6.78
C THR A 216 -11.04 -26.76 5.96
N HIS A 217 -11.64 -27.87 5.53
CA HIS A 217 -10.95 -28.80 4.66
C HIS A 217 -10.86 -28.10 3.34
N GLY A 218 -10.07 -28.63 2.43
CA GLY A 218 -10.04 -27.95 1.16
C GLY A 218 -11.34 -28.19 0.45
N ILE A 219 -11.92 -27.14 -0.08
CA ILE A 219 -13.16 -27.23 -0.81
C ILE A 219 -12.95 -26.82 -2.22
N LYS A 220 -13.32 -27.66 -3.14
CA LYS A 220 -13.16 -27.31 -4.53
C LYS A 220 -14.40 -26.57 -4.99
N PRO A 221 -14.29 -25.36 -5.54
CA PRO A 221 -15.38 -24.56 -6.03
C PRO A 221 -15.85 -25.08 -7.37
N VAL A 222 -16.41 -26.27 -7.36
CA VAL A 222 -16.88 -26.89 -8.59
C VAL A 222 -18.21 -26.28 -8.91
N VAL A 223 -18.40 -25.86 -10.14
CA VAL A 223 -19.65 -25.26 -10.52
C VAL A 223 -20.48 -26.16 -11.42
N SER A 224 -21.68 -26.51 -10.94
CA SER A 224 -22.57 -27.36 -11.71
C SER A 224 -24.02 -27.24 -11.28
N THR A 225 -24.91 -27.77 -12.08
CA THR A 225 -26.32 -27.83 -11.72
C THR A 225 -26.80 -29.26 -11.66
N GLN A 226 -27.86 -29.52 -10.92
CA GLN A 226 -28.52 -30.83 -10.83
C GLN A 226 -27.68 -31.95 -10.20
N LEU A 227 -26.56 -32.28 -10.82
CA LEU A 227 -25.65 -33.29 -10.32
C LEU A 227 -24.40 -32.57 -9.85
N LEU A 228 -24.08 -32.81 -8.58
CA LEU A 228 -22.97 -32.16 -7.94
C LEU A 228 -21.78 -33.05 -8.05
N LEU A 229 -20.75 -32.52 -8.67
CA LEU A 229 -19.58 -33.29 -8.95
C LEU A 229 -18.43 -33.02 -7.99
N ASN A 230 -17.58 -34.05 -7.78
CA ASN A 230 -16.31 -34.06 -7.07
C ASN A 230 -16.37 -33.50 -5.62
N GLY A 231 -17.45 -33.80 -4.87
CA GLY A 231 -17.63 -33.35 -3.48
C GLY A 231 -17.38 -34.47 -2.48
N SER A 232 -17.84 -34.24 -1.26
CA SER A 232 -17.69 -35.20 -0.19
C SER A 232 -18.80 -36.24 -0.23
N LEU A 233 -18.49 -37.44 0.19
CA LEU A 233 -19.46 -38.53 0.27
C LEU A 233 -20.01 -38.69 1.66
N ALA A 234 -21.20 -39.25 1.75
CA ALA A 234 -21.87 -39.53 3.01
C ALA A 234 -21.04 -40.56 3.74
N GLU A 235 -21.07 -40.54 5.06
CA GLU A 235 -20.25 -41.47 5.81
C GLU A 235 -20.71 -42.91 5.70
N GLU A 236 -22.02 -43.12 5.77
CA GLU A 236 -22.58 -44.47 5.74
C GLU A 236 -23.75 -44.68 4.81
N GLU A 237 -24.61 -43.68 4.68
CA GLU A 237 -25.84 -43.84 3.92
C GLU A 237 -26.23 -42.54 3.26
N VAL A 238 -27.08 -42.61 2.26
CA VAL A 238 -27.52 -41.40 1.60
C VAL A 238 -28.22 -40.47 2.58
N ILE A 239 -27.86 -39.20 2.55
CA ILE A 239 -28.47 -38.26 3.48
C ILE A 239 -29.34 -37.24 2.76
N ILE A 240 -30.59 -37.14 3.19
CA ILE A 240 -31.53 -36.21 2.59
C ILE A 240 -31.58 -34.94 3.41
N ARG A 241 -31.13 -33.82 2.87
CA ARG A 241 -31.10 -32.58 3.64
C ARG A 241 -31.98 -31.50 3.04
N SER A 242 -32.80 -30.90 3.86
CA SER A 242 -33.66 -29.81 3.41
C SER A 242 -34.00 -28.91 4.53
N GLU A 243 -34.18 -27.65 4.22
CA GLU A 243 -34.63 -26.68 5.21
C GLU A 243 -36.00 -27.05 5.78
N ASN A 244 -36.92 -27.57 4.93
CA ASN A 244 -38.29 -27.97 5.24
C ASN A 244 -38.73 -29.00 4.20
N ILE A 245 -38.93 -30.29 4.59
CA ILE A 245 -39.35 -31.37 3.65
C ILE A 245 -40.77 -31.18 3.13
N THR A 246 -41.68 -30.81 4.04
CA THR A 246 -43.08 -30.61 3.76
C THR A 246 -43.28 -29.50 2.74
N ASN A 247 -42.51 -28.44 2.84
CA ASN A 247 -42.63 -27.32 1.93
C ASN A 247 -41.91 -27.65 0.64
N ASN A 248 -42.65 -27.92 -0.42
CA ASN A 248 -42.07 -28.40 -1.65
C ASN A 248 -41.32 -27.33 -2.42
N ALA A 249 -41.37 -26.09 -1.95
CA ALA A 249 -40.69 -24.98 -2.58
C ALA A 249 -39.20 -25.02 -2.29
N LYS A 250 -38.79 -25.81 -1.31
CA LYS A 250 -37.40 -25.90 -0.93
C LYS A 250 -36.70 -26.95 -1.76
N ASN A 251 -35.42 -26.77 -1.99
CA ASN A 251 -34.68 -27.79 -2.73
C ASN A 251 -34.19 -28.83 -1.74
N ILE A 252 -34.04 -30.05 -2.22
CA ILE A 252 -33.52 -31.13 -1.41
C ILE A 252 -32.13 -31.48 -1.85
N LEU A 253 -31.20 -31.45 -0.94
CA LEU A 253 -29.84 -31.78 -1.27
C LEU A 253 -29.59 -33.19 -0.83
N VAL A 254 -29.24 -34.05 -1.77
CA VAL A 254 -29.03 -35.44 -1.45
C VAL A 254 -27.57 -35.78 -1.52
N GLN A 255 -27.00 -36.24 -0.42
CA GLN A 255 -25.59 -36.60 -0.43
C GLN A 255 -25.42 -38.08 -0.64
N LEU A 256 -24.64 -38.46 -1.64
CA LEU A 256 -24.53 -39.87 -1.92
C LEU A 256 -23.47 -40.56 -1.10
N ASN A 257 -23.70 -41.83 -0.82
CA ASN A 257 -22.77 -42.67 -0.07
C ASN A 257 -21.62 -43.19 -0.90
N THR A 258 -21.88 -43.44 -2.16
CA THR A 258 -20.85 -43.92 -3.05
C THR A 258 -20.92 -43.00 -4.24
N PRO A 259 -19.83 -42.75 -4.95
CA PRO A 259 -19.81 -41.94 -6.13
C PRO A 259 -20.39 -42.66 -7.31
N VAL A 260 -20.92 -41.93 -8.25
CA VAL A 260 -21.29 -42.52 -9.52
C VAL A 260 -20.36 -41.96 -10.57
N GLN A 261 -19.66 -42.80 -11.29
CA GLN A 261 -18.73 -42.29 -12.26
C GLN A 261 -19.43 -41.86 -13.52
N ILE A 262 -19.10 -40.66 -13.99
CA ILE A 262 -19.62 -40.14 -15.23
C ILE A 262 -18.45 -39.75 -16.17
N ASN A 263 -18.49 -40.25 -17.42
CA ASN A 263 -17.47 -40.03 -18.47
C ASN A 263 -18.02 -39.12 -19.57
N CYS A 264 -17.49 -37.90 -19.70
CA CYS A 264 -17.98 -36.90 -20.66
C CYS A 264 -16.96 -36.61 -21.74
N THR A 265 -17.46 -36.40 -22.94
CA THR A 265 -16.60 -36.10 -24.06
C THR A 265 -17.16 -35.13 -25.09
N ARG A 266 -16.21 -34.54 -25.81
CA ARG A 266 -16.43 -33.67 -26.92
C ARG A 266 -15.70 -34.34 -28.08
N PRO A 267 -16.34 -35.28 -28.79
CA PRO A 267 -15.77 -36.19 -29.76
C PRO A 267 -15.55 -35.58 -31.12
N ASN A 268 -14.80 -34.50 -31.14
CA ASN A 268 -14.48 -33.77 -32.35
C ASN A 268 -13.07 -33.24 -32.20
N ASN A 269 -12.25 -33.30 -33.28
CA ASN A 269 -10.90 -32.75 -33.29
C ASN A 269 -10.95 -31.34 -33.88
N ASN A 270 -10.99 -30.31 -32.99
CA ASN A 270 -11.16 -28.91 -33.41
C ASN A 270 -9.84 -28.21 -33.59
N THR A 271 -9.71 -27.53 -34.72
CA THR A 271 -8.52 -26.77 -35.04
C THR A 271 -8.80 -25.33 -34.72
N VAL A 272 -8.00 -24.77 -33.82
CA VAL A 272 -8.18 -23.41 -33.34
C VAL A 272 -7.23 -22.43 -33.98
N LYS A 273 -7.79 -21.34 -34.45
CA LYS A 273 -7.07 -20.28 -35.12
C LYS A 273 -7.07 -19.00 -34.31
N SER A 274 -6.14 -18.10 -34.61
CA SER A 274 -6.03 -16.83 -33.89
C SER A 274 -5.81 -15.61 -34.78
N ILE A 275 -6.67 -14.63 -34.58
CA ILE A 275 -6.66 -13.37 -35.32
C ILE A 275 -6.33 -12.13 -34.54
N ARG A 276 -5.37 -11.37 -35.03
CA ARG A 276 -5.04 -10.13 -34.36
C ARG A 276 -6.16 -9.15 -34.73
N ILE A 277 -6.79 -8.54 -33.73
CA ILE A 277 -7.92 -7.63 -33.96
C ILE A 277 -7.66 -6.20 -33.52
N GLY A 278 -6.56 -6.00 -32.82
CA GLY A 278 -6.21 -4.67 -32.37
C GLY A 278 -4.75 -4.70 -31.98
N PRO A 279 -4.15 -3.56 -31.59
CA PRO A 279 -2.75 -3.39 -31.24
C PRO A 279 -2.21 -4.41 -30.27
N GLY A 280 -3.00 -4.83 -29.31
CA GLY A 280 -2.52 -5.81 -28.36
C GLY A 280 -3.60 -6.83 -28.08
N GLN A 281 -4.44 -7.09 -29.07
CA GLN A 281 -5.53 -8.02 -28.84
C GLN A 281 -5.68 -9.06 -29.93
N ALA A 282 -6.05 -10.28 -29.53
CA ALA A 282 -6.30 -11.34 -30.47
C ALA A 282 -7.47 -12.18 -30.04
N PHE A 283 -8.19 -12.66 -31.03
CA PHE A 283 -9.37 -13.47 -30.90
C PHE A 283 -9.16 -14.92 -31.28
N TYR A 284 -9.66 -15.82 -30.44
CA TYR A 284 -9.53 -17.25 -30.73
C TYR A 284 -10.83 -17.88 -31.17
N TYR A 285 -10.76 -18.71 -32.18
CA TYR A 285 -11.97 -19.32 -32.68
C TYR A 285 -11.75 -20.65 -33.36
N THR A 286 -12.81 -21.42 -33.53
CA THR A 286 -12.66 -22.68 -34.22
C THR A 286 -12.61 -22.40 -35.68
N GLY A 287 -11.55 -22.89 -36.30
CA GLY A 287 -11.29 -22.72 -37.71
C GLY A 287 -11.99 -23.81 -38.48
N ASP A 288 -11.68 -25.05 -38.11
CA ASP A 288 -12.28 -26.18 -38.80
C ASP A 288 -12.36 -27.40 -37.90
N ILE A 289 -12.95 -28.47 -38.43
CA ILE A 289 -13.07 -29.73 -37.72
C ILE A 289 -12.48 -30.87 -38.53
N ILE A 290 -11.60 -31.61 -37.91
CA ILE A 290 -10.93 -32.74 -38.51
C ILE A 290 -11.66 -34.00 -38.14
N GLY A 291 -11.97 -34.80 -39.13
CA GLY A 291 -12.72 -36.02 -38.89
C GLY A 291 -14.18 -35.72 -39.04
N ASP A 292 -15.02 -36.60 -38.53
CA ASP A 292 -16.44 -36.44 -38.75
C ASP A 292 -16.94 -35.50 -37.68
N ILE A 293 -18.22 -35.17 -37.69
CA ILE A 293 -18.75 -34.31 -36.65
C ILE A 293 -19.70 -35.12 -35.81
N ARG A 294 -19.48 -35.15 -34.51
CA ARG A 294 -20.29 -35.94 -33.61
C ARG A 294 -20.81 -35.15 -32.41
N GLN A 295 -21.90 -35.63 -31.83
CA GLN A 295 -22.49 -34.97 -30.68
C GLN A 295 -21.78 -35.29 -29.39
N ALA A 296 -21.61 -34.26 -28.57
CA ALA A 296 -21.02 -34.38 -27.24
C ALA A 296 -21.94 -35.19 -26.38
N HIS A 297 -21.38 -35.95 -25.47
CA HIS A 297 -22.20 -36.79 -24.62
C HIS A 297 -21.50 -37.22 -23.31
N CYS A 298 -22.30 -37.72 -22.33
CA CYS A 298 -21.82 -38.29 -21.07
C CYS A 298 -22.38 -39.70 -20.83
N ASN A 299 -21.53 -40.59 -20.32
CA ASN A 299 -21.88 -41.96 -20.02
C ASN A 299 -21.94 -42.23 -18.50
N VAL A 300 -23.09 -42.79 -18.04
CA VAL A 300 -23.35 -43.22 -16.65
C VAL A 300 -23.73 -44.70 -16.67
N SER A 301 -23.09 -45.56 -15.89
CA SER A 301 -23.47 -46.98 -15.94
C SER A 301 -24.88 -47.21 -15.43
N LYS A 302 -25.69 -48.03 -16.13
CA LYS A 302 -27.06 -48.25 -15.64
C LYS A 302 -27.13 -48.92 -14.30
N ALA A 303 -26.27 -49.90 -14.06
CA ALA A 303 -26.37 -50.60 -12.80
C ALA A 303 -26.03 -49.71 -11.63
N THR A 304 -25.00 -48.90 -11.78
CA THR A 304 -24.60 -48.05 -10.69
C THR A 304 -25.68 -47.04 -10.45
N TRP A 305 -26.21 -46.47 -11.52
CA TRP A 305 -27.26 -45.48 -11.37
C TRP A 305 -28.52 -46.07 -10.72
N ASN A 306 -28.94 -47.32 -11.10
CA ASN A 306 -30.13 -47.99 -10.56
C ASN A 306 -29.98 -48.23 -9.05
N GLU A 307 -28.74 -48.62 -8.57
CA GLU A 307 -28.46 -48.81 -7.15
C GLU A 307 -28.52 -47.48 -6.43
N THR A 308 -28.02 -46.43 -7.09
CA THR A 308 -28.01 -45.12 -6.51
C THR A 308 -29.41 -44.63 -6.27
N LEU A 309 -30.29 -44.79 -7.26
CA LEU A 309 -31.62 -44.32 -6.99
C LEU A 309 -32.30 -45.21 -5.98
N GLY A 310 -32.05 -46.51 -5.98
CA GLY A 310 -32.75 -47.30 -4.98
C GLY A 310 -32.44 -46.79 -3.57
N LYS A 311 -31.19 -46.39 -3.32
CA LYS A 311 -30.81 -45.86 -2.01
C LYS A 311 -31.51 -44.54 -1.73
N VAL A 312 -31.62 -43.68 -2.74
CA VAL A 312 -32.27 -42.39 -2.56
C VAL A 312 -33.74 -42.58 -2.25
N VAL A 313 -34.38 -43.50 -2.95
CA VAL A 313 -35.79 -43.75 -2.75
C VAL A 313 -36.05 -44.26 -1.37
N LYS A 314 -35.24 -45.18 -0.89
CA LYS A 314 -35.42 -45.70 0.44
C LYS A 314 -35.38 -44.60 1.49
N GLN A 315 -34.42 -43.69 1.35
CA GLN A 315 -34.31 -42.61 2.31
C GLN A 315 -35.43 -41.60 2.17
N LEU A 316 -35.96 -41.41 0.97
CA LEU A 316 -37.10 -40.51 0.82
C LEU A 316 -38.32 -41.14 1.48
N ARG A 317 -38.50 -42.44 1.41
CA ARG A 317 -39.68 -43.06 2.04
C ARG A 317 -39.69 -42.80 3.53
N LYS A 318 -38.53 -42.70 4.14
CA LYS A 318 -38.49 -42.39 5.57
C LYS A 318 -39.14 -41.04 5.92
N HIS A 319 -39.26 -40.14 4.95
CA HIS A 319 -39.87 -38.84 5.17
C HIS A 319 -41.26 -38.75 4.55
N PHE A 320 -41.51 -39.53 3.48
CA PHE A 320 -42.76 -39.46 2.75
C PHE A 320 -43.76 -40.60 2.92
N GLY A 321 -43.37 -41.70 3.56
CA GLY A 321 -44.24 -42.87 3.79
C GLY A 321 -43.76 -44.14 3.10
N ASN A 322 -43.98 -45.29 3.76
CA ASN A 322 -43.52 -46.58 3.23
C ASN A 322 -44.50 -47.17 2.25
N ASN A 323 -45.58 -46.47 2.03
CA ASN A 323 -46.59 -46.85 1.09
C ASN A 323 -46.70 -45.75 0.05
N THR A 324 -45.67 -44.91 -0.02
CA THR A 324 -45.65 -43.81 -0.96
C THR A 324 -44.76 -44.16 -2.11
N ILE A 325 -45.26 -43.92 -3.29
CA ILE A 325 -44.55 -44.18 -4.51
C ILE A 325 -43.66 -43.01 -4.86
N ILE A 326 -42.41 -43.29 -5.15
CA ILE A 326 -41.50 -42.23 -5.50
C ILE A 326 -41.25 -42.25 -6.99
N ARG A 327 -41.57 -41.16 -7.64
CA ARG A 327 -41.41 -41.05 -9.07
C ARG A 327 -40.43 -39.97 -9.42
N PHE A 328 -39.60 -40.23 -10.40
CA PHE A 328 -38.65 -39.25 -10.86
C PHE A 328 -39.04 -38.81 -12.25
N ALA A 329 -38.82 -37.54 -12.52
CA ALA A 329 -39.13 -36.96 -13.81
C ALA A 329 -38.13 -35.89 -14.18
N GLN A 330 -38.06 -35.57 -15.46
CA GLN A 330 -37.17 -34.55 -16.00
C GLN A 330 -37.62 -33.15 -15.64
N SER A 331 -36.72 -32.17 -15.69
CA SER A 331 -37.10 -30.81 -15.35
C SER A 331 -38.21 -30.31 -16.23
N SER A 332 -39.13 -29.59 -15.61
CA SER A 332 -40.32 -29.05 -16.26
C SER A 332 -40.07 -27.92 -17.24
N GLY A 333 -38.90 -27.30 -17.17
CA GLY A 333 -38.62 -26.20 -18.06
C GLY A 333 -37.87 -25.07 -17.37
N GLY A 334 -37.41 -24.11 -18.17
CA GLY A 334 -36.63 -23.00 -17.67
C GLY A 334 -35.47 -22.74 -18.61
N ASP A 335 -34.52 -21.96 -18.17
CA ASP A 335 -33.35 -21.61 -18.96
C ASP A 335 -32.52 -22.87 -19.18
N LEU A 336 -31.73 -22.93 -20.26
CA LEU A 336 -30.93 -24.12 -20.51
C LEU A 336 -29.99 -24.36 -19.33
N GLU A 337 -29.53 -23.27 -18.74
CA GLU A 337 -28.64 -23.27 -17.59
C GLU A 337 -29.24 -23.93 -16.36
N VAL A 338 -30.55 -24.11 -16.35
CA VAL A 338 -31.29 -24.71 -15.25
C VAL A 338 -31.78 -26.11 -15.58
N THR A 339 -32.32 -26.30 -16.79
CA THR A 339 -32.92 -27.58 -17.16
C THR A 339 -31.91 -28.64 -17.50
N THR A 340 -30.70 -28.26 -17.84
CA THR A 340 -29.64 -29.22 -18.11
C THR A 340 -28.62 -29.22 -17.01
N HIS A 341 -27.72 -30.19 -17.11
CA HIS A 341 -26.59 -30.36 -16.24
C HIS A 341 -25.44 -29.56 -16.77
N SER A 342 -25.20 -28.43 -16.15
CA SER A 342 -24.13 -27.58 -16.59
C SER A 342 -22.86 -27.94 -15.88
N PHE A 343 -21.76 -27.97 -16.61
CA PHE A 343 -20.43 -28.20 -16.05
C PHE A 343 -19.34 -27.72 -17.01
N ASN A 344 -18.10 -27.70 -16.54
CA ASN A 344 -16.97 -27.31 -17.37
C ASN A 344 -15.83 -28.34 -17.37
N CYS A 345 -15.50 -28.91 -18.56
CA CYS A 345 -14.44 -29.91 -18.77
C CYS A 345 -13.50 -29.52 -19.88
N GLY A 346 -12.24 -29.42 -19.54
CA GLY A 346 -11.20 -29.11 -20.52
C GLY A 346 -11.22 -27.63 -20.83
N GLY A 347 -12.07 -26.92 -20.12
CA GLY A 347 -12.32 -25.52 -20.32
C GLY A 347 -13.62 -25.28 -21.11
N GLU A 348 -14.19 -26.32 -21.73
CA GLU A 348 -15.43 -26.15 -22.48
C GLU A 348 -16.66 -26.22 -21.59
N PHE A 349 -17.70 -25.48 -21.96
CA PHE A 349 -18.95 -25.48 -21.20
C PHE A 349 -20.04 -26.35 -21.81
N PHE A 350 -20.43 -27.37 -21.05
CA PHE A 350 -21.39 -28.39 -21.43
C PHE A 350 -22.73 -28.20 -20.75
N TYR A 351 -23.78 -28.50 -21.50
CA TYR A 351 -25.18 -28.48 -21.06
C TYR A 351 -25.87 -29.80 -21.41
N CYS A 352 -25.76 -30.82 -20.51
CA CYS A 352 -26.17 -32.21 -20.77
C CYS A 352 -27.60 -32.50 -20.31
N ASN A 353 -28.29 -33.26 -21.13
CA ASN A 353 -29.68 -33.60 -20.86
C ASN A 353 -29.78 -34.87 -19.98
N THR A 354 -30.35 -34.71 -18.76
CA THR A 354 -30.46 -35.70 -17.68
C THR A 354 -31.78 -36.44 -17.64
N SER A 355 -32.60 -36.33 -18.67
CA SER A 355 -33.87 -37.04 -18.70
C SER A 355 -33.64 -38.55 -18.71
N GLY A 356 -32.45 -38.95 -19.10
CA GLY A 356 -32.08 -40.35 -19.13
C GLY A 356 -31.79 -40.88 -17.72
N LEU A 357 -31.61 -39.99 -16.76
CA LEU A 357 -31.31 -40.38 -15.41
C LEU A 357 -32.53 -40.32 -14.51
N PHE A 358 -33.44 -39.39 -14.79
CA PHE A 358 -34.61 -39.21 -13.92
C PHE A 358 -35.93 -39.41 -14.65
N ASN A 359 -36.23 -40.68 -14.98
CA ASN A 359 -37.44 -41.09 -15.70
C ASN A 359 -37.82 -42.52 -15.28
N SER A 360 -38.41 -42.66 -14.06
CA SER A 360 -38.79 -43.98 -13.47
C SER A 360 -39.77 -43.88 -12.32
N THR A 361 -40.43 -45.00 -12.01
CA THR A 361 -41.32 -45.03 -10.84
C THR A 361 -40.95 -46.19 -9.92
N TRP A 362 -40.74 -45.87 -8.65
CA TRP A 362 -40.33 -46.84 -7.65
C TRP A 362 -41.46 -47.18 -6.66
N ILE A 363 -41.92 -48.41 -6.71
CA ILE A 363 -43.05 -48.82 -5.88
C ILE A 363 -42.64 -49.89 -4.85
N SER A 364 -42.99 -49.66 -3.55
CA SER A 364 -42.72 -50.53 -2.40
C SER A 364 -43.01 -52.01 -2.69
N SER A 376 -24.67 -54.60 -16.50
CA SER A 376 -23.27 -54.94 -16.62
C SER A 376 -22.74 -54.39 -17.96
N ASN A 377 -21.98 -53.25 -17.89
CA ASN A 377 -21.35 -52.48 -18.99
C ASN A 377 -22.35 -51.83 -19.96
N ASP A 378 -23.60 -51.80 -19.58
CA ASP A 378 -24.66 -51.18 -20.35
C ASP A 378 -24.87 -49.78 -19.80
N SER A 379 -24.42 -48.76 -20.53
CA SER A 379 -24.49 -47.38 -20.07
C SER A 379 -25.70 -46.58 -20.54
N ILE A 380 -25.91 -45.46 -19.87
CA ILE A 380 -26.91 -44.48 -20.16
C ILE A 380 -26.19 -43.37 -20.87
N THR A 381 -26.63 -43.01 -22.07
CA THR A 381 -25.94 -41.93 -22.75
C THR A 381 -26.77 -40.68 -22.71
N LEU A 382 -26.16 -39.63 -22.22
CA LEU A 382 -26.79 -38.33 -22.10
C LEU A 382 -26.25 -37.46 -23.22
N PRO A 383 -27.04 -36.94 -24.15
CA PRO A 383 -26.57 -36.09 -25.22
C PRO A 383 -26.25 -34.77 -24.55
N CYS A 384 -25.28 -34.00 -25.08
CA CYS A 384 -24.89 -32.69 -24.56
C CYS A 384 -24.79 -31.60 -25.63
N ARG A 385 -25.07 -30.37 -25.21
CA ARG A 385 -24.87 -29.20 -26.04
C ARG A 385 -23.70 -28.39 -25.53
N ILE A 386 -23.09 -27.59 -26.39
CA ILE A 386 -21.97 -26.74 -26.00
C ILE A 386 -22.21 -25.27 -26.32
N LYS A 387 -21.81 -24.38 -25.40
CA LYS A 387 -21.96 -22.94 -25.65
C LYS A 387 -20.64 -22.22 -25.46
N GLN A 388 -20.40 -21.17 -26.25
CA GLN A 388 -19.22 -20.36 -26.02
C GLN A 388 -19.54 -19.05 -25.31
N ILE A 389 -20.79 -18.57 -25.38
CA ILE A 389 -21.10 -17.33 -24.68
C ILE A 389 -21.81 -17.68 -23.40
N ILE A 390 -21.14 -17.36 -22.32
CA ILE A 390 -21.54 -17.77 -21.01
C ILE A 390 -21.97 -16.61 -20.13
N ASN A 391 -23.09 -16.78 -19.45
CA ASN A 391 -23.60 -15.77 -18.52
C ASN A 391 -23.73 -16.38 -17.14
N MET A 392 -22.68 -16.28 -16.35
CA MET A 392 -22.63 -16.93 -15.05
C MET A 392 -23.23 -16.14 -13.92
N TRP A 393 -23.53 -16.89 -12.86
CA TRP A 393 -24.00 -16.42 -11.57
C TRP A 393 -25.35 -15.73 -11.66
N GLN A 394 -26.06 -16.05 -12.72
CA GLN A 394 -27.38 -15.55 -13.07
C GLN A 394 -27.39 -14.04 -13.20
N ARG A 395 -26.29 -13.46 -13.63
CA ARG A 395 -26.23 -12.02 -13.82
C ARG A 395 -26.56 -11.66 -15.22
N ILE A 396 -27.01 -10.44 -15.42
CA ILE A 396 -27.27 -9.91 -16.74
C ILE A 396 -26.35 -8.75 -17.02
N GLY A 397 -25.72 -8.74 -18.18
CA GLY A 397 -24.86 -7.63 -18.54
C GLY A 397 -23.36 -7.93 -18.56
N GLN A 398 -22.94 -9.09 -18.08
CA GLN A 398 -21.52 -9.43 -18.07
C GLN A 398 -21.21 -10.79 -18.71
N ALA A 399 -21.32 -10.87 -20.04
CA ALA A 399 -21.10 -12.12 -20.77
C ALA A 399 -19.63 -12.41 -20.95
N MET A 400 -19.29 -13.69 -20.98
CA MET A 400 -17.93 -14.12 -21.24
C MET A 400 -17.84 -15.01 -22.46
N TYR A 401 -16.79 -14.86 -23.23
CA TYR A 401 -16.56 -15.72 -24.36
C TYR A 401 -15.51 -16.74 -24.02
N ALA A 402 -15.85 -17.99 -24.14
CA ALA A 402 -14.94 -19.05 -23.84
C ALA A 402 -14.21 -19.45 -25.11
N PRO A 403 -12.88 -19.32 -25.21
CA PRO A 403 -12.12 -19.67 -26.37
C PRO A 403 -12.35 -21.14 -26.54
N PRO A 404 -12.32 -21.66 -27.75
CA PRO A 404 -12.43 -23.04 -28.04
C PRO A 404 -11.17 -23.69 -27.58
N ILE A 405 -11.24 -24.94 -27.24
CA ILE A 405 -10.08 -25.66 -26.82
C ILE A 405 -9.60 -26.64 -27.89
N GLN A 406 -8.33 -26.51 -28.24
CA GLN A 406 -7.68 -27.29 -29.28
C GLN A 406 -7.66 -28.79 -29.03
N GLY A 407 -8.05 -29.56 -30.05
CA GLY A 407 -8.02 -31.01 -29.93
C GLY A 407 -9.36 -31.65 -29.57
N VAL A 408 -9.27 -32.79 -28.89
CA VAL A 408 -10.41 -33.66 -28.53
C VAL A 408 -10.48 -33.67 -27.02
N ILE A 409 -11.67 -33.49 -26.44
CA ILE A 409 -11.76 -33.39 -24.98
C ILE A 409 -12.50 -34.47 -24.25
N ARG A 410 -11.87 -34.98 -23.20
CA ARG A 410 -12.49 -35.98 -22.35
C ARG A 410 -12.18 -35.67 -20.88
N CYS A 411 -13.17 -35.93 -19.97
CA CYS A 411 -13.03 -35.79 -18.52
C CYS A 411 -13.82 -36.90 -17.83
N VAL A 412 -13.36 -37.27 -16.66
CA VAL A 412 -14.08 -38.22 -15.84
C VAL A 412 -14.26 -37.61 -14.47
N SER A 413 -15.47 -37.66 -13.97
CA SER A 413 -15.77 -37.07 -12.68
C SER A 413 -16.72 -37.94 -11.87
N ASN A 414 -16.83 -37.64 -10.55
CA ASN A 414 -17.69 -38.37 -9.61
C ASN A 414 -18.94 -37.56 -9.26
N ILE A 415 -20.14 -38.18 -9.34
CA ILE A 415 -21.40 -37.57 -8.90
C ILE A 415 -21.50 -37.93 -7.45
N THR A 416 -21.48 -36.94 -6.58
CA THR A 416 -21.46 -37.15 -5.14
C THR A 416 -22.69 -36.61 -4.45
N GLY A 417 -23.64 -36.16 -5.22
CA GLY A 417 -24.88 -35.63 -4.69
C GLY A 417 -25.79 -35.10 -5.77
N LEU A 418 -27.06 -35.00 -5.43
CA LEU A 418 -28.10 -34.56 -6.34
C LEU A 418 -28.89 -33.39 -5.79
N ILE A 419 -29.44 -32.55 -6.67
CA ILE A 419 -30.41 -31.58 -6.19
C ILE A 419 -31.77 -31.92 -6.74
N LEU A 420 -32.72 -32.16 -5.85
CA LEU A 420 -34.07 -32.51 -6.27
C LEU A 420 -35.10 -31.50 -5.80
N THR A 421 -36.17 -31.34 -6.55
CA THR A 421 -37.26 -30.50 -6.08
C THR A 421 -38.50 -31.35 -6.10
N ARG A 422 -39.58 -30.91 -5.47
CA ARG A 422 -40.78 -31.74 -5.45
C ARG A 422 -42.01 -31.02 -5.96
N ASP A 423 -42.86 -31.74 -6.69
CA ASP A 423 -44.10 -31.20 -7.20
C ASP A 423 -45.14 -31.14 -6.09
N GLY A 424 -45.68 -29.98 -5.81
CA GLY A 424 -46.65 -29.89 -4.73
C GLY A 424 -48.10 -29.95 -5.21
N GLY A 425 -49.02 -29.80 -4.27
CA GLY A 425 -50.47 -29.78 -4.56
C GLY A 425 -51.14 -31.15 -4.50
N SER A 426 -50.37 -32.22 -4.42
CA SER A 426 -50.90 -33.57 -4.41
C SER A 426 -51.34 -34.02 -3.03
N THR A 427 -52.37 -33.36 -2.51
CA THR A 427 -52.82 -33.53 -1.14
C THR A 427 -53.58 -34.82 -0.91
N ASN A 428 -54.02 -35.44 -1.98
CA ASN A 428 -54.76 -36.69 -1.90
C ASN A 428 -54.10 -37.80 -2.70
N SER A 429 -52.80 -37.69 -2.97
CA SER A 429 -52.17 -38.73 -3.77
C SER A 429 -51.22 -39.57 -2.95
N THR A 430 -50.89 -40.73 -3.50
CA THR A 430 -49.95 -41.66 -2.88
C THR A 430 -48.61 -41.68 -3.61
N THR A 431 -48.46 -40.82 -4.61
CA THR A 431 -47.24 -40.74 -5.38
C THR A 431 -46.67 -39.34 -5.34
N GLU A 432 -45.40 -39.24 -5.02
CA GLU A 432 -44.66 -37.99 -4.98
C GLU A 432 -43.74 -37.92 -6.20
N THR A 433 -43.58 -36.75 -6.79
CA THR A 433 -42.69 -36.61 -7.94
C THR A 433 -41.55 -35.67 -7.66
N PHE A 434 -40.35 -36.16 -7.96
CA PHE A 434 -39.13 -35.43 -7.76
C PHE A 434 -38.47 -35.11 -9.10
N ARG A 435 -37.91 -33.92 -9.21
CA ARG A 435 -37.27 -33.50 -10.45
C ARG A 435 -35.89 -32.94 -10.17
N PRO A 436 -34.95 -33.03 -11.11
CA PRO A 436 -33.62 -32.53 -11.02
C PRO A 436 -33.53 -31.04 -11.22
N GLY A 437 -33.92 -30.28 -10.20
CA GLY A 437 -33.89 -28.82 -10.29
C GLY A 437 -32.51 -28.27 -9.89
N GLY A 438 -32.40 -26.95 -9.72
CA GLY A 438 -31.10 -26.37 -9.37
C GLY A 438 -30.92 -24.99 -9.98
N GLY A 439 -29.65 -24.56 -10.10
CA GLY A 439 -29.27 -23.26 -10.67
C GLY A 439 -28.81 -22.20 -9.68
N ASP A 440 -29.14 -22.35 -8.40
CA ASP A 440 -28.70 -21.40 -7.39
C ASP A 440 -27.42 -21.93 -6.80
N MET A 441 -26.33 -21.27 -7.10
CA MET A 441 -25.03 -21.75 -6.74
C MET A 441 -24.75 -21.90 -5.28
N ARG A 442 -25.49 -21.21 -4.44
CA ARG A 442 -25.23 -21.31 -3.03
C ARG A 442 -25.58 -22.68 -2.52
N ASP A 443 -26.39 -23.43 -3.26
CA ASP A 443 -26.75 -24.76 -2.84
C ASP A 443 -25.58 -25.69 -3.02
N ASN A 444 -24.66 -25.40 -3.94
CA ASN A 444 -23.55 -26.31 -4.07
C ASN A 444 -22.58 -26.04 -2.96
N TRP A 445 -22.32 -24.76 -2.72
CA TRP A 445 -21.39 -24.33 -1.65
C TRP A 445 -21.85 -24.96 -0.33
N ARG A 446 -23.15 -24.85 -0.07
CA ARG A 446 -23.74 -25.22 1.19
C ARG A 446 -23.66 -26.73 1.39
N SER A 447 -23.30 -27.47 0.35
CA SER A 447 -23.25 -28.91 0.42
C SER A 447 -21.90 -29.36 0.96
N GLU A 448 -20.94 -28.44 1.06
CA GLU A 448 -19.65 -28.76 1.66
C GLU A 448 -19.59 -28.05 2.99
N LEU A 449 -20.07 -26.81 3.02
CA LEU A 449 -20.07 -26.02 4.23
C LEU A 449 -21.33 -26.26 5.02
N TYR A 450 -21.56 -27.50 5.42
CA TYR A 450 -22.75 -27.80 6.21
C TYR A 450 -22.36 -28.26 7.58
N LYS A 451 -21.11 -28.67 7.73
CA LYS A 451 -20.64 -29.20 8.97
C LYS A 451 -19.89 -28.15 9.75
N TYR A 452 -19.82 -26.93 9.22
CA TYR A 452 -19.04 -25.92 9.90
C TYR A 452 -19.84 -24.71 10.35
N LYS A 453 -19.45 -24.17 11.49
CA LYS A 453 -20.00 -22.89 11.94
C LYS A 453 -18.91 -22.05 12.56
N VAL A 454 -19.05 -20.73 12.48
CA VAL A 454 -18.07 -19.84 13.06
C VAL A 454 -18.51 -19.28 14.39
N VAL A 455 -17.64 -19.39 15.40
CA VAL A 455 -17.96 -18.86 16.70
C VAL A 455 -16.89 -17.90 17.20
N LYS A 456 -17.32 -16.92 17.96
CA LYS A 456 -16.45 -15.93 18.58
C LYS A 456 -16.07 -16.40 19.94
N ILE A 457 -14.82 -16.32 20.27
CA ILE A 457 -14.39 -16.73 21.59
C ILE A 457 -14.59 -15.59 22.54
N GLU A 458 -15.20 -15.88 23.68
CA GLU A 458 -15.48 -14.87 24.70
C GLU A 458 -14.78 -15.24 25.99
N PRO A 459 -13.48 -14.96 26.12
CA PRO A 459 -12.61 -15.43 27.16
C PRO A 459 -12.81 -14.82 28.51
N LEU A 460 -13.59 -13.76 28.63
CA LEU A 460 -13.71 -13.13 29.92
C LEU A 460 -15.04 -13.46 30.58
N GLY A 461 -15.00 -13.84 31.86
CA GLY A 461 -16.24 -14.11 32.57
C GLY A 461 -16.04 -14.16 34.08
N VAL A 462 -17.14 -14.28 34.81
CA VAL A 462 -17.08 -14.29 36.27
C VAL A 462 -17.82 -15.44 36.88
N ALA A 463 -17.48 -15.78 38.12
CA ALA A 463 -18.15 -16.82 38.91
C ALA A 463 -17.87 -16.58 40.40
N PRO A 464 -18.76 -16.97 41.33
CA PRO A 464 -18.53 -16.87 42.76
C PRO A 464 -17.50 -17.84 43.27
N THR A 465 -16.66 -17.38 44.17
CA THR A 465 -15.68 -18.20 44.86
C THR A 465 -15.57 -17.73 46.30
N ARG A 466 -14.71 -18.37 47.07
CA ARG A 466 -14.46 -17.95 48.45
C ARG A 466 -13.28 -16.95 48.64
N CYS A 467 -12.66 -16.50 47.53
CA CYS A 467 -11.47 -15.65 47.46
C CYS A 467 -11.82 -14.17 47.41
N LYS A 468 -11.33 -13.40 48.36
CA LYS A 468 -11.66 -11.98 48.39
C LYS A 468 -10.44 -11.10 48.53
N ARG A 469 -10.32 -10.10 47.65
CA ARG A 469 -9.09 -9.26 47.53
C ARG A 469 -8.67 -8.77 48.92
N SER B 1 -2.72 -31.07 28.39
CA SER B 1 -2.66 -30.62 27.00
C SER B 1 -4.09 -30.28 26.48
N LEU B 2 -4.82 -31.28 25.96
CA LEU B 2 -6.20 -31.25 25.40
C LEU B 2 -6.30 -30.47 24.08
N GLY B 3 -5.90 -29.19 24.09
CA GLY B 3 -5.97 -28.35 22.89
C GLY B 3 -6.69 -27.04 23.14
N PHE B 4 -6.75 -26.18 22.13
CA PHE B 4 -7.32 -24.84 22.28
C PHE B 4 -8.68 -24.75 22.93
N LEU B 5 -9.66 -25.51 22.54
CA LEU B 5 -10.93 -25.44 23.28
C LEU B 5 -11.19 -26.77 23.92
N GLY B 6 -10.14 -27.52 24.17
CA GLY B 6 -10.29 -28.86 24.69
C GLY B 6 -11.04 -28.96 25.99
N ALA B 7 -10.95 -27.93 26.84
CA ALA B 7 -11.64 -27.94 28.11
C ALA B 7 -13.08 -27.50 27.98
N ALA B 8 -13.52 -27.13 26.80
CA ALA B 8 -14.90 -26.75 26.70
C ALA B 8 -15.66 -28.02 26.98
N GLY B 9 -16.68 -27.93 27.79
CA GLY B 9 -17.46 -29.13 28.09
C GLY B 9 -16.96 -29.79 29.38
N SER B 10 -15.78 -29.41 29.86
CA SER B 10 -15.25 -29.96 31.08
C SER B 10 -15.87 -29.13 32.18
N THR B 11 -15.85 -29.61 33.39
CA THR B 11 -16.44 -28.77 34.40
C THR B 11 -15.56 -27.59 34.67
N MET B 12 -16.14 -26.57 35.28
CA MET B 12 -15.46 -25.31 35.57
C MET B 12 -14.20 -25.52 36.39
N GLY B 13 -14.22 -26.45 37.31
CA GLY B 13 -13.06 -26.66 38.13
C GLY B 13 -11.84 -27.13 37.33
N ALA B 14 -12.05 -27.88 36.27
CA ALA B 14 -10.94 -28.36 35.48
C ALA B 14 -10.57 -27.36 34.43
N ALA B 15 -11.57 -26.69 33.91
CA ALA B 15 -11.36 -25.74 32.85
C ALA B 15 -10.56 -24.55 33.33
N SER B 16 -10.70 -24.20 34.60
CA SER B 16 -9.98 -23.07 35.16
C SER B 16 -8.49 -23.33 35.23
N MET B 17 -8.05 -24.56 35.05
CA MET B 17 -6.64 -24.87 35.10
C MET B 17 -5.94 -24.79 33.74
N THR B 18 -6.67 -24.47 32.68
CA THR B 18 -6.08 -24.43 31.34
C THR B 18 -6.18 -23.05 30.76
N LEU B 19 -6.31 -22.03 31.56
CA LEU B 19 -6.58 -20.72 30.99
C LEU B 19 -5.54 -20.22 30.01
N THR B 20 -4.28 -20.58 30.18
CA THR B 20 -3.24 -20.11 29.27
C THR B 20 -3.40 -20.73 27.89
N VAL B 21 -4.13 -21.82 27.80
CA VAL B 21 -4.36 -22.49 26.55
C VAL B 21 -5.21 -21.63 25.66
N GLN B 22 -6.20 -20.96 26.24
CA GLN B 22 -7.03 -20.16 25.38
C GLN B 22 -6.41 -18.79 25.23
N ALA B 23 -5.77 -18.28 26.27
CA ALA B 23 -5.22 -16.94 26.21
C ALA B 23 -4.16 -16.80 25.13
N ARG B 24 -3.36 -17.83 24.94
CA ARG B 24 -2.27 -17.79 23.98
C ARG B 24 -2.73 -17.89 22.55
N ASN B 25 -3.99 -18.21 22.33
CA ASN B 25 -4.50 -18.34 20.99
C ASN B 25 -5.40 -17.19 20.62
N LEU B 26 -5.41 -16.16 21.43
CA LEU B 26 -6.15 -14.97 21.12
C LEU B 26 -5.09 -14.14 20.47
N LEU B 27 -5.45 -13.21 19.63
CA LEU B 27 -4.42 -12.38 19.01
C LEU B 27 -3.35 -13.22 18.23
N SER B 28 -3.74 -14.35 17.60
CA SER B 28 -2.85 -15.25 16.85
C SER B 28 -3.64 -16.04 15.82
N GLY B 54 -7.83 -8.34 -0.86
CA GLY B 54 -6.59 -8.18 -0.08
C GLY B 54 -6.84 -7.57 1.29
N ILE B 55 -7.84 -6.68 1.41
CA ILE B 55 -7.96 -5.91 2.62
C ILE B 55 -8.89 -6.66 3.53
N LYS B 56 -9.45 -7.76 3.05
CA LYS B 56 -10.29 -8.51 3.94
C LYS B 56 -9.46 -9.03 5.09
N GLN B 57 -8.25 -9.49 4.77
CA GLN B 57 -7.38 -9.99 5.80
C GLN B 57 -6.95 -8.85 6.69
N LEU B 58 -6.73 -7.68 6.11
CA LEU B 58 -6.28 -6.56 6.90
C LEU B 58 -7.37 -6.12 7.87
N GLN B 59 -8.61 -6.13 7.44
CA GLN B 59 -9.70 -5.76 8.32
C GLN B 59 -9.78 -6.75 9.45
N ALA B 60 -9.60 -8.03 9.13
CA ALA B 60 -9.67 -9.07 10.13
C ALA B 60 -8.56 -8.93 11.17
N ARG B 61 -7.37 -8.52 10.72
CA ARG B 61 -6.25 -8.35 11.64
C ARG B 61 -6.53 -7.20 12.58
N VAL B 62 -7.12 -6.14 12.07
CA VAL B 62 -7.44 -5.02 12.92
C VAL B 62 -8.47 -5.43 13.95
N LEU B 63 -9.49 -6.19 13.55
CA LEU B 63 -10.50 -6.58 14.52
C LEU B 63 -9.91 -7.44 15.61
N ALA B 64 -9.00 -8.34 15.29
CA ALA B 64 -8.45 -9.17 16.33
C ALA B 64 -7.79 -8.32 17.39
N VAL B 65 -7.11 -7.26 16.96
CA VAL B 65 -6.48 -6.38 17.89
C VAL B 65 -7.49 -5.64 18.71
N GLU B 66 -8.54 -5.12 18.07
CA GLU B 66 -9.51 -4.37 18.84
C GLU B 66 -10.22 -5.22 19.88
N HIS B 67 -10.52 -6.47 19.59
CA HIS B 67 -11.20 -7.26 20.57
C HIS B 67 -10.28 -7.58 21.72
N TYR B 68 -9.03 -7.87 21.42
CA TYR B 68 -8.06 -8.15 22.46
C TYR B 68 -7.98 -6.98 23.40
N LEU B 69 -7.83 -5.79 22.84
CA LEU B 69 -7.68 -4.63 23.67
C LEU B 69 -8.90 -4.29 24.48
N ARG B 70 -10.11 -4.50 23.97
CA ARG B 70 -11.26 -4.19 24.80
C ARG B 70 -11.26 -5.04 26.07
N ASP B 71 -10.89 -6.31 25.97
CA ASP B 71 -10.88 -7.12 27.18
C ASP B 71 -9.76 -6.69 28.11
N GLN B 72 -8.62 -6.32 27.56
CA GLN B 72 -7.54 -5.92 28.44
C GLN B 72 -7.84 -4.60 29.11
N GLN B 73 -8.51 -3.70 28.41
CA GLN B 73 -8.88 -2.41 28.93
C GLN B 73 -9.80 -2.58 30.09
N LEU B 74 -10.73 -3.50 29.95
CA LEU B 74 -11.69 -3.73 30.99
C LEU B 74 -11.03 -4.36 32.20
N LEU B 75 -10.11 -5.30 32.01
CA LEU B 75 -9.44 -5.86 33.17
C LEU B 75 -8.66 -4.78 33.87
N GLY B 76 -8.08 -3.87 33.11
CA GLY B 76 -7.32 -2.77 33.69
C GLY B 76 -8.20 -1.93 34.58
N ILE B 77 -9.37 -1.56 34.10
CA ILE B 77 -10.30 -0.75 34.86
C ILE B 77 -10.70 -1.43 36.15
N TRP B 78 -10.88 -2.74 36.12
CA TRP B 78 -11.25 -3.49 37.32
C TRP B 78 -10.08 -3.81 38.25
N GLY B 79 -8.85 -3.46 37.89
CA GLY B 79 -7.67 -3.79 38.71
C GLY B 79 -7.11 -5.22 38.55
N CYS B 80 -7.39 -5.90 37.41
CA CYS B 80 -7.01 -7.27 37.09
C CYS B 80 -6.10 -7.30 35.85
N SER B 81 -5.35 -6.24 35.62
CA SER B 81 -4.59 -6.11 34.38
C SER B 81 -3.53 -7.15 34.09
N GLY B 82 -2.94 -7.72 35.11
CA GLY B 82 -1.88 -8.71 34.89
C GLY B 82 -2.30 -10.12 35.23
N LYS B 83 -3.59 -10.37 35.42
CA LYS B 83 -3.94 -11.69 35.90
C LYS B 83 -4.89 -12.51 35.06
N LEU B 84 -4.72 -13.82 35.12
CA LEU B 84 -5.68 -14.74 34.51
C LEU B 84 -6.79 -15.01 35.51
N ILE B 85 -6.44 -15.11 36.77
CA ILE B 85 -7.41 -15.29 37.84
C ILE B 85 -7.29 -14.09 38.78
N CYS B 86 -8.38 -13.32 39.01
CA CYS B 86 -8.36 -12.11 39.82
C CYS B 86 -9.51 -12.05 40.81
N CYS B 87 -9.16 -11.91 42.08
CA CYS B 87 -10.15 -11.89 43.13
C CYS B 87 -10.46 -10.46 43.49
N THR B 88 -11.73 -10.09 43.50
CA THR B 88 -12.09 -8.72 43.81
C THR B 88 -12.81 -8.60 45.15
N ASN B 89 -13.30 -7.39 45.45
CA ASN B 89 -13.98 -7.04 46.70
C ASN B 89 -15.48 -6.90 46.55
N VAL B 90 -16.03 -7.37 45.45
CA VAL B 90 -17.46 -7.30 45.19
C VAL B 90 -18.09 -8.60 45.64
N PRO B 91 -19.05 -8.61 46.55
CA PRO B 91 -19.74 -9.77 47.06
C PRO B 91 -20.67 -10.30 46.01
N TRP B 92 -20.94 -11.58 46.06
CA TRP B 92 -21.87 -12.23 45.17
C TRP B 92 -23.30 -12.12 45.72
N ASN B 93 -24.25 -11.72 44.87
CA ASN B 93 -25.68 -11.61 45.14
C ASN B 93 -26.38 -12.90 44.70
N SER B 94 -27.16 -13.53 45.60
CA SER B 94 -27.89 -14.78 45.34
C SER B 94 -28.98 -14.59 44.29
N SER B 95 -29.33 -13.33 44.03
CA SER B 95 -30.31 -13.02 43.02
C SER B 95 -29.72 -13.22 41.64
N TRP B 96 -28.39 -13.24 41.52
CA TRP B 96 -27.75 -13.44 40.22
C TRP B 96 -27.80 -14.92 39.98
N SER B 97 -27.40 -15.66 41.01
CA SER B 97 -27.46 -17.12 40.94
C SER B 97 -27.38 -17.70 42.32
N ASN B 98 -28.43 -18.39 42.73
CA ASN B 98 -28.53 -18.98 44.05
C ASN B 98 -28.16 -20.43 44.02
N ARG B 99 -26.87 -20.72 44.04
CA ARG B 99 -26.41 -22.10 43.92
C ARG B 99 -25.31 -22.39 44.92
N ASN B 100 -25.16 -23.64 45.29
CA ASN B 100 -24.09 -24.06 46.17
C ASN B 100 -22.80 -24.03 45.37
N LEU B 101 -21.68 -23.72 45.99
CA LEU B 101 -20.47 -23.75 45.19
C LEU B 101 -20.21 -25.14 44.63
N SER B 102 -20.61 -26.17 45.35
CA SER B 102 -20.37 -27.54 44.91
C SER B 102 -21.15 -27.94 43.67
N GLU B 103 -22.14 -27.15 43.28
CA GLU B 103 -22.92 -27.45 42.09
C GLU B 103 -22.66 -26.44 40.98
N ILE B 104 -21.67 -25.56 41.20
CA ILE B 104 -21.25 -24.60 40.20
C ILE B 104 -19.93 -25.09 39.75
N TRP B 105 -19.04 -25.24 40.70
CA TRP B 105 -17.74 -25.72 40.39
C TRP B 105 -17.88 -27.22 40.44
N ASP B 106 -17.29 -27.88 39.49
CA ASP B 106 -17.26 -29.33 39.38
C ASP B 106 -18.58 -30.03 39.06
N ASN B 107 -19.64 -29.31 38.78
CA ASN B 107 -20.88 -29.95 38.35
C ASN B 107 -21.55 -29.17 37.23
N MET B 108 -20.80 -28.29 36.62
CA MET B 108 -21.29 -27.42 35.55
C MET B 108 -20.13 -27.03 34.68
N THR B 109 -20.38 -26.76 33.39
CA THR B 109 -19.34 -26.30 32.47
C THR B 109 -19.37 -24.80 32.35
N TRP B 110 -18.34 -24.19 31.74
CA TRP B 110 -18.38 -22.74 31.61
C TRP B 110 -19.43 -22.28 30.61
N LEU B 111 -19.73 -23.09 29.61
CA LEU B 111 -20.75 -22.68 28.66
C LEU B 111 -22.10 -22.60 29.35
N GLN B 112 -22.37 -23.56 30.23
CA GLN B 112 -23.65 -23.56 30.93
C GLN B 112 -23.75 -22.41 31.88
N TRP B 113 -22.66 -22.12 32.58
CA TRP B 113 -22.63 -21.03 33.52
C TRP B 113 -22.82 -19.70 32.81
N ASP B 114 -22.15 -19.53 31.67
CA ASP B 114 -22.24 -18.28 30.96
C ASP B 114 -23.66 -18.02 30.53
N LYS B 115 -24.39 -19.05 30.12
CA LYS B 115 -25.76 -18.82 29.76
C LYS B 115 -26.60 -18.47 30.99
N GLU B 116 -26.39 -19.17 32.10
CA GLU B 116 -27.21 -18.93 33.29
C GLU B 116 -27.17 -17.51 33.80
N ILE B 117 -26.01 -16.88 33.79
CA ILE B 117 -25.95 -15.53 34.32
C ILE B 117 -25.74 -14.45 33.28
N SER B 118 -26.08 -14.71 32.03
CA SER B 118 -25.83 -13.68 31.02
C SER B 118 -26.63 -12.41 31.30
N ASN B 119 -27.78 -12.57 31.93
CA ASN B 119 -28.66 -11.42 32.27
C ASN B 119 -27.91 -10.41 33.14
N TYR B 120 -26.99 -10.88 33.99
CA TYR B 120 -26.46 -10.07 35.06
C TYR B 120 -25.06 -9.54 34.76
N THR B 121 -24.51 -9.77 33.58
CA THR B 121 -23.12 -9.35 33.45
C THR B 121 -22.94 -7.86 33.36
N GLN B 122 -23.96 -7.12 32.99
CA GLN B 122 -23.77 -5.68 32.92
C GLN B 122 -23.96 -5.04 34.28
N ILE B 123 -24.38 -5.83 35.25
CA ILE B 123 -24.55 -5.33 36.59
C ILE B 123 -23.27 -5.62 37.31
N ILE B 124 -22.77 -6.82 37.13
CA ILE B 124 -21.58 -7.23 37.81
C ILE B 124 -20.44 -6.39 37.33
N TYR B 125 -20.34 -6.15 36.02
CA TYR B 125 -19.24 -5.35 35.54
C TYR B 125 -19.28 -3.96 36.12
N GLY B 126 -20.47 -3.38 36.25
CA GLY B 126 -20.57 -2.05 36.81
C GLY B 126 -20.06 -2.02 38.24
N LEU B 127 -20.38 -3.04 39.01
CA LEU B 127 -19.92 -3.11 40.38
C LEU B 127 -18.42 -3.26 40.46
N LEU B 128 -17.82 -4.02 39.55
CA LEU B 128 -16.39 -4.21 39.60
C LEU B 128 -15.67 -2.89 39.36
N GLU B 129 -16.18 -2.10 38.43
CA GLU B 129 -15.60 -0.80 38.15
C GLU B 129 -15.71 0.15 39.33
N GLU B 130 -16.86 0.15 39.99
CA GLU B 130 -17.05 1.04 41.10
C GLU B 130 -16.12 0.67 42.25
N SER B 131 -15.94 -0.62 42.47
CA SER B 131 -15.09 -1.07 43.54
C SER B 131 -13.67 -0.60 43.32
N GLN B 132 -13.16 -0.71 42.09
CA GLN B 132 -11.79 -0.27 41.87
C GLN B 132 -11.64 1.22 42.05
N ASN B 133 -12.63 2.03 41.65
CA ASN B 133 -12.42 3.45 41.84
C ASN B 133 -12.34 3.80 43.30
N GLN B 134 -13.16 3.15 44.12
CA GLN B 134 -13.10 3.47 45.53
C GLN B 134 -11.81 3.01 46.12
N GLN B 135 -11.33 1.85 45.68
CA GLN B 135 -10.10 1.34 46.20
C GLN B 135 -8.93 2.23 45.85
N GLU B 136 -8.87 2.75 44.62
CA GLU B 136 -7.71 3.57 44.32
C GLU B 136 -7.70 4.85 45.11
N LYS B 137 -8.86 5.45 45.34
CA LYS B 137 -8.84 6.65 46.13
C LYS B 137 -8.37 6.34 47.52
N ASN B 138 -8.82 5.22 48.09
CA ASN B 138 -8.40 4.94 49.44
C ASN B 138 -6.91 4.68 49.51
N GLU B 139 -6.33 4.05 48.49
CA GLU B 139 -4.89 3.80 48.52
C GLU B 139 -4.14 5.11 48.50
N GLN B 140 -4.61 6.07 47.70
CA GLN B 140 -3.96 7.35 47.61
C GLN B 140 -3.99 8.06 48.95
N ASP B 141 -5.11 8.00 49.65
CA ASP B 141 -5.17 8.69 50.93
C ASP B 141 -4.25 8.02 51.96
N LEU B 142 -4.17 6.71 51.95
CA LEU B 142 -3.31 6.07 52.92
C LEU B 142 -1.86 6.40 52.67
N LEU B 143 -1.45 6.48 51.42
CA LEU B 143 -0.07 6.84 51.14
C LEU B 143 0.21 8.24 51.60
N ALA B 144 -0.75 9.13 51.42
CA ALA B 144 -0.60 10.51 51.83
C ALA B 144 -0.39 10.69 53.35
N LEU B 145 -1.03 9.85 54.19
CA LEU B 145 -0.94 9.87 55.66
C LEU B 145 0.41 9.35 56.09
N UNK C 1 54.57 12.71 -16.43
CA UNK C 1 54.13 11.82 -15.37
C UNK C 1 54.12 12.60 -14.05
N UNK C 2 53.38 12.08 -13.05
CA UNK C 2 53.21 12.68 -11.72
C UNK C 2 54.52 12.76 -10.98
N UNK C 3 54.68 13.84 -10.24
CA UNK C 3 55.89 14.06 -9.47
C UNK C 3 55.58 14.82 -8.21
N UNK C 4 56.44 14.72 -7.23
CA UNK C 4 56.23 15.49 -6.03
C UNK C 4 57.55 15.84 -5.40
N UNK C 5 57.58 16.95 -4.66
CA UNK C 5 58.78 17.30 -3.94
C UNK C 5 58.47 18.01 -2.64
N UNK C 6 59.18 17.58 -1.62
CA UNK C 6 59.03 18.12 -0.29
C UNK C 6 59.98 19.26 0.00
N UNK C 7 59.56 20.13 0.89
CA UNK C 7 60.36 21.22 1.40
C UNK C 7 60.11 21.31 2.90
N UNK C 8 61.16 21.53 3.67
CA UNK C 8 61.02 21.60 5.11
C UNK C 8 62.21 22.29 5.76
N UNK C 9 62.04 22.73 6.99
CA UNK C 9 63.17 23.23 7.74
C UNK C 9 64.14 22.10 7.99
N UNK C 10 65.44 22.38 7.87
CA UNK C 10 66.47 21.38 8.09
C UNK C 10 66.49 20.80 9.49
N UNK C 11 66.17 21.61 10.49
CA UNK C 11 66.20 21.13 11.85
C UNK C 11 65.27 21.88 12.75
N UNK C 12 64.77 21.16 13.74
CA UNK C 12 63.97 21.73 14.79
C UNK C 12 64.69 21.55 16.11
N UNK C 13 64.47 22.45 17.03
CA UNK C 13 65.01 22.25 18.35
C UNK C 13 64.32 21.06 18.95
N UNK C 14 64.99 20.27 19.76
CA UNK C 14 64.25 19.20 20.35
C UNK C 14 63.22 19.87 21.22
N UNK C 15 62.01 19.33 21.22
CA UNK C 15 60.87 19.78 21.97
C UNK C 15 60.38 21.13 21.48
N UNK C 16 60.77 21.47 20.24
CA UNK C 16 60.26 22.64 19.56
C UNK C 16 58.79 22.46 19.36
N UNK C 17 58.39 21.21 19.18
CA UNK C 17 57.00 20.85 18.99
C UNK C 17 56.33 21.58 17.85
N UNK C 18 57.05 21.79 16.77
CA UNK C 18 56.48 22.48 15.64
C UNK C 18 57.08 21.95 14.38
N UNK C 19 56.96 20.65 14.14
CA UNK C 19 57.52 20.12 12.95
C UNK C 19 56.66 20.59 11.83
N UNK C 20 57.24 20.77 10.66
CA UNK C 20 56.42 21.11 9.55
C UNK C 20 57.12 20.72 8.29
N UNK C 21 56.33 20.33 7.31
CA UNK C 21 56.84 20.03 5.99
C UNK C 21 55.72 20.16 5.01
N UNK C 22 56.05 20.42 3.76
CA UNK C 22 55.02 20.45 2.75
C UNK C 22 55.55 19.97 1.44
N UNK C 23 54.66 19.45 0.61
CA UNK C 23 55.11 19.03 -0.70
C UNK C 23 54.16 19.48 -1.75
N UNK C 24 54.74 19.84 -2.87
CA UNK C 24 53.95 20.26 -4.01
C UNK C 24 53.83 19.13 -4.96
N UNK C 25 52.64 19.01 -5.52
CA UNK C 25 52.38 18.01 -6.52
C UNK C 25 52.61 18.61 -7.88
N UNK C 26 52.93 17.78 -8.84
CA UNK C 26 53.08 18.22 -10.20
C UNK C 26 52.54 17.17 -11.14
N UNK C 27 51.96 17.63 -12.24
CA UNK C 27 51.45 16.76 -13.28
C UNK C 27 50.44 15.74 -12.75
N UNK C 28 49.60 16.17 -11.82
CA UNK C 28 48.59 15.29 -11.27
C UNK C 28 47.46 16.06 -10.64
N UNK C 29 46.30 15.43 -10.59
CA UNK C 29 45.17 15.97 -9.86
C UNK C 29 45.28 15.54 -8.43
N UNK C 30 45.08 16.44 -7.47
CA UNK C 30 45.18 15.94 -6.09
C UNK C 30 43.92 15.15 -5.75
N UNK C 31 42.76 15.50 -6.30
CA UNK C 31 41.46 14.93 -5.86
C UNK C 31 41.28 13.42 -5.99
N UNK C 32 41.66 12.81 -7.09
CA UNK C 32 41.36 11.38 -7.27
C UNK C 32 42.08 10.48 -6.25
N UNK C 33 43.37 10.72 -5.98
CA UNK C 33 44.18 9.83 -5.11
C UNK C 33 44.25 10.33 -3.65
N UNK C 34 44.92 9.57 -2.76
CA UNK C 34 45.08 9.97 -1.34
C UNK C 34 46.54 10.32 -1.04
N UNK C 35 46.80 11.46 -0.40
CA UNK C 35 48.14 11.94 -0.24
C UNK C 35 48.66 11.28 0.98
N UNK C 36 49.95 11.04 1.06
CA UNK C 36 50.47 10.44 2.27
C UNK C 36 51.88 10.83 2.60
N UNK C 37 52.23 10.64 3.86
CA UNK C 37 53.58 10.88 4.30
C UNK C 37 54.05 9.71 5.13
N UNK C 38 55.33 9.40 4.99
CA UNK C 38 55.99 8.31 5.70
C UNK C 38 57.42 8.69 5.95
N UNK C 39 58.06 8.08 6.95
CA UNK C 39 59.45 8.41 7.19
C UNK C 39 60.25 7.28 7.76
N UNK C 40 61.53 7.25 7.42
CA UNK C 40 62.42 6.25 7.98
C UNK C 40 63.44 6.90 8.86
N UNK C 41 63.56 6.38 10.05
CA UNK C 41 64.54 6.90 10.97
C UNK C 41 65.86 6.47 10.39
N UNK C 42 66.95 7.11 10.74
CA UNK C 42 68.18 6.62 10.17
C UNK C 42 68.37 5.18 10.59
N UNK C 43 68.85 4.35 9.66
CA UNK C 43 69.09 2.92 9.94
C UNK C 43 67.85 2.24 10.51
N UNK C 44 66.72 2.46 9.86
CA UNK C 44 65.48 1.90 10.32
C UNK C 44 64.48 1.67 9.19
N UNK C 45 63.53 0.77 9.43
CA UNK C 45 62.46 0.50 8.50
C UNK C 45 61.57 1.72 8.41
N UNK C 46 60.98 1.92 7.25
CA UNK C 46 60.05 3.01 7.06
C UNK C 46 58.75 2.75 7.79
N UNK C 47 58.11 3.82 8.26
CA UNK C 47 56.80 3.72 8.86
C UNK C 47 55.88 4.81 8.34
N UNK C 48 54.61 4.49 8.19
CA UNK C 48 53.63 5.48 7.75
C UNK C 48 53.39 6.47 8.84
N UNK C 49 53.16 7.72 8.48
CA UNK C 49 52.81 8.71 9.48
C UNK C 49 51.36 9.14 9.34
N UNK C 50 50.93 9.44 8.11
CA UNK C 50 49.59 9.95 7.87
C UNK C 50 49.14 9.88 6.42
N UNK C 51 47.83 9.99 6.20
CA UNK C 51 47.29 10.10 4.85
C UNK C 51 45.99 10.89 4.83
N UNK C 52 45.67 11.47 3.68
CA UNK C 52 44.41 12.21 3.53
C UNK C 52 43.79 12.01 2.16
N UNK C 53 42.48 11.93 2.13
CA UNK C 53 41.74 11.72 0.91
C UNK C 53 41.58 13.05 0.26
N UNK C 54 42.19 13.26 -0.87
CA UNK C 54 42.21 14.58 -1.47
C UNK C 54 40.85 15.16 -1.83
N UNK C 55 39.91 14.35 -2.28
CA UNK C 55 38.63 14.93 -2.67
C UNK C 55 37.72 15.15 -1.46
N UNK C 56 37.78 14.23 -0.50
CA UNK C 56 36.92 14.28 0.67
C UNK C 56 37.48 15.09 1.83
N UNK C 57 38.79 15.24 1.87
CA UNK C 57 39.57 15.87 2.93
C UNK C 57 39.48 15.09 4.25
N UNK C 58 39.15 13.82 4.15
CA UNK C 58 39.11 12.91 5.28
C UNK C 58 40.54 12.54 5.59
N UNK C 59 40.83 12.14 6.81
CA UNK C 59 42.21 11.78 7.10
C UNK C 59 42.34 10.69 8.12
N UNK C 60 43.51 10.06 8.10
CA UNK C 60 43.88 8.98 9.01
C UNK C 60 45.32 9.14 9.40
N UNK C 61 45.71 8.59 10.56
CA UNK C 61 47.09 8.70 11.00
C UNK C 61 47.52 7.47 11.75
N UNK C 62 48.82 7.21 11.78
CA UNK C 62 49.30 6.05 12.48
C UNK C 62 48.84 6.17 13.90
N UNK C 63 48.31 5.10 14.45
CA UNK C 63 47.80 5.17 15.81
C UNK C 63 48.89 5.58 16.78
N UNK C 64 50.09 5.09 16.55
CA UNK C 64 51.21 5.31 17.44
C UNK C 64 51.53 6.76 17.70
N UNK C 65 51.32 7.62 16.72
CA UNK C 65 51.66 9.02 16.90
C UNK C 65 50.45 9.86 16.58
N UNK C 66 49.27 9.26 16.68
CA UNK C 66 48.07 9.97 16.30
C UNK C 66 47.88 11.21 17.14
N UNK C 67 48.27 11.15 18.40
CA UNK C 67 48.08 12.27 19.30
C UNK C 67 48.77 13.54 18.85
N UNK C 68 49.91 13.41 18.18
CA UNK C 68 50.67 14.56 17.75
C UNK C 68 50.56 14.79 16.27
N UNK C 69 49.75 14.00 15.60
CA UNK C 69 49.70 14.04 14.16
C UNK C 69 48.79 15.12 13.63
N UNK C 70 49.13 15.60 12.46
CA UNK C 70 48.29 16.52 11.74
C UNK C 70 48.65 16.42 10.27
N UNK C 71 47.65 16.58 9.42
CA UNK C 71 47.85 16.61 7.98
C UNK C 71 46.72 17.44 7.39
N UNK C 72 47.03 18.14 6.31
CA UNK C 72 46.04 18.98 5.63
C UNK C 72 46.44 19.19 4.20
N UNK C 73 45.50 19.62 3.36
CA UNK C 73 45.86 19.91 1.99
C UNK C 73 45.02 21.00 1.39
N UNK C 74 45.61 21.69 0.41
CA UNK C 74 44.93 22.72 -0.34
C UNK C 74 44.85 22.35 -1.79
N UNK C 75 43.64 22.00 -2.25
CA UNK C 75 43.49 21.59 -3.64
C UNK C 75 43.93 22.70 -4.55
N UNK C 76 43.66 23.93 -4.11
CA UNK C 76 43.98 25.15 -4.81
C UNK C 76 45.46 25.34 -5.06
N UNK C 77 46.30 24.87 -4.15
CA UNK C 77 47.73 25.04 -4.31
C UNK C 77 48.36 23.78 -4.85
N UNK C 78 47.55 22.73 -4.94
CA UNK C 78 48.03 21.42 -5.34
C UNK C 78 49.17 21.05 -4.44
N UNK C 79 48.96 21.25 -3.14
CA UNK C 79 49.99 20.96 -2.15
C UNK C 79 49.40 20.42 -0.88
N UNK C 80 50.20 19.64 -0.15
CA UNK C 80 49.79 19.03 1.11
C UNK C 80 50.86 19.22 2.16
N UNK C 81 50.47 19.17 3.43
CA UNK C 81 51.43 19.38 4.48
C UNK C 81 51.19 18.58 5.74
N UNK C 82 52.28 18.40 6.48
CA UNK C 82 52.34 17.71 7.76
C UNK C 82 52.75 18.69 8.83
N UNK C 83 52.31 18.45 10.07
CA UNK C 83 52.72 19.32 11.16
C UNK C 83 52.79 18.62 12.52
N UNK C 84 53.73 17.70 12.71
CA UNK C 84 53.76 16.96 13.97
C UNK C 84 54.11 17.81 15.19
N UNK C 85 53.36 17.58 16.26
CA UNK C 85 53.58 18.22 17.55
C UNK C 85 54.61 17.45 18.33
N UNK C 86 55.20 18.12 19.30
CA UNK C 86 56.17 17.55 20.22
C UNK C 86 57.38 16.91 19.55
N UNK C 87 57.85 17.42 18.42
CA UNK C 87 59.03 16.81 17.87
C UNK C 87 60.11 16.98 18.87
N UNK C 88 60.81 15.88 19.16
CA UNK C 88 61.88 15.91 20.14
C UNK C 88 62.92 14.81 19.96
N UNK C 89 63.91 15.05 19.10
CA UNK C 89 65.10 14.22 18.88
C UNK C 89 64.87 12.84 18.27
N UNK C 90 64.03 12.03 18.89
CA UNK C 90 63.71 10.68 18.42
C UNK C 90 62.92 10.75 17.13
N UNK C 91 62.38 11.91 16.90
CA UNK C 91 61.58 12.25 15.75
C UNK C 91 62.42 12.48 14.50
N UNK C 92 63.74 12.60 14.63
CA UNK C 92 64.53 12.87 13.44
C UNK C 92 64.40 11.71 12.47
N UNK C 93 64.18 12.03 11.21
CA UNK C 93 64.00 11.00 10.16
C UNK C 93 64.06 11.58 8.77
N UNK C 94 64.22 10.71 7.78
CA UNK C 94 64.10 11.14 6.39
C UNK C 94 62.67 10.94 5.93
N UNK C 95 61.94 12.05 5.80
CA UNK C 95 60.52 11.99 5.50
C UNK C 95 60.22 12.25 4.05
N UNK C 96 59.19 11.59 3.51
CA UNK C 96 58.82 11.81 2.12
C UNK C 96 57.34 11.70 1.84
N UNK C 97 56.90 12.45 0.83
CA UNK C 97 55.54 12.46 0.34
C UNK C 97 55.28 11.31 -0.63
N UNK C 98 54.04 10.83 -0.67
CA UNK C 98 53.66 9.78 -1.61
C UNK C 98 52.19 9.82 -2.05
N UNK C 99 51.92 9.20 -3.21
CA UNK C 99 50.56 9.05 -3.74
C UNK C 99 50.04 7.64 -3.54
N UNK C 100 49.05 7.51 -2.66
CA UNK C 100 48.52 6.22 -2.26
C UNK C 100 47.42 5.68 -3.15
N UNK C 101 47.75 5.38 -4.39
CA UNK C 101 46.77 4.81 -5.31
C UNK C 101 46.74 3.30 -5.13
N UNK C 102 46.28 2.88 -3.96
CA UNK C 102 46.20 1.51 -3.44
C UNK C 102 47.57 0.87 -3.15
N UNK C 103 48.60 1.68 -3.25
CA UNK C 103 49.99 1.36 -2.97
C UNK C 103 50.68 2.69 -2.95
N UNK C 104 51.86 2.81 -2.39
CA UNK C 104 52.55 4.10 -2.53
C UNK C 104 53.14 4.11 -3.92
N UNK C 105 52.28 4.47 -4.86
CA UNK C 105 52.49 4.40 -6.29
C UNK C 105 53.58 5.31 -6.75
N UNK C 106 53.68 6.46 -6.11
CA UNK C 106 54.71 7.41 -6.48
C UNK C 106 55.22 8.06 -5.25
N UNK C 107 56.50 8.45 -5.24
CA UNK C 107 57.04 9.11 -4.07
C UNK C 107 58.12 10.12 -4.38
N UNK C 108 58.18 11.11 -3.52
CA UNK C 108 59.12 12.21 -3.51
C UNK C 108 60.43 11.80 -2.89
N UNK C 109 61.49 12.54 -3.22
CA UNK C 109 62.75 12.34 -2.54
C UNK C 109 62.54 12.78 -1.12
N UNK C 110 63.18 12.13 -0.17
CA UNK C 110 63.02 12.50 1.22
C UNK C 110 63.81 13.72 1.64
N UNK C 111 63.30 14.40 2.66
CA UNK C 111 63.97 15.50 3.32
C UNK C 111 64.45 15.02 4.67
N UNK C 112 65.73 15.23 4.96
CA UNK C 112 66.25 14.77 6.25
C UNK C 112 66.05 15.85 7.27
N UNK C 113 65.16 15.60 8.22
CA UNK C 113 64.86 16.60 9.21
C UNK C 113 65.34 16.19 10.58
N UNK C 114 66.19 17.02 11.16
CA UNK C 114 66.73 16.82 12.49
C UNK C 114 65.77 17.43 13.52
N UNK C 115 65.82 17.00 14.79
CA UNK C 115 64.96 17.52 15.86
C UNK C 115 65.81 17.75 17.09
N UNK D 1 47.93 -3.79 14.58
CA UNK D 1 48.29 -3.68 13.18
C UNK D 1 48.66 -5.05 12.64
N UNK D 2 48.45 -5.29 11.32
CA UNK D 2 48.77 -6.55 10.65
C UNK D 2 50.25 -6.56 10.36
N UNK D 3 51.02 -6.73 11.43
CA UNK D 3 52.45 -6.65 11.34
C UNK D 3 52.96 -7.60 10.31
N UNK D 4 53.91 -7.12 9.52
CA UNK D 4 54.51 -7.92 8.47
C UNK D 4 55.94 -8.26 8.84
N UNK D 5 56.25 -9.54 8.78
CA UNK D 5 57.59 -10.03 9.08
C UNK D 5 58.29 -10.49 7.84
N UNK D 6 59.48 -9.97 7.61
CA UNK D 6 60.25 -10.39 6.45
C UNK D 6 61.17 -11.53 6.86
N UNK D 7 61.31 -12.51 5.99
CA UNK D 7 62.18 -13.66 6.16
C UNK D 7 63.45 -13.44 5.38
N UNK D 8 64.52 -14.17 5.72
CA UNK D 8 65.77 -14.04 4.98
C UNK D 8 66.23 -12.61 5.03
N UNK D 9 66.58 -12.14 6.22
CA UNK D 9 66.96 -10.75 6.48
C UNK D 9 68.11 -10.29 5.60
N UNK D 10 68.94 -11.21 5.17
CA UNK D 10 70.05 -10.91 4.33
C UNK D 10 70.27 -12.07 3.39
N UNK D 11 70.79 -11.77 2.22
CA UNK D 11 71.06 -12.77 1.21
C UNK D 11 72.17 -12.31 0.30
N UNK D 12 72.75 -13.23 -0.45
CA UNK D 12 73.77 -12.88 -1.42
C UNK D 12 73.67 -13.81 -2.59
N UNK D 13 74.08 -13.33 -3.77
CA UNK D 13 74.03 -14.16 -4.95
C UNK D 13 74.98 -13.69 -6.03
N UNK D 14 75.30 -14.61 -6.93
CA UNK D 14 76.07 -14.29 -8.11
C UNK D 14 75.24 -13.41 -8.99
N UNK D 15 75.83 -12.53 -9.78
CA UNK D 15 74.97 -11.75 -10.66
C UNK D 15 74.19 -12.66 -11.57
N UNK D 16 74.81 -13.72 -12.06
CA UNK D 16 74.11 -14.64 -12.94
C UNK D 16 73.36 -15.68 -12.14
N UNK D 17 72.41 -15.26 -11.35
CA UNK D 17 71.67 -16.19 -10.51
C UNK D 17 70.30 -15.68 -10.14
N UNK D 18 69.40 -16.62 -9.89
CA UNK D 18 68.07 -16.34 -9.40
C UNK D 18 68.13 -16.15 -7.90
N UNK D 19 67.16 -15.44 -7.35
CA UNK D 19 67.12 -15.25 -5.91
C UNK D 19 65.68 -15.09 -5.43
N UNK D 20 65.45 -15.36 -4.15
CA UNK D 20 64.10 -15.22 -3.61
C UNK D 20 64.11 -14.77 -2.17
N UNK D 21 62.97 -14.22 -1.75
CA UNK D 21 62.74 -13.71 -0.40
C UNK D 21 61.29 -13.96 -0.03
N UNK D 22 60.97 -13.89 1.25
CA UNK D 22 59.60 -14.17 1.66
C UNK D 22 59.16 -13.33 2.83
N UNK D 23 57.85 -13.29 3.04
CA UNK D 23 57.23 -12.54 4.12
C UNK D 23 55.96 -13.21 4.62
N UNK D 24 55.57 -12.88 5.84
CA UNK D 24 54.33 -13.40 6.40
C UNK D 24 53.68 -12.39 7.29
N UNK D 25 52.37 -12.49 7.43
CA UNK D 25 51.64 -11.51 8.23
C UNK D 25 50.99 -12.08 9.47
N UNK D 26 50.81 -11.18 10.43
CA UNK D 26 50.09 -11.40 11.66
C UNK D 26 48.63 -11.78 11.43
N UNK D 27 48.07 -11.34 10.31
CA UNK D 27 46.69 -11.58 9.95
C UNK D 27 46.58 -11.67 8.45
N UNK D 28 45.56 -12.34 7.94
CA UNK D 28 45.41 -12.40 6.50
C UNK D 28 45.15 -11.03 5.92
N UNK D 29 45.76 -10.79 4.78
CA UNK D 29 45.66 -9.60 3.98
C UNK D 29 45.73 -10.06 2.54
N UNK D 30 44.76 -10.85 2.13
CA UNK D 30 44.90 -11.51 0.87
C UNK D 30 45.07 -10.57 -0.29
N UNK D 31 46.05 -10.90 -1.13
CA UNK D 31 46.43 -10.23 -2.36
C UNK D 31 46.78 -8.76 -2.18
N UNK D 32 47.02 -8.33 -0.94
CA UNK D 32 47.30 -6.94 -0.63
C UNK D 32 48.75 -6.69 -0.27
N UNK D 33 49.63 -7.63 -0.56
CA UNK D 33 51.03 -7.47 -0.21
C UNK D 33 51.76 -6.72 -1.27
N UNK D 34 52.04 -5.47 -1.02
CA UNK D 34 52.70 -4.58 -1.95
C UNK D 34 54.19 -4.77 -1.78
N UNK D 35 54.98 -4.41 -2.78
CA UNK D 35 56.44 -4.52 -2.58
C UNK D 35 57.15 -3.36 -3.24
N UNK D 36 58.24 -2.95 -2.61
CA UNK D 36 59.08 -1.85 -3.09
C UNK D 36 60.51 -2.08 -2.67
N UNK D 37 61.46 -1.41 -3.30
CA UNK D 37 62.86 -1.59 -2.88
C UNK D 37 63.69 -0.35 -3.01
N UNK D 38 64.72 -0.24 -2.17
CA UNK D 38 65.54 0.95 -2.26
C UNK D 38 67.02 0.71 -2.30
N UNK D 39 67.61 1.52 -3.16
CA UNK D 39 69.03 1.66 -3.35
C UNK D 39 69.52 2.51 -2.22
N UNK D 40 70.80 2.50 -1.95
CA UNK D 40 71.25 3.36 -0.88
C UNK D 40 70.91 4.79 -1.20
N UNK D 41 70.49 5.54 -0.17
CA UNK D 41 70.18 6.97 -0.28
C UNK D 41 69.15 7.28 -1.37
N UNK D 42 68.06 6.55 -1.37
CA UNK D 42 67.02 6.77 -2.37
C UNK D 42 65.65 6.43 -1.83
N UNK D 43 64.62 7.05 -2.41
CA UNK D 43 63.26 6.71 -2.07
C UNK D 43 63.02 5.32 -2.62
N UNK D 44 62.20 4.52 -1.97
CA UNK D 44 61.96 3.21 -2.53
C UNK D 44 61.18 3.30 -3.81
N UNK D 45 61.50 2.44 -4.76
CA UNK D 45 60.76 2.38 -5.98
C UNK D 45 59.65 1.39 -5.82
N UNK D 46 58.50 1.65 -6.39
CA UNK D 46 57.45 0.66 -6.34
C UNK D 46 57.85 -0.51 -7.22
N UNK D 47 57.50 -1.74 -6.83
CA UNK D 47 57.81 -2.91 -7.65
C UNK D 47 56.56 -3.73 -7.95
N UNK D 48 55.84 -4.13 -6.91
CA UNK D 48 54.65 -4.95 -7.10
C UNK D 48 53.43 -4.13 -6.73
N UNK D 49 52.50 -4.04 -7.68
CA UNK D 49 51.25 -3.29 -7.62
C UNK D 49 50.22 -3.98 -6.76
N UNK D 50 50.27 -5.28 -6.78
CA UNK D 50 49.35 -6.15 -6.07
C UNK D 50 50.19 -7.29 -5.70
N UNK D 51 49.70 -8.27 -5.00
CA UNK D 51 50.67 -9.30 -4.67
C UNK D 51 51.41 -9.88 -5.88
N UNK D 52 50.75 -10.05 -7.02
CA UNK D 52 51.48 -10.62 -8.16
C UNK D 52 51.70 -9.64 -9.32
N UNK D 53 50.90 -8.59 -9.41
CA UNK D 53 51.00 -7.68 -10.55
C UNK D 53 52.17 -6.73 -10.37
N UNK D 54 52.86 -6.43 -11.46
CA UNK D 54 54.00 -5.50 -11.48
C UNK D 54 53.60 -4.05 -11.66
N UNK D 55 54.42 -3.17 -11.11
CA UNK D 55 54.30 -1.73 -11.27
C UNK D 55 54.81 -1.39 -12.65
N UNK D 56 54.32 -0.30 -13.22
CA UNK D 56 54.78 0.09 -14.54
C UNK D 56 56.26 0.36 -14.54
N UNK D 57 56.91 -0.09 -15.61
CA UNK D 57 58.33 0.04 -15.87
C UNK D 57 59.20 -0.76 -14.91
N UNK D 58 58.61 -1.64 -14.13
CA UNK D 58 59.42 -2.52 -13.31
C UNK D 58 60.08 -3.48 -14.28
N UNK D 59 61.28 -3.92 -13.98
CA UNK D 59 61.91 -4.90 -14.85
C UNK D 59 61.12 -6.20 -14.80
N UNK D 60 61.05 -6.89 -15.93
CA UNK D 60 60.33 -8.16 -16.07
C UNK D 60 60.91 -9.28 -15.23
N UNK D 61 62.14 -9.12 -14.78
CA UNK D 61 62.79 -10.13 -13.98
C UNK D 61 62.06 -10.34 -12.66
N UNK D 62 61.39 -9.31 -12.13
CA UNK D 62 60.75 -9.47 -10.85
C UNK D 62 59.43 -10.21 -10.97
N UNK D 63 59.13 -11.05 -9.97
CA UNK D 63 57.86 -11.77 -9.92
C UNK D 63 57.45 -12.01 -8.48
N UNK D 64 56.15 -12.21 -8.24
CA UNK D 64 55.70 -12.46 -6.88
C UNK D 64 54.36 -13.16 -6.81
N UNK D 65 54.08 -13.78 -5.66
CA UNK D 65 52.78 -14.38 -5.42
C UNK D 65 52.44 -14.38 -3.94
N UNK D 66 51.14 -14.32 -3.62
CA UNK D 66 50.70 -14.37 -2.23
C UNK D 66 49.26 -14.74 -2.09
N UNK D 67 48.91 -15.17 -0.89
CA UNK D 67 47.53 -15.41 -0.52
C UNK D 67 47.39 -15.31 0.98
N UNK D 68 46.20 -15.03 1.46
CA UNK D 68 46.00 -15.04 2.90
C UNK D 68 47.08 -14.27 3.65
N UNK D 69 47.85 -14.97 4.49
CA UNK D 69 48.88 -14.35 5.33
C UNK D 69 50.30 -14.79 5.01
N UNK D 70 50.57 -15.18 3.76
CA UNK D 70 51.92 -15.56 3.37
C UNK D 70 52.23 -15.06 1.98
N UNK D 71 53.48 -14.67 1.74
CA UNK D 71 53.87 -14.13 0.44
C UNK D 71 55.32 -14.41 0.09
N UNK D 72 55.63 -14.39 -1.20
CA UNK D 72 57.00 -14.55 -1.64
C UNK D 72 57.29 -13.79 -2.90
N UNK D 73 58.56 -13.49 -3.12
CA UNK D 73 59.00 -12.76 -4.29
C UNK D 73 60.30 -13.31 -4.82
N UNK D 74 60.53 -13.12 -6.11
CA UNK D 74 61.76 -13.60 -6.70
C UNK D 74 62.25 -12.79 -7.87
N UNK D 75 63.55 -12.91 -8.10
CA UNK D 75 64.21 -12.33 -9.24
C UNK D 75 64.62 -13.45 -10.15
N UNK D 76 64.22 -13.38 -11.41
CA UNK D 76 64.59 -14.41 -12.36
C UNK D 76 66.08 -14.50 -12.49
N UNK D 77 66.72 -13.35 -12.45
CA UNK D 77 68.15 -13.22 -12.51
C UNK D 77 68.52 -11.88 -11.93
N UNK D 78 69.62 -11.82 -11.22
CA UNK D 78 70.11 -10.56 -10.76
C UNK D 78 70.78 -9.86 -11.92
N UNK D 79 70.89 -8.55 -11.86
CA UNK D 79 71.58 -7.85 -12.90
C UNK D 79 72.32 -6.63 -12.38
N UNK D 80 73.12 -6.81 -11.34
CA UNK D 80 73.97 -5.78 -10.70
C UNK D 80 73.20 -4.66 -9.99
N UNK D 81 72.33 -3.98 -10.72
CA UNK D 81 71.53 -2.87 -10.21
C UNK D 81 70.38 -3.39 -9.38
N UNK D 82 70.26 -4.71 -9.37
CA UNK D 82 69.25 -5.45 -8.65
C UNK D 82 69.57 -5.56 -7.17
N UNK D 83 70.78 -5.17 -6.76
CA UNK D 83 71.12 -5.29 -5.34
C UNK D 83 70.57 -4.09 -4.57
N UNK D 84 69.61 -4.38 -3.69
CA UNK D 84 68.88 -3.37 -2.91
C UNK D 84 68.24 -4.00 -1.70
N UNK D 85 67.82 -3.18 -0.75
CA UNK D 85 67.08 -3.70 0.39
C UNK D 85 65.58 -3.66 0.08
N UNK D 86 64.95 -4.82 -0.02
CA UNK D 86 63.54 -4.89 -0.44
C UNK D 86 62.60 -5.11 0.73
N UNK D 87 61.39 -4.54 0.65
CA UNK D 87 60.43 -4.71 1.74
C UNK D 87 58.96 -4.76 1.30
N UNK D 88 58.18 -5.52 2.07
CA UNK D 88 56.73 -5.71 1.89
C UNK D 88 55.88 -4.69 2.64
N UNK D 89 54.64 -4.48 2.18
CA UNK D 89 53.70 -3.62 2.93
C UNK D 89 52.25 -4.13 2.87
N UNK D 90 51.50 -3.89 3.94
CA UNK D 90 50.09 -4.32 4.03
C UNK D 90 49.11 -3.27 3.55
N UNK D 91 48.56 -3.44 2.35
CA UNK D 91 47.63 -2.47 1.80
C UNK D 91 46.21 -2.73 2.28
N UNK D 92 46.03 -3.78 3.08
CA UNK D 92 44.73 -4.24 3.56
C UNK D 92 44.19 -3.58 4.83
N UNK D 93 44.93 -2.68 5.45
CA UNK D 93 44.42 -2.11 6.70
C UNK D 93 44.89 -0.69 6.91
N UNK D 94 44.10 0.09 7.65
CA UNK D 94 44.38 1.48 7.94
C UNK D 94 45.70 1.71 8.64
N UNK D 95 46.12 0.75 9.45
CA UNK D 95 47.37 0.88 10.18
C UNK D 95 48.58 1.03 9.25
N UNK D 96 48.48 0.54 8.01
CA UNK D 96 49.54 0.59 7.00
C UNK D 96 50.87 0.03 7.47
N UNK D 97 50.86 -1.15 8.07
CA UNK D 97 52.08 -1.77 8.54
C UNK D 97 53.01 -2.08 7.39
N UNK D 98 54.33 -2.00 7.63
CA UNK D 98 55.33 -2.33 6.63
C UNK D 98 56.45 -3.12 7.27
N UNK D 99 57.03 -4.03 6.50
CA UNK D 99 58.10 -4.93 6.91
C UNK D 99 59.48 -4.34 6.91
N UNK D 100 60.36 -4.94 7.71
CA UNK D 100 61.78 -4.65 7.68
C UNK D 100 62.29 -5.20 6.37
N UNK D 101 63.28 -4.57 5.79
CA UNK D 101 63.79 -5.06 4.52
C UNK D 101 64.76 -6.23 4.62
N UNK D 102 64.79 -7.00 3.53
CA UNK D 102 65.75 -8.07 3.31
C UNK D 102 66.86 -7.52 2.42
N UNK D 103 68.09 -7.52 2.91
CA UNK D 103 69.18 -6.92 2.14
C UNK D 103 69.88 -7.93 1.27
N UNK D 104 69.72 -7.80 -0.05
CA UNK D 104 70.34 -8.77 -0.95
C UNK D 104 71.59 -8.18 -1.60
N UNK D 105 72.75 -8.87 -1.44
CA UNK D 105 74.06 -8.53 -1.98
C UNK D 105 74.30 -9.37 -3.24
N ASN E 1 20.97 -22.63 41.98
CA ASN E 1 21.78 -21.46 42.31
C ASN E 1 21.25 -20.19 41.62
N LEU E 2 21.10 -20.23 40.27
CA LEU E 2 20.69 -19.13 39.42
C LEU E 2 19.27 -19.28 38.95
N TRP E 3 18.64 -18.16 38.68
CA TRP E 3 17.25 -18.06 38.27
C TRP E 3 17.08 -17.34 36.95
N VAL E 4 16.02 -17.68 36.23
CA VAL E 4 15.75 -17.01 34.97
C VAL E 4 15.24 -15.60 35.22
N THR E 5 15.84 -14.61 34.57
CA THR E 5 15.36 -13.24 34.66
C THR E 5 15.00 -12.77 33.27
N VAL E 6 13.83 -12.19 33.16
CA VAL E 6 13.28 -11.72 31.91
C VAL E 6 13.58 -10.25 31.73
N TYR E 7 14.12 -9.89 30.58
CA TYR E 7 14.42 -8.51 30.28
C TYR E 7 13.70 -8.05 29.04
N TYR E 8 13.17 -6.84 29.08
CA TYR E 8 12.51 -6.28 27.92
C TYR E 8 13.13 -4.95 27.56
N GLY E 9 13.53 -4.80 26.31
CA GLY E 9 14.23 -3.61 25.84
C GLY E 9 15.68 -3.96 25.52
N VAL E 10 15.93 -5.23 25.29
CA VAL E 10 17.23 -5.77 24.97
C VAL E 10 17.67 -5.39 23.55
N PRO E 11 18.86 -4.80 23.32
CA PRO E 11 19.34 -4.34 22.04
C PRO E 11 19.83 -5.41 21.09
N VAL E 12 18.94 -6.28 20.65
CA VAL E 12 19.28 -7.33 19.71
C VAL E 12 18.35 -7.35 18.52
N TRP E 13 18.78 -8.02 17.46
CA TRP E 13 17.99 -8.09 16.27
C TRP E 13 18.24 -9.33 15.43
N LYS E 14 17.31 -9.56 14.51
CA LYS E 14 17.36 -10.66 13.55
C LYS E 14 17.21 -10.16 12.15
N ASP E 15 17.78 -10.84 11.18
CA ASP E 15 17.55 -10.41 9.82
C ASP E 15 16.08 -10.53 9.50
N ALA E 16 15.52 -9.58 8.77
CA ALA E 16 14.10 -9.70 8.47
C ALA E 16 13.71 -9.01 7.21
N GLU E 17 12.61 -9.46 6.62
CA GLU E 17 12.07 -8.81 5.45
C GLU E 17 10.73 -8.22 5.77
N THR E 18 10.63 -6.91 5.64
CA THR E 18 9.37 -6.25 5.92
C THR E 18 9.12 -5.25 4.85
N THR E 19 7.96 -4.61 4.92
CA THR E 19 7.56 -3.58 3.98
C THR E 19 8.14 -2.25 4.38
N LEU E 20 8.80 -1.58 3.46
CA LEU E 20 9.32 -0.27 3.75
C LEU E 20 8.42 0.77 3.12
N PHE E 21 8.40 1.94 3.69
CA PHE E 21 7.58 3.01 3.14
C PHE E 21 8.50 4.14 2.74
N CYS E 22 8.06 5.06 1.85
CA CYS E 22 8.85 6.19 1.39
C CYS E 22 8.61 7.44 2.23
N ALA E 23 9.60 8.28 2.16
CA ALA E 23 9.57 9.58 2.73
C ALA E 23 10.25 10.53 1.75
N SER E 24 9.90 11.80 1.82
CA SER E 24 10.49 12.78 0.90
C SER E 24 10.67 14.16 1.50
N ASP E 25 11.49 14.98 0.87
CA ASP E 25 11.72 16.32 1.35
C ASP E 25 10.63 17.26 0.80
N ALA E 26 9.68 17.66 1.67
CA ALA E 26 8.49 18.44 1.36
C ALA E 26 8.86 19.92 1.18
N HIS E 34 4.93 18.48 -9.99
CA HIS E 34 4.35 17.12 -10.14
C HIS E 34 5.35 16.21 -10.86
N ASN E 35 5.27 14.91 -10.60
CA ASN E 35 6.26 13.94 -11.10
C ASN E 35 5.72 12.53 -11.15
N VAL E 36 6.45 11.71 -11.87
CA VAL E 36 6.06 10.32 -12.05
C VAL E 36 6.22 9.44 -10.81
N TRP E 37 6.76 10.03 -9.75
CA TRP E 37 7.11 9.26 -8.52
C TRP E 37 6.04 9.55 -7.46
N ALA E 38 5.04 10.35 -7.82
CA ALA E 38 4.02 10.74 -6.87
C ALA E 38 4.61 11.05 -5.54
N THR E 39 5.66 11.85 -5.49
CA THR E 39 6.34 12.08 -4.22
C THR E 39 5.50 12.86 -3.22
N HIS E 40 4.40 13.46 -3.66
CA HIS E 40 3.51 14.20 -2.78
C HIS E 40 2.79 13.25 -1.85
N ALA E 41 2.78 11.98 -2.22
CA ALA E 41 2.15 10.93 -1.44
C ALA E 41 3.09 10.25 -0.39
N CYS E 42 4.39 10.67 -0.30
CA CYS E 42 5.38 10.14 0.64
C CYS E 42 5.31 10.91 1.95
N VAL E 43 5.78 10.29 3.02
CA VAL E 43 5.79 10.93 4.31
C VAL E 43 6.86 11.99 4.36
N PRO E 44 6.61 13.23 4.73
CA PRO E 44 7.65 14.23 4.82
C PRO E 44 8.73 13.75 5.77
N THR E 45 9.98 13.98 5.39
CA THR E 45 11.11 13.58 6.19
C THR E 45 11.43 14.53 7.30
N ASP E 46 12.21 14.01 8.23
CA ASP E 46 12.81 14.74 9.33
C ASP E 46 13.98 15.51 8.75
N PRO E 47 14.01 16.84 8.77
CA PRO E 47 15.11 17.64 8.25
C PRO E 47 16.45 17.32 8.92
N ASN E 48 16.42 16.75 10.14
CA ASN E 48 17.64 16.44 10.87
C ASN E 48 17.56 15.07 11.52
N PRO E 49 17.61 13.97 10.75
CA PRO E 49 17.45 12.60 11.22
C PRO E 49 18.67 12.24 12.02
N GLN E 50 18.55 11.30 12.95
CA GLN E 50 19.70 10.92 13.72
C GLN E 50 20.25 9.53 13.42
N GLU E 51 21.54 9.48 13.19
CA GLU E 51 22.29 8.26 12.97
C GLU E 51 23.01 7.84 14.24
N ILE E 52 22.83 6.59 14.66
CA ILE E 52 23.50 6.12 15.86
C ILE E 52 24.67 5.22 15.56
N HIS E 53 25.86 5.61 15.95
CA HIS E 53 27.01 4.76 15.67
C HIS E 53 27.03 3.60 16.63
N LEU E 54 27.32 2.38 16.16
CA LEU E 54 27.36 1.27 17.10
C LEU E 54 28.79 0.82 17.35
N GLU E 55 29.32 1.09 18.53
CA GLU E 55 30.70 0.67 18.77
C GLU E 55 30.71 -0.83 19.02
N ASN E 56 31.75 -1.52 18.52
CA ASN E 56 31.97 -2.96 18.77
C ASN E 56 30.79 -3.79 18.25
N VAL E 57 30.32 -3.50 17.04
CA VAL E 57 29.31 -4.33 16.36
C VAL E 57 29.77 -4.67 14.98
N THR E 58 29.90 -5.95 14.73
CA THR E 58 30.29 -6.39 13.40
C THR E 58 29.12 -7.13 12.87
N GLU E 59 28.72 -6.79 11.66
CA GLU E 59 27.56 -7.42 11.07
C GLU E 59 27.84 -7.86 9.66
N GLU E 60 27.12 -8.86 9.17
CA GLU E 60 27.31 -9.30 7.80
C GLU E 60 26.23 -8.80 6.86
N PHE E 61 26.69 -8.20 5.79
CA PHE E 61 25.83 -7.62 4.77
C PHE E 61 25.93 -8.40 3.47
N ASN E 62 24.85 -8.47 2.70
CA ASN E 62 24.91 -9.12 1.40
C ASN E 62 24.03 -8.38 0.41
N MET E 63 24.65 -7.60 -0.44
CA MET E 63 23.94 -6.74 -1.37
C MET E 63 23.25 -7.49 -2.47
N TRP E 64 23.60 -8.76 -2.66
CA TRP E 64 23.05 -9.53 -3.74
C TRP E 64 21.85 -10.31 -3.26
N LYS E 65 21.57 -10.22 -1.96
CA LYS E 65 20.46 -10.90 -1.33
C LYS E 65 19.86 -9.89 -0.38
N ASN E 66 19.24 -8.90 -0.96
CA ASN E 66 18.76 -7.75 -0.22
C ASN E 66 17.43 -7.33 -0.78
N ASN E 67 16.37 -7.57 -0.01
CA ASN E 67 14.98 -7.36 -0.49
C ASN E 67 14.73 -5.88 -0.78
N MET E 68 15.56 -4.98 -0.24
CA MET E 68 15.26 -3.58 -0.35
C MET E 68 15.32 -3.23 -1.81
N VAL E 69 16.11 -3.99 -2.58
CA VAL E 69 16.29 -3.76 -3.99
C VAL E 69 15.02 -4.14 -4.70
N GLU E 70 14.45 -5.27 -4.30
CA GLU E 70 13.24 -5.73 -4.93
C GLU E 70 12.10 -4.79 -4.63
N GLN E 71 12.03 -4.25 -3.41
CA GLN E 71 10.94 -3.33 -3.18
C GLN E 71 11.11 -2.07 -3.95
N MET E 72 12.34 -1.57 -4.08
CA MET E 72 12.50 -0.34 -4.82
C MET E 72 12.08 -0.57 -6.25
N HIS E 73 12.40 -1.73 -6.80
CA HIS E 73 12.04 -2.06 -8.16
C HIS E 73 10.54 -2.06 -8.33
N GLU E 74 9.82 -2.74 -7.43
CA GLU E 74 8.38 -2.77 -7.55
C GLU E 74 7.75 -1.41 -7.36
N ASP E 75 8.28 -0.60 -6.45
CA ASP E 75 7.67 0.71 -6.24
C ASP E 75 7.84 1.58 -7.45
N ILE E 76 9.00 1.53 -8.07
CA ILE E 76 9.22 2.37 -9.22
C ILE E 76 8.33 1.98 -10.36
N ILE E 77 8.19 0.69 -10.62
CA ILE E 77 7.33 0.31 -11.70
C ILE E 77 5.90 0.69 -11.41
N SER E 78 5.42 0.45 -10.19
CA SER E 78 4.05 0.79 -9.88
C SER E 78 3.78 2.27 -10.05
N LEU E 79 4.67 3.11 -9.56
CA LEU E 79 4.47 4.53 -9.65
C LEU E 79 4.51 4.98 -11.10
N TRP E 80 5.40 4.39 -11.87
CA TRP E 80 5.50 4.72 -13.26
C TRP E 80 4.15 4.50 -13.91
N ASP E 81 3.57 3.31 -13.70
CA ASP E 81 2.30 3.03 -14.33
C ASP E 81 1.19 3.93 -13.85
N GLN E 82 1.20 4.30 -12.58
CA GLN E 82 0.15 5.16 -12.08
C GLN E 82 0.16 6.49 -12.76
N SER E 83 1.34 6.99 -13.10
CA SER E 83 1.44 8.31 -13.70
C SER E 83 0.82 8.37 -15.08
N LEU E 84 0.59 7.21 -15.72
CA LEU E 84 0.01 7.17 -17.04
C LEU E 84 -1.48 6.91 -17.01
N LYS E 85 -2.05 6.66 -15.84
CA LYS E 85 -3.45 6.32 -15.76
C LYS E 85 -4.38 7.41 -16.28
N PRO E 86 -4.17 8.69 -15.99
CA PRO E 86 -5.01 9.76 -16.47
C PRO E 86 -4.65 10.32 -17.85
N CYS E 87 -3.71 9.69 -18.61
CA CYS E 87 -3.16 10.24 -19.84
C CYS E 87 -3.86 9.65 -21.07
N VAL E 88 -3.74 10.37 -22.18
CA VAL E 88 -4.37 10.03 -23.46
C VAL E 88 -3.89 8.74 -24.08
N LYS E 89 -4.84 7.92 -24.50
CA LYS E 89 -4.51 6.65 -25.14
C LYS E 89 -4.50 6.86 -26.64
N LEU E 90 -3.33 6.72 -27.24
CA LEU E 90 -3.20 7.03 -28.64
C LEU E 90 -3.47 5.83 -29.51
N THR E 91 -4.70 5.38 -29.46
CA THR E 91 -5.06 4.26 -30.28
C THR E 91 -5.50 4.73 -31.66
N PRO E 92 -6.08 5.96 -31.86
CA PRO E 92 -6.44 6.50 -33.15
C PRO E 92 -5.22 6.71 -34.02
N LEU E 93 -4.06 6.73 -33.41
CA LEU E 93 -2.80 6.93 -34.10
C LEU E 93 -2.24 5.70 -34.82
N CYS E 94 -2.70 4.47 -34.49
CA CYS E 94 -2.16 3.27 -35.09
C CYS E 94 -2.83 3.03 -36.46
N VAL E 95 -2.30 3.77 -37.44
CA VAL E 95 -2.78 3.80 -38.81
C VAL E 95 -1.68 3.65 -39.81
N THR E 96 -2.05 3.39 -41.06
CA THR E 96 -1.05 3.42 -42.11
C THR E 96 -0.58 4.85 -42.27
N LEU E 97 0.72 5.04 -42.30
CA LEU E 97 1.33 6.34 -42.49
C LEU E 97 1.91 6.40 -43.89
N GLN E 98 1.85 7.56 -44.54
CA GLN E 98 2.50 7.76 -45.84
C GLN E 98 3.76 8.57 -45.59
N CYS E 99 4.96 7.95 -45.59
CA CYS E 99 6.19 8.63 -45.16
C CYS E 99 7.21 8.76 -46.28
N THR E 100 7.86 9.91 -46.28
CA THR E 100 8.97 10.20 -47.17
C THR E 100 10.16 10.65 -46.32
N ASN E 101 11.38 10.69 -46.90
CA ASN E 101 12.61 11.12 -46.21
C ASN E 101 12.63 12.64 -46.00
N VAL E 102 13.19 13.09 -44.84
CA VAL E 102 13.45 14.52 -44.61
C VAL E 102 14.84 14.76 -45.13
N THR E 103 14.94 15.55 -46.18
CA THR E 103 16.23 15.83 -46.82
C THR E 103 16.55 17.30 -46.75
N ASN E 104 15.72 18.02 -46.04
CA ASN E 104 15.85 19.46 -45.95
C ASN E 104 16.82 19.90 -44.86
N ASN E 105 17.98 20.47 -45.29
CA ASN E 105 19.11 20.94 -44.47
C ASN E 105 19.68 19.84 -43.54
N ILE E 106 19.82 18.59 -44.04
CA ILE E 106 20.35 17.47 -43.24
C ILE E 106 21.84 17.30 -43.39
N THR E 107 22.49 17.02 -42.29
CA THR E 107 23.91 16.74 -42.34
C THR E 107 24.13 15.31 -42.77
N ASP E 108 25.38 14.89 -42.84
CA ASP E 108 25.69 13.57 -43.37
C ASP E 108 25.37 12.39 -42.48
N ASP E 109 25.27 12.60 -41.18
CA ASP E 109 24.95 11.48 -40.30
C ASP E 109 23.44 11.30 -40.25
N MET E 110 22.73 12.40 -40.38
CA MET E 110 21.28 12.39 -40.29
C MET E 110 20.63 12.07 -41.60
N ARG E 111 20.89 10.89 -42.11
CA ARG E 111 20.35 10.46 -43.38
C ARG E 111 19.46 9.27 -43.20
N GLY E 112 18.17 9.51 -43.29
CA GLY E 112 17.19 8.47 -43.08
C GLY E 112 16.72 8.43 -41.65
N GLU E 113 17.30 9.29 -40.81
CA GLU E 113 16.95 9.35 -39.39
C GLU E 113 15.57 9.91 -39.15
N LEU E 114 15.15 10.86 -39.99
CA LEU E 114 13.83 11.41 -39.81
C LEU E 114 13.00 11.16 -41.01
N LYS E 115 11.74 10.84 -40.75
CA LYS E 115 10.77 10.64 -41.79
C LYS E 115 9.62 11.61 -41.60
N ASN E 116 9.10 12.16 -42.70
CA ASN E 116 7.98 13.08 -42.80
C ASN E 116 6.71 12.29 -43.15
N CYS E 117 5.84 12.04 -42.14
CA CYS E 117 4.69 11.15 -42.27
C CYS E 117 3.35 11.86 -42.28
N SER E 118 2.54 11.51 -43.26
CA SER E 118 1.20 12.03 -43.42
C SER E 118 0.15 10.99 -43.13
N PHE E 119 -0.83 11.36 -42.33
CA PHE E 119 -1.89 10.42 -41.99
C PHE E 119 -3.24 11.07 -41.68
N ASN E 120 -4.34 10.25 -41.76
CA ASN E 120 -5.72 10.65 -41.47
C ASN E 120 -6.08 10.33 -40.01
N MET E 121 -6.12 11.35 -39.15
CA MET E 121 -6.36 11.31 -37.70
C MET E 121 -7.81 11.69 -37.38
N THR E 122 -8.33 11.17 -36.28
CA THR E 122 -9.67 11.47 -35.81
C THR E 122 -9.70 12.86 -35.21
N THR E 123 -10.88 13.37 -34.95
CA THR E 123 -10.97 14.68 -34.33
C THR E 123 -12.09 14.74 -33.30
N GLU E 124 -12.47 15.94 -32.90
CA GLU E 124 -13.47 16.12 -31.84
C GLU E 124 -14.80 15.49 -32.20
N LEU E 125 -15.18 15.58 -33.47
CA LEU E 125 -16.41 14.97 -33.89
C LEU E 125 -16.08 13.69 -34.64
N ARG E 126 -16.93 12.70 -34.48
CA ARG E 126 -16.77 11.38 -35.07
C ARG E 126 -16.97 11.36 -36.56
N ASP E 127 -17.59 12.39 -37.06
CA ASP E 127 -17.91 12.52 -38.45
C ASP E 127 -16.80 13.18 -39.22
N LYS E 128 -15.77 13.64 -38.54
CA LYS E 128 -14.75 14.39 -39.21
C LYS E 128 -13.39 13.73 -39.09
N LYS E 129 -12.53 14.01 -40.05
CA LYS E 129 -11.16 13.54 -40.04
C LYS E 129 -10.27 14.71 -40.36
N GLN E 130 -9.02 14.65 -39.94
CA GLN E 130 -8.07 15.70 -40.26
C GLN E 130 -6.78 15.12 -40.77
N LYS E 131 -6.12 15.84 -41.67
CA LYS E 131 -4.85 15.36 -42.16
C LYS E 131 -3.75 15.98 -41.34
N VAL E 132 -2.86 15.13 -40.88
CA VAL E 132 -1.79 15.53 -40.02
C VAL E 132 -0.45 15.18 -40.60
N TYR E 133 0.48 16.13 -40.52
CA TYR E 133 1.86 15.93 -41.01
C TYR E 133 2.82 16.08 -39.83
N SER E 134 3.58 15.03 -39.53
CA SER E 134 4.48 15.07 -38.39
C SER E 134 5.80 14.41 -38.67
N LEU E 135 6.81 14.75 -37.89
CA LEU E 135 8.08 14.10 -38.10
C LEU E 135 8.28 13.03 -37.06
N PHE E 136 8.78 11.88 -37.51
CA PHE E 136 9.09 10.77 -36.62
C PHE E 136 10.50 10.29 -36.82
N TYR E 137 11.06 9.74 -35.77
CA TYR E 137 12.38 9.17 -35.85
C TYR E 137 12.25 7.80 -36.49
N ARG E 138 13.26 7.38 -37.23
CA ARG E 138 13.23 6.10 -37.92
C ARG E 138 13.13 4.89 -37.02
N LEU E 139 13.41 5.04 -35.75
CA LEU E 139 13.36 3.89 -34.86
C LEU E 139 11.95 3.61 -34.36
N ASP E 140 11.03 4.53 -34.59
CA ASP E 140 9.66 4.40 -34.11
C ASP E 140 8.71 3.91 -35.17
N VAL E 141 9.18 3.88 -36.40
CA VAL E 141 8.34 3.60 -37.54
C VAL E 141 8.87 2.45 -38.39
N VAL E 142 8.02 1.49 -38.72
CA VAL E 142 8.47 0.37 -39.55
C VAL E 142 7.69 0.25 -40.82
N GLN E 143 8.37 -0.17 -41.86
CA GLN E 143 7.77 -0.30 -43.17
C GLN E 143 6.81 -1.47 -43.16
N ILE E 144 5.65 -1.31 -43.81
CA ILE E 144 4.64 -2.36 -43.85
C ILE E 144 4.81 -3.37 -44.97
N LYS E 157 6.05 3.53 -49.50
CA LYS E 157 5.88 4.65 -48.57
C LYS E 157 5.01 4.30 -47.38
N GLU E 158 4.45 3.10 -47.37
CA GLU E 158 3.56 2.74 -46.28
C GLU E 158 4.28 2.16 -45.10
N TYR E 159 4.10 2.84 -43.96
CA TYR E 159 4.70 2.55 -42.66
C TYR E 159 3.68 2.53 -41.55
N ARG E 160 4.02 1.88 -40.45
CA ARG E 160 3.18 1.88 -39.25
C ARG E 160 4.04 2.13 -38.03
N LEU E 161 3.45 2.53 -36.94
CA LEU E 161 4.28 2.68 -35.76
C LEU E 161 4.71 1.31 -35.27
N ILE E 162 5.90 1.25 -34.70
CA ILE E 162 6.46 0.00 -34.20
C ILE E 162 5.59 -0.73 -33.18
N ASN E 163 4.83 -0.03 -32.36
CA ASN E 163 4.02 -0.71 -31.36
C ASN E 163 2.69 -1.33 -31.83
N CYS E 164 2.29 -1.15 -33.11
CA CYS E 164 1.00 -1.59 -33.63
C CYS E 164 0.75 -3.08 -33.62
N ASN E 165 1.77 -3.91 -33.55
CA ASN E 165 1.46 -5.33 -33.48
C ASN E 165 1.71 -5.94 -32.08
N THR E 166 1.98 -5.11 -31.01
CA THR E 166 2.18 -5.62 -29.64
C THR E 166 1.40 -4.88 -28.56
N SER E 167 1.15 -3.58 -28.72
CA SER E 167 0.56 -2.86 -27.61
C SER E 167 -0.14 -1.56 -27.91
N ALA E 168 -1.02 -1.16 -26.99
CA ALA E 168 -1.59 0.16 -27.05
C ALA E 168 -0.56 1.11 -26.51
N ILE E 169 -0.50 2.30 -27.05
CA ILE E 169 0.48 3.25 -26.55
C ILE E 169 -0.16 4.43 -25.88
N THR E 170 0.36 4.81 -24.72
CA THR E 170 -0.16 5.94 -23.97
C THR E 170 0.75 7.14 -24.05
N GLN E 171 0.20 8.31 -24.31
CA GLN E 171 1.01 9.51 -24.35
C GLN E 171 1.31 9.95 -22.96
N ALA E 172 2.55 10.21 -22.65
CA ALA E 172 2.83 10.68 -21.31
C ALA E 172 2.23 12.07 -21.17
N CYS E 173 1.70 12.43 -19.99
CA CYS E 173 1.13 13.75 -19.72
C CYS E 173 2.26 14.81 -19.63
N PRO E 174 2.23 15.88 -20.44
CA PRO E 174 3.21 16.95 -20.51
C PRO E 174 3.47 17.69 -19.20
N LYS E 175 2.52 17.60 -18.29
CA LYS E 175 2.61 18.26 -17.00
C LYS E 175 3.34 17.46 -15.93
N VAL E 176 3.70 16.21 -16.22
CA VAL E 176 4.31 15.38 -15.20
C VAL E 176 5.80 15.18 -15.47
N SER E 177 6.65 15.61 -14.54
CA SER E 177 8.09 15.52 -14.70
C SER E 177 8.71 14.13 -14.50
N PHE E 178 9.73 13.86 -15.31
CA PHE E 178 10.50 12.61 -15.21
C PHE E 178 11.83 12.83 -14.51
N GLU E 179 12.04 14.00 -13.92
CA GLU E 179 13.30 14.26 -13.26
C GLU E 179 13.35 13.56 -11.91
N PRO E 180 14.32 12.68 -11.64
CA PRO E 180 14.45 11.95 -10.39
C PRO E 180 14.51 12.88 -9.20
N ILE E 181 13.78 12.50 -8.17
CA ILE E 181 13.68 13.20 -6.90
C ILE E 181 14.14 12.23 -5.85
N PRO E 182 15.05 12.58 -4.94
CA PRO E 182 15.52 11.66 -3.94
C PRO E 182 14.38 11.09 -3.12
N ILE E 183 14.40 9.79 -2.94
CA ILE E 183 13.42 9.08 -2.14
C ILE E 183 14.10 8.41 -1.00
N HIS E 184 13.56 8.58 0.19
CA HIS E 184 14.16 7.96 1.35
C HIS E 184 13.34 6.74 1.73
N TYR E 185 13.97 5.59 1.94
CA TYR E 185 13.20 4.45 2.40
C TYR E 185 13.28 4.42 3.89
N CYS E 186 12.14 4.17 4.58
CA CYS E 186 12.03 4.16 6.03
C CYS E 186 11.42 2.87 6.55
N ALA E 187 12.00 2.37 7.62
CA ALA E 187 11.49 1.18 8.25
C ALA E 187 10.34 1.55 9.18
N PRO E 188 9.36 0.66 9.37
CA PRO E 188 8.29 0.79 10.33
C PRO E 188 8.79 0.58 11.72
N ALA E 189 8.04 1.05 12.71
CA ALA E 189 8.47 0.83 14.07
C ALA E 189 8.61 -0.63 14.35
N GLY E 190 9.65 -0.98 15.09
CA GLY E 190 9.91 -2.37 15.44
C GLY E 190 11.01 -2.92 14.56
N PHE E 191 11.36 -2.18 13.53
CA PHE E 191 12.40 -2.51 12.59
C PHE E 191 13.42 -1.39 12.53
N ALA E 192 14.60 -1.71 12.05
CA ALA E 192 15.63 -0.70 11.91
C ALA E 192 16.48 -0.98 10.72
N ILE E 193 17.16 0.03 10.20
CA ILE E 193 18.02 -0.20 9.08
C ILE E 193 19.46 -0.03 9.51
N LEU E 194 20.27 -1.02 9.26
CA LEU E 194 21.65 -0.89 9.63
C LEU E 194 22.38 -0.42 8.41
N LYS E 195 23.33 0.46 8.62
CA LYS E 195 24.15 0.99 7.56
C LYS E 195 25.60 0.58 7.77
N CYS E 196 26.29 0.18 6.69
CA CYS E 196 27.70 -0.18 6.70
C CYS E 196 28.53 1.05 6.34
N LYS E 197 29.40 1.45 7.24
CA LYS E 197 30.21 2.64 7.08
C LYS E 197 31.61 2.36 6.60
N ASP E 198 31.93 1.10 6.40
CA ASP E 198 33.28 0.76 5.98
C ASP E 198 33.62 1.34 4.65
N LYS E 199 34.84 1.79 4.53
CA LYS E 199 35.28 2.26 3.25
C LYS E 199 35.82 1.03 2.60
N LYS E 200 35.87 1.03 1.26
CA LYS E 200 36.40 -0.14 0.50
C LYS E 200 35.60 -1.39 0.90
N PHE E 201 34.28 -1.23 1.02
CA PHE E 201 33.39 -2.33 1.26
C PHE E 201 32.78 -2.79 -0.05
N ASN E 202 32.97 -4.07 -0.42
CA ASN E 202 32.52 -4.63 -1.69
C ASN E 202 31.15 -5.33 -1.61
N GLY E 203 30.53 -5.28 -0.43
CA GLY E 203 29.33 -6.08 -0.11
C GLY E 203 29.72 -7.51 0.19
N THR E 204 28.74 -8.39 0.45
CA THR E 204 29.04 -9.83 0.62
C THR E 204 30.14 -10.03 1.68
N GLY E 205 30.08 -9.33 2.81
CA GLY E 205 31.09 -9.58 3.87
C GLY E 205 30.69 -9.02 5.23
N PRO E 206 31.49 -9.32 6.31
CA PRO E 206 31.52 -8.62 7.57
C PRO E 206 31.84 -7.17 7.35
N CYS E 207 31.21 -6.30 8.13
CA CYS E 207 31.38 -4.86 8.16
C CYS E 207 31.61 -4.46 9.62
N PRO E 208 32.89 -4.26 10.04
CA PRO E 208 33.29 -3.83 11.36
C PRO E 208 32.78 -2.47 11.80
N SER E 209 32.42 -1.57 10.88
CA SER E 209 31.91 -0.30 11.36
C SER E 209 30.50 -0.04 10.85
N VAL E 210 29.52 -0.09 11.74
CA VAL E 210 28.12 0.07 11.38
C VAL E 210 27.43 1.10 12.24
N SER E 211 26.29 1.55 11.75
CA SER E 211 25.43 2.47 12.46
C SER E 211 23.97 2.19 12.19
N THR E 212 23.09 2.73 13.00
CA THR E 212 21.67 2.53 12.81
C THR E 212 20.95 3.78 12.40
N VAL E 213 20.13 3.63 11.37
CA VAL E 213 19.33 4.72 10.90
C VAL E 213 17.89 4.25 10.81
N GLN E 214 16.96 5.18 10.79
CA GLN E 214 15.57 4.78 10.56
C GLN E 214 15.18 4.84 9.07
N CYS E 215 15.80 5.79 8.32
CA CYS E 215 15.59 6.07 6.91
C CYS E 215 16.94 6.11 6.21
N THR E 216 16.94 5.73 4.95
CA THR E 216 18.12 5.77 4.10
C THR E 216 18.35 7.18 3.63
N HIS E 217 19.48 7.42 2.99
CA HIS E 217 19.76 8.71 2.43
C HIS E 217 18.84 8.83 1.27
N GLY E 218 18.69 10.00 0.70
CA GLY E 218 17.79 10.02 -0.43
C GLY E 218 18.48 9.38 -1.61
N ILE E 219 17.75 8.55 -2.32
CA ILE E 219 18.27 7.91 -3.51
C ILE E 219 17.54 8.39 -4.71
N LYS E 220 18.25 8.88 -5.69
CA LYS E 220 17.56 9.33 -6.87
C LYS E 220 17.33 8.15 -7.78
N PRO E 221 16.11 7.85 -8.21
CA PRO E 221 15.78 6.74 -9.07
C PRO E 221 16.14 7.09 -10.50
N VAL E 222 17.42 7.20 -10.76
CA VAL E 222 17.92 7.56 -12.07
C VAL E 222 17.93 6.29 -12.88
N VAL E 223 17.38 6.35 -14.07
CA VAL E 223 17.35 5.18 -14.92
C VAL E 223 18.33 5.27 -16.06
N SER E 224 19.24 4.31 -16.13
CA SER E 224 20.23 4.25 -17.17
C SER E 224 20.72 2.83 -17.38
N THR E 225 21.38 2.59 -18.50
CA THR E 225 21.92 1.25 -18.74
C THR E 225 23.40 1.05 -18.44
N GLN E 226 24.24 1.27 -19.41
CA GLN E 226 25.67 0.97 -19.24
C GLN E 226 26.47 1.78 -18.23
N LEU E 227 26.15 3.04 -18.10
CA LEU E 227 26.85 3.92 -17.17
C LEU E 227 25.85 4.41 -16.19
N LEU E 228 26.24 4.40 -14.93
CA LEU E 228 25.39 4.82 -13.85
C LEU E 228 25.64 6.27 -13.62
N LEU E 229 24.59 7.05 -13.73
CA LEU E 229 24.66 8.48 -13.57
C LEU E 229 24.09 8.94 -12.25
N ASN E 230 24.63 10.06 -11.72
CA ASN E 230 24.21 10.84 -10.56
C ASN E 230 24.03 10.02 -9.26
N GLY E 231 24.91 9.04 -8.98
CA GLY E 231 24.89 8.22 -7.77
C GLY E 231 25.94 8.68 -6.77
N SER E 232 26.23 7.82 -5.83
CA SER E 232 27.21 8.12 -4.82
C SER E 232 28.59 7.74 -5.30
N LEU E 233 29.59 8.45 -4.84
CA LEU E 233 30.96 8.12 -5.16
C LEU E 233 31.64 7.37 -4.05
N ALA E 234 32.62 6.59 -4.42
CA ALA E 234 33.45 5.89 -3.48
C ALA E 234 34.24 6.95 -2.78
N GLU E 235 34.55 6.78 -1.52
CA GLU E 235 35.32 7.82 -0.86
C GLU E 235 36.81 7.78 -1.14
N GLU E 236 37.40 6.61 -1.26
CA GLU E 236 38.85 6.57 -1.43
C GLU E 236 39.34 5.97 -2.73
N GLU E 237 38.83 4.80 -3.10
CA GLU E 237 39.32 4.06 -4.25
C GLU E 237 38.17 3.52 -5.06
N VAL E 238 38.43 3.20 -6.31
CA VAL E 238 37.41 2.60 -7.13
C VAL E 238 37.09 1.22 -6.57
N ILE E 239 35.81 0.90 -6.43
CA ILE E 239 35.45 -0.39 -5.87
C ILE E 239 34.77 -1.30 -6.88
N ILE E 240 35.31 -2.51 -7.02
CA ILE E 240 34.79 -3.51 -7.93
C ILE E 240 33.89 -4.46 -7.16
N ARG E 241 32.62 -4.58 -7.55
CA ARG E 241 31.71 -5.45 -6.82
C ARG E 241 31.00 -6.45 -7.71
N SER E 242 30.92 -7.70 -7.30
CA SER E 242 30.19 -8.69 -8.07
C SER E 242 29.71 -9.79 -7.17
N GLU E 243 28.65 -10.50 -7.56
CA GLU E 243 28.18 -11.63 -6.76
C GLU E 243 29.19 -12.79 -6.66
N ASN E 244 29.85 -13.09 -7.79
CA ASN E 244 30.86 -14.12 -7.97
C ASN E 244 31.79 -13.67 -9.11
N ILE E 245 32.99 -13.16 -8.77
CA ILE E 245 33.90 -12.54 -9.74
C ILE E 245 34.43 -13.50 -10.80
N THR E 246 34.51 -14.79 -10.46
CA THR E 246 35.02 -15.76 -11.38
C THR E 246 33.94 -16.33 -12.28
N ASN E 247 32.70 -15.93 -12.08
CA ASN E 247 31.60 -16.42 -12.90
C ASN E 247 31.32 -15.39 -13.97
N ASN E 248 31.66 -15.68 -15.21
CA ASN E 248 31.54 -14.67 -16.24
C ASN E 248 30.10 -14.34 -16.60
N ALA E 249 29.14 -15.05 -16.04
CA ALA E 249 27.74 -14.78 -16.29
C ALA E 249 27.20 -13.66 -15.41
N LYS E 250 27.99 -13.20 -14.45
CA LYS E 250 27.56 -12.17 -13.53
C LYS E 250 27.99 -10.79 -13.97
N ASN E 251 27.27 -9.76 -13.55
CA ASN E 251 27.69 -8.41 -13.86
C ASN E 251 28.61 -7.89 -12.79
N ILE E 252 29.47 -6.97 -13.17
CA ILE E 252 30.37 -6.29 -12.28
C ILE E 252 29.99 -4.84 -12.14
N LEU E 253 29.80 -4.38 -10.93
CA LEU E 253 29.46 -2.99 -10.75
C LEU E 253 30.72 -2.28 -10.33
N VAL E 254 30.98 -1.13 -10.91
CA VAL E 254 32.16 -0.37 -10.55
C VAL E 254 31.78 0.96 -9.98
N GLN E 255 32.23 1.26 -8.78
CA GLN E 255 31.93 2.55 -8.19
C GLN E 255 33.14 3.45 -8.23
N LEU E 256 33.01 4.60 -8.86
CA LEU E 256 34.14 5.50 -9.05
C LEU E 256 34.34 6.38 -7.85
N ASN E 257 35.58 6.84 -7.61
CA ASN E 257 35.82 7.76 -6.50
C ASN E 257 35.84 9.24 -6.91
N THR E 258 35.68 9.50 -8.19
CA THR E 258 35.60 10.85 -8.73
C THR E 258 34.54 10.75 -9.80
N PRO E 259 33.75 11.76 -10.09
CA PRO E 259 32.79 11.75 -11.14
C PRO E 259 33.47 11.98 -12.46
N VAL E 260 32.87 11.52 -13.53
CA VAL E 260 33.31 11.93 -14.84
C VAL E 260 32.18 12.72 -15.43
N GLN E 261 32.42 13.94 -15.80
CA GLN E 261 31.31 14.72 -16.29
C GLN E 261 31.00 14.45 -17.74
N ILE E 262 29.72 14.27 -18.03
CA ILE E 262 29.24 14.04 -19.39
C ILE E 262 28.19 15.10 -19.79
N ASN E 263 28.40 15.77 -20.94
CA ASN E 263 27.54 16.83 -21.49
C ASN E 263 26.76 16.33 -22.72
N CYS E 264 25.42 16.20 -22.60
CA CYS E 264 24.57 15.66 -23.67
C CYS E 264 23.67 16.73 -24.27
N THR E 265 23.49 16.64 -25.57
CA THR E 265 22.62 17.58 -26.25
C THR E 265 21.86 17.03 -27.43
N ARG E 266 20.74 17.68 -27.69
CA ARG E 266 19.87 17.45 -28.81
C ARG E 266 19.79 18.79 -29.52
N PRO E 267 20.71 19.09 -30.44
CA PRO E 267 20.93 20.39 -31.05
C PRO E 267 19.84 20.93 -31.96
N ASN E 268 18.94 20.06 -32.41
CA ASN E 268 17.91 20.51 -33.33
C ASN E 268 16.84 21.28 -32.58
N ASN E 269 16.45 22.46 -33.11
CA ASN E 269 15.42 23.33 -32.53
C ASN E 269 14.04 22.93 -33.05
N ASN E 270 13.28 22.19 -32.21
CA ASN E 270 11.96 21.65 -32.53
C ASN E 270 10.82 22.60 -32.28
N THR E 271 9.88 22.57 -33.20
CA THR E 271 8.63 23.27 -33.05
C THR E 271 7.59 22.22 -32.83
N VAL E 272 6.91 22.30 -31.70
CA VAL E 272 5.92 21.33 -31.30
C VAL E 272 4.53 21.82 -31.55
N LYS E 273 3.74 20.99 -32.19
CA LYS E 273 2.38 21.30 -32.54
C LYS E 273 1.46 20.31 -31.88
N SER E 274 0.19 20.68 -31.74
CA SER E 274 -0.74 19.71 -31.20
C SER E 274 -2.08 19.80 -31.85
N ILE E 275 -2.77 18.68 -31.83
CA ILE E 275 -4.11 18.59 -32.37
C ILE E 275 -5.06 17.92 -31.42
N ARG E 276 -6.35 18.23 -31.53
CA ARG E 276 -7.31 17.50 -30.73
C ARG E 276 -7.72 16.31 -31.53
N ILE E 277 -7.75 15.15 -30.88
CA ILE E 277 -8.07 13.91 -31.53
C ILE E 277 -9.34 13.28 -31.01
N GLY E 278 -9.98 13.98 -30.09
CA GLY E 278 -11.18 13.47 -29.47
C GLY E 278 -11.72 14.48 -28.46
N PRO E 279 -12.75 14.13 -27.71
CA PRO E 279 -13.48 14.97 -26.79
C PRO E 279 -12.71 15.30 -25.55
N GLY E 280 -11.82 16.27 -25.69
CA GLY E 280 -10.95 16.68 -24.60
C GLY E 280 -9.59 16.01 -24.62
N GLN E 281 -9.22 15.40 -25.74
CA GLN E 281 -7.92 14.74 -25.81
C GLN E 281 -7.06 15.31 -26.90
N ALA E 282 -5.75 15.35 -26.67
CA ALA E 282 -4.88 15.91 -27.69
C ALA E 282 -3.56 15.19 -27.77
N PHE E 283 -3.03 15.21 -28.97
CA PHE E 283 -1.77 14.60 -29.35
C PHE E 283 -0.72 15.62 -29.67
N TYR E 284 0.47 15.39 -29.15
CA TYR E 284 1.60 16.29 -29.40
C TYR E 284 2.60 15.66 -30.32
N TYR E 285 3.11 16.46 -31.24
CA TYR E 285 4.08 15.95 -32.18
C TYR E 285 5.04 17.01 -32.67
N THR E 286 6.18 16.57 -33.21
CA THR E 286 7.11 17.54 -33.75
C THR E 286 6.58 17.94 -35.09
N GLY E 287 6.41 19.23 -35.25
CA GLY E 287 5.88 19.81 -36.46
C GLY E 287 7.01 19.99 -37.43
N ASP E 288 8.02 20.72 -36.99
CA ASP E 288 9.16 20.97 -37.85
C ASP E 288 10.43 21.25 -37.07
N ILE E 289 11.52 21.42 -37.81
CA ILE E 289 12.83 21.80 -37.29
C ILE E 289 13.23 23.11 -37.92
N ILE E 290 13.54 24.08 -37.09
CA ILE E 290 13.86 25.41 -37.57
C ILE E 290 15.19 25.61 -38.26
N GLY E 291 16.25 25.09 -37.68
CA GLY E 291 17.57 25.24 -38.28
C GLY E 291 17.93 23.99 -39.03
N ASP E 292 19.22 23.72 -39.13
CA ASP E 292 19.69 22.55 -39.84
C ASP E 292 19.55 21.33 -38.94
N ILE E 293 19.58 20.15 -39.54
CA ILE E 293 19.39 18.92 -38.79
C ILE E 293 20.69 18.19 -38.51
N ARG E 294 20.99 18.08 -37.22
CA ARG E 294 22.22 17.53 -36.70
C ARG E 294 21.98 16.34 -35.78
N GLN E 295 23.03 15.54 -35.59
CA GLN E 295 22.94 14.37 -34.73
C GLN E 295 23.11 14.70 -33.26
N ALA E 296 22.29 14.06 -32.42
CA ALA E 296 22.37 14.19 -30.97
C ALA E 296 23.67 13.57 -30.51
N HIS E 297 24.27 14.11 -29.48
CA HIS E 297 25.53 13.56 -29.02
C HIS E 297 25.86 13.87 -27.57
N CYS E 298 26.83 13.14 -26.97
CA CYS E 298 27.36 13.37 -25.62
C CYS E 298 28.88 13.46 -25.61
N ASN E 299 29.41 14.41 -24.84
CA ASN E 299 30.84 14.58 -24.71
C ASN E 299 31.35 14.25 -23.30
N VAL E 300 32.54 13.61 -23.22
CA VAL E 300 33.34 13.42 -21.99
C VAL E 300 34.72 13.89 -22.37
N SER E 301 35.55 14.34 -21.43
CA SER E 301 36.87 14.75 -21.86
C SER E 301 37.74 13.53 -22.02
N LYS E 302 38.74 13.61 -22.89
CA LYS E 302 39.59 12.43 -23.00
C LYS E 302 40.44 12.22 -21.81
N ALA E 303 40.99 13.28 -21.25
CA ALA E 303 41.89 13.05 -20.15
C ALA E 303 41.18 12.48 -18.96
N THR E 304 39.96 12.94 -18.67
CA THR E 304 39.30 12.41 -17.51
C THR E 304 38.93 10.99 -17.75
N TRP E 305 38.38 10.68 -18.92
CA TRP E 305 38.00 9.30 -19.15
C TRP E 305 39.20 8.34 -19.10
N ASN E 306 40.36 8.73 -19.69
CA ASN E 306 41.57 7.93 -19.75
C ASN E 306 42.14 7.65 -18.35
N GLU E 307 42.11 8.66 -17.41
CA GLU E 307 42.52 8.47 -16.02
C GLU E 307 41.55 7.58 -15.30
N THR E 308 40.26 7.73 -15.61
CA THR E 308 39.26 6.90 -14.98
C THR E 308 39.47 5.46 -15.31
N LEU E 309 39.72 5.14 -16.58
CA LEU E 309 39.95 3.75 -16.86
C LEU E 309 41.21 3.28 -16.21
N GLY E 310 42.25 4.09 -16.17
CA GLY E 310 43.46 3.59 -15.53
C GLY E 310 43.18 3.17 -14.09
N LYS E 311 42.39 3.97 -13.38
CA LYS E 311 42.00 3.66 -12.02
C LYS E 311 41.16 2.39 -11.91
N VAL E 312 40.32 2.13 -12.91
CA VAL E 312 39.49 0.94 -12.89
C VAL E 312 40.33 -0.29 -13.13
N VAL E 313 41.23 -0.22 -14.09
CA VAL E 313 42.07 -1.35 -14.45
C VAL E 313 42.92 -1.74 -13.27
N LYS E 314 43.44 -0.76 -12.59
CA LYS E 314 44.25 -1.02 -11.43
C LYS E 314 43.54 -1.86 -10.39
N GLN E 315 42.22 -1.72 -10.24
CA GLN E 315 41.52 -2.50 -9.24
C GLN E 315 41.09 -3.84 -9.81
N LEU E 316 40.86 -3.92 -11.11
CA LEU E 316 40.47 -5.18 -11.68
C LEU E 316 41.60 -6.16 -11.50
N ARG E 317 42.83 -5.66 -11.52
CA ARG E 317 44.02 -6.49 -11.37
C ARG E 317 44.13 -7.20 -10.03
N LYS E 318 43.23 -6.86 -9.10
CA LYS E 318 43.24 -7.52 -7.76
C LYS E 318 42.55 -8.88 -7.87
N HIS E 319 41.71 -9.05 -8.89
CA HIS E 319 40.99 -10.29 -9.09
C HIS E 319 41.50 -11.03 -10.30
N PHE E 320 42.08 -10.29 -11.23
CA PHE E 320 42.61 -10.83 -12.45
C PHE E 320 44.04 -10.37 -12.51
N GLY E 321 44.86 -10.95 -11.64
CA GLY E 321 46.20 -10.44 -11.43
C GLY E 321 47.27 -11.20 -12.15
N ASN E 322 48.47 -11.09 -11.64
CA ASN E 322 49.64 -11.70 -12.26
C ASN E 322 49.89 -11.21 -13.68
N ASN E 323 49.81 -9.89 -13.86
CA ASN E 323 50.09 -9.19 -15.12
C ASN E 323 49.30 -9.60 -16.34
N THR E 324 48.00 -9.69 -16.20
CA THR E 324 47.11 -10.03 -17.30
C THR E 324 46.93 -8.84 -18.20
N ILE E 325 46.36 -9.09 -19.34
CA ILE E 325 46.04 -8.01 -20.23
C ILE E 325 44.59 -7.70 -20.03
N ILE E 326 44.29 -6.45 -19.74
CA ILE E 326 42.92 -6.05 -19.54
C ILE E 326 42.44 -5.29 -20.74
N ARG E 327 41.51 -5.88 -21.47
CA ARG E 327 41.02 -5.30 -22.74
C ARG E 327 39.56 -4.86 -22.58
N PHE E 328 39.23 -3.65 -23.02
CA PHE E 328 37.87 -3.19 -23.05
C PHE E 328 37.40 -3.22 -24.47
N ALA E 329 36.15 -3.56 -24.64
CA ALA E 329 35.57 -3.64 -25.96
C ALA E 329 34.13 -3.21 -25.94
N GLN E 330 33.60 -2.87 -27.09
CA GLN E 330 32.23 -2.42 -27.19
C GLN E 330 31.25 -3.54 -26.92
N SER E 331 30.08 -3.16 -26.44
CA SER E 331 29.00 -4.11 -26.21
C SER E 331 28.48 -4.60 -27.52
N SER E 332 28.08 -5.85 -27.57
CA SER E 332 27.55 -6.40 -28.80
C SER E 332 26.37 -7.31 -28.53
N GLY E 333 25.31 -7.08 -29.27
CA GLY E 333 24.07 -7.83 -29.17
C GLY E 333 23.02 -7.13 -30.01
N GLY E 334 21.83 -7.72 -30.11
CA GLY E 334 20.78 -7.08 -30.91
C GLY E 334 19.96 -6.02 -30.19
N ASP E 335 19.81 -6.15 -28.88
CA ASP E 335 18.95 -5.24 -28.14
C ASP E 335 19.54 -3.86 -27.93
N LEU E 336 18.81 -2.82 -28.32
CA LEU E 336 19.30 -1.46 -28.20
C LEU E 336 19.50 -1.01 -26.76
N GLU E 337 18.66 -1.45 -25.82
CA GLU E 337 18.82 -0.98 -24.45
C GLU E 337 20.09 -1.59 -23.89
N VAL E 338 20.40 -2.79 -24.31
CA VAL E 338 21.58 -3.46 -23.81
C VAL E 338 22.88 -2.93 -24.43
N THR E 339 22.91 -2.73 -25.74
CA THR E 339 24.14 -2.33 -26.38
C THR E 339 24.42 -0.86 -26.35
N THR E 340 23.42 -0.05 -26.09
CA THR E 340 23.60 1.37 -26.14
C THR E 340 23.34 2.01 -24.77
N HIS E 341 23.92 3.18 -24.51
CA HIS E 341 23.70 3.86 -23.26
C HIS E 341 22.41 4.64 -23.31
N SER E 342 21.44 4.14 -22.59
CA SER E 342 20.12 4.67 -22.58
C SER E 342 19.89 5.51 -21.35
N PHE E 343 19.36 6.72 -21.56
CA PHE E 343 19.01 7.63 -20.47
C PHE E 343 17.99 8.69 -20.88
N ASN E 344 17.35 9.28 -19.88
CA ASN E 344 16.42 10.40 -20.05
C ASN E 344 17.11 11.75 -19.80
N CYS E 345 17.19 12.62 -20.82
CA CYS E 345 17.85 13.94 -20.78
C CYS E 345 16.80 15.03 -21.01
N GLY E 346 16.34 15.61 -19.92
CA GLY E 346 15.36 16.67 -20.05
C GLY E 346 13.99 16.21 -20.49
N GLY E 347 13.67 14.94 -20.33
CA GLY E 347 12.40 14.40 -20.78
C GLY E 347 12.56 13.68 -22.10
N GLU E 348 13.67 13.88 -22.81
CA GLU E 348 13.85 13.19 -24.08
C GLU E 348 14.58 11.87 -23.86
N PHE E 349 14.36 10.89 -24.73
CA PHE E 349 15.04 9.59 -24.57
C PHE E 349 16.16 9.32 -25.58
N PHE E 350 17.37 9.23 -25.02
CA PHE E 350 18.63 9.07 -25.75
C PHE E 350 19.21 7.68 -25.67
N TYR E 351 19.79 7.25 -26.78
CA TYR E 351 20.51 5.99 -26.94
C TYR E 351 21.90 6.23 -27.54
N CYS E 352 22.94 6.39 -26.70
CA CYS E 352 24.28 6.82 -27.09
C CYS E 352 25.25 5.66 -27.27
N ASN E 353 26.01 5.72 -28.33
CA ASN E 353 26.98 4.69 -28.67
C ASN E 353 28.30 4.93 -27.93
N THR E 354 28.64 4.03 -27.00
CA THR E 354 29.79 4.06 -26.09
C THR E 354 30.99 3.31 -26.59
N SER E 355 31.02 2.90 -27.85
CA SER E 355 32.19 2.19 -28.34
C SER E 355 33.43 3.05 -28.25
N GLY E 356 33.27 4.38 -28.29
CA GLY E 356 34.39 5.28 -28.17
C GLY E 356 34.96 5.33 -26.77
N LEU E 357 34.23 4.81 -25.79
CA LEU E 357 34.69 4.83 -24.43
C LEU E 357 35.33 3.51 -24.05
N PHE E 358 34.89 2.43 -24.68
CA PHE E 358 35.37 1.10 -24.33
C PHE E 358 36.02 0.39 -25.49
N ASN E 359 37.21 0.88 -25.88
CA ASN E 359 38.00 0.37 -26.99
C ASN E 359 39.50 0.63 -26.68
N SER E 360 40.11 -0.22 -25.82
CA SER E 360 41.51 -0.05 -25.37
C SER E 360 42.10 -1.33 -24.80
N THR E 361 43.43 -1.42 -24.80
CA THR E 361 44.10 -2.55 -24.17
C THR E 361 45.13 -2.07 -23.17
N TRP E 362 45.06 -2.60 -21.97
CA TRP E 362 45.98 -2.20 -20.93
C TRP E 362 46.93 -3.31 -20.49
N ILE E 363 48.17 -2.94 -20.34
CA ILE E 363 49.25 -3.81 -19.90
C ILE E 363 49.94 -3.16 -18.72
N SER E 364 50.75 -3.94 -18.00
CA SER E 364 51.38 -3.41 -16.75
C SER E 364 52.42 -2.35 -17.10
N ASN E 365 52.70 -2.12 -18.39
CA ASN E 365 53.80 -1.21 -18.81
C ASN E 365 53.28 0.07 -19.44
N THR E 366 51.96 0.29 -19.38
CA THR E 366 51.37 1.57 -19.87
C THR E 366 50.69 2.29 -18.70
N SER E 367 50.48 3.62 -18.81
CA SER E 367 49.84 4.31 -17.70
C SER E 367 49.34 5.73 -18.04
N VAL E 368 48.39 6.22 -17.21
CA VAL E 368 47.75 7.54 -17.23
C VAL E 368 46.89 7.63 -15.96
N SER E 376 44.86 17.78 -23.31
CA SER E 376 44.27 18.98 -22.77
C SER E 376 43.19 19.52 -23.73
N ASN E 377 41.92 19.61 -23.23
CA ASN E 377 40.69 20.09 -23.88
C ASN E 377 40.21 19.25 -25.05
N ASP E 378 40.79 18.07 -25.21
CA ASP E 378 40.35 17.17 -26.24
C ASP E 378 39.18 16.39 -25.68
N SER E 379 38.34 15.85 -26.54
CA SER E 379 37.16 15.14 -26.07
C SER E 379 36.66 14.00 -26.92
N ILE E 380 35.83 13.18 -26.32
CA ILE E 380 35.24 12.04 -26.97
C ILE E 380 33.79 12.29 -27.23
N THR E 381 33.39 12.24 -28.49
CA THR E 381 31.99 12.48 -28.82
C THR E 381 31.31 11.17 -29.14
N LEU E 382 30.23 10.92 -28.45
CA LEU E 382 29.43 9.73 -28.61
C LEU E 382 28.19 10.13 -29.40
N PRO E 383 27.92 9.57 -30.58
CA PRO E 383 26.75 9.88 -31.35
C PRO E 383 25.61 9.24 -30.60
N CYS E 384 24.39 9.81 -30.66
CA CYS E 384 23.19 9.28 -30.01
C CYS E 384 21.99 9.22 -30.94
N ARG E 385 21.12 8.26 -30.69
CA ARG E 385 19.86 8.14 -31.39
C ARG E 385 18.75 8.50 -30.44
N ILE E 386 17.63 8.94 -30.98
CA ILE E 386 16.48 9.28 -30.14
C ILE E 386 15.22 8.54 -30.52
N LYS E 387 14.45 8.13 -29.49
CA LYS E 387 13.18 7.45 -29.73
C LYS E 387 12.04 8.10 -28.99
N GLN E 388 10.84 8.04 -29.55
CA GLN E 388 9.66 8.46 -28.84
C GLN E 388 8.82 7.32 -28.32
N ILE E 389 8.96 6.12 -28.87
CA ILE E 389 8.17 5.01 -28.35
C ILE E 389 9.03 4.16 -27.47
N ILE E 390 8.72 4.22 -26.19
CA ILE E 390 9.55 3.63 -25.18
C ILE E 390 8.89 2.44 -24.49
N ASN E 391 9.60 1.33 -24.39
CA ASN E 391 9.09 0.16 -23.68
C ASN E 391 9.95 -0.08 -22.46
N MET E 392 9.50 0.37 -21.30
CA MET E 392 10.33 0.28 -20.11
C MET E 392 10.16 -0.97 -19.28
N TRP E 393 11.17 -1.20 -18.45
CA TRP E 393 11.25 -2.23 -17.43
C TRP E 393 11.23 -3.63 -18.02
N GLN E 394 11.57 -3.71 -19.29
CA GLN E 394 11.62 -4.93 -20.08
C GLN E 394 10.26 -5.60 -20.20
N ARG E 395 9.19 -4.83 -20.10
CA ARG E 395 7.88 -5.41 -20.23
C ARG E 395 7.42 -5.38 -21.65
N ILE E 396 6.58 -6.34 -21.99
CA ILE E 396 5.96 -6.39 -23.30
C ILE E 396 4.48 -6.21 -23.13
N GLY E 397 3.88 -5.35 -23.94
CA GLY E 397 2.45 -5.11 -23.87
C GLY E 397 2.11 -3.70 -23.45
N GLN E 398 3.08 -2.98 -22.94
CA GLN E 398 2.87 -1.60 -22.57
C GLN E 398 3.86 -0.77 -23.33
N ALA E 399 3.47 0.44 -23.67
CA ALA E 399 4.36 1.36 -24.35
C ALA E 399 3.97 2.76 -24.01
N MET E 400 4.94 3.63 -24.04
CA MET E 400 4.70 5.03 -23.81
C MET E 400 5.17 5.85 -24.96
N TYR E 401 4.42 6.88 -25.30
CA TYR E 401 4.82 7.84 -26.29
C TYR E 401 5.29 9.05 -25.57
N ALA E 402 6.53 9.42 -25.81
CA ALA E 402 7.11 10.56 -25.17
C ALA E 402 6.87 11.78 -26.03
N PRO E 403 6.10 12.79 -25.59
CA PRO E 403 5.80 13.96 -26.34
C PRO E 403 7.11 14.61 -26.61
N PRO E 404 7.26 15.32 -27.69
CA PRO E 404 8.43 16.06 -28.07
C PRO E 404 8.51 17.28 -27.21
N ILE E 405 9.71 17.79 -27.08
CA ILE E 405 9.96 19.00 -26.34
C ILE E 405 10.39 20.11 -27.25
N GLN E 406 9.72 21.23 -27.12
CA GLN E 406 10.00 22.42 -27.91
C GLN E 406 11.33 23.01 -27.53
N GLY E 407 12.08 23.48 -28.52
CA GLY E 407 13.35 24.09 -28.23
C GLY E 407 14.51 23.11 -28.39
N VAL E 408 15.60 23.41 -27.68
CA VAL E 408 16.86 22.69 -27.76
C VAL E 408 17.18 22.11 -26.39
N ILE E 409 17.61 20.86 -26.34
CA ILE E 409 17.86 20.20 -25.06
C ILE E 409 19.30 20.03 -24.71
N ARG E 410 19.65 20.44 -23.52
CA ARG E 410 20.99 20.23 -23.02
C ARG E 410 20.92 19.82 -21.54
N CYS E 411 21.74 18.82 -21.13
CA CYS E 411 21.84 18.36 -19.73
C CYS E 411 23.27 17.97 -19.42
N VAL E 412 23.65 18.17 -18.16
CA VAL E 412 24.95 17.78 -17.69
C VAL E 412 24.82 16.80 -16.56
N SER E 413 25.43 15.65 -16.72
CA SER E 413 25.32 14.60 -15.71
C SER E 413 26.70 14.14 -15.24
N ASN E 414 26.74 13.48 -14.07
CA ASN E 414 27.94 12.88 -13.49
C ASN E 414 27.90 11.36 -13.68
N ILE E 415 28.99 10.76 -14.19
CA ILE E 415 29.13 9.30 -14.29
C ILE E 415 29.76 8.91 -12.98
N THR E 416 29.05 8.09 -12.22
CA THR E 416 29.50 7.69 -10.92
C THR E 416 29.82 6.21 -10.87
N GLY E 417 29.48 5.49 -11.93
CA GLY E 417 29.79 4.08 -11.95
C GLY E 417 29.54 3.43 -13.29
N LEU E 418 29.96 2.19 -13.39
CA LEU E 418 29.84 1.39 -14.61
C LEU E 418 29.24 0.02 -14.40
N ILE E 419 28.57 -0.52 -15.41
CA ILE E 419 28.23 -1.94 -15.34
C ILE E 419 29.00 -2.67 -16.42
N LEU E 420 29.82 -3.64 -16.02
CA LEU E 420 30.64 -4.41 -16.95
C LEU E 420 30.37 -5.90 -16.92
N THR E 421 30.61 -6.56 -18.04
CA THR E 421 30.52 -8.01 -18.08
C THR E 421 31.85 -8.51 -18.55
N ARG E 422 32.12 -9.79 -18.38
CA ARG E 422 33.40 -10.33 -18.82
C ARG E 422 33.18 -11.48 -19.78
N ASP E 423 33.98 -11.52 -20.84
CA ASP E 423 33.90 -12.60 -21.79
C ASP E 423 34.36 -13.89 -21.18
N GLY E 424 33.70 -14.99 -21.50
CA GLY E 424 34.15 -16.27 -21.00
C GLY E 424 34.92 -17.02 -22.07
N GLY E 425 35.14 -18.32 -21.85
CA GLY E 425 35.83 -19.18 -22.81
C GLY E 425 37.34 -19.20 -22.70
N SER E 426 37.89 -18.42 -21.77
CA SER E 426 39.32 -18.34 -21.60
C SER E 426 39.85 -19.17 -20.45
N THR E 427 40.61 -20.21 -20.80
CA THR E 427 41.21 -21.10 -19.81
C THR E 427 42.66 -21.18 -20.18
N ASN E 428 42.87 -20.79 -21.43
CA ASN E 428 44.08 -20.85 -22.20
C ASN E 428 44.55 -19.48 -22.67
N SER E 429 44.26 -18.45 -21.91
CA SER E 429 44.63 -17.10 -22.29
C SER E 429 44.89 -16.23 -21.10
N THR E 430 45.75 -15.24 -21.32
CA THR E 430 46.14 -14.28 -20.32
C THR E 430 45.46 -12.95 -20.54
N THR E 431 44.55 -12.91 -21.51
CA THR E 431 43.84 -11.67 -21.82
C THR E 431 42.39 -11.77 -21.44
N GLU E 432 41.93 -10.83 -20.63
CA GLU E 432 40.54 -10.75 -20.22
C GLU E 432 39.88 -9.63 -20.98
N THR E 433 38.64 -9.80 -21.38
CA THR E 433 37.94 -8.73 -22.07
C THR E 433 36.67 -8.35 -21.35
N PHE E 434 36.50 -7.06 -21.14
CA PHE E 434 35.36 -6.50 -20.47
C PHE E 434 34.53 -5.66 -21.42
N ARG E 435 33.24 -5.74 -21.29
CA ARG E 435 32.33 -4.99 -22.15
C ARG E 435 31.29 -4.34 -21.30
N PRO E 436 30.69 -3.25 -21.70
CA PRO E 436 29.57 -2.66 -21.04
C PRO E 436 28.43 -3.62 -21.00
N GLY E 437 27.70 -3.63 -19.91
CA GLY E 437 26.51 -4.46 -19.77
C GLY E 437 25.35 -3.64 -19.27
N GLY E 438 24.26 -4.28 -18.89
CA GLY E 438 23.11 -3.53 -18.41
C GLY E 438 21.82 -4.16 -18.85
N GLY E 439 20.72 -3.44 -18.64
CA GLY E 439 19.37 -3.90 -18.98
C GLY E 439 18.54 -4.41 -17.80
N ASP E 440 19.18 -4.72 -16.67
CA ASP E 440 18.43 -5.18 -15.52
C ASP E 440 18.49 -4.11 -14.48
N MET E 441 17.41 -3.41 -14.30
CA MET E 441 17.35 -2.24 -13.47
C MET E 441 17.67 -2.48 -12.03
N ARG E 442 17.52 -3.70 -11.57
CA ARG E 442 17.79 -3.91 -10.18
C ARG E 442 19.25 -3.67 -9.89
N ASP E 443 20.11 -3.82 -10.89
CA ASP E 443 21.52 -3.62 -10.68
C ASP E 443 21.86 -2.17 -10.51
N ASN E 444 20.98 -1.26 -10.91
CA ASN E 444 21.30 0.13 -10.70
C ASN E 444 20.99 0.44 -9.27
N TRP E 445 19.83 -0.06 -8.83
CA TRP E 445 19.36 0.14 -7.42
C TRP E 445 20.43 -0.39 -6.46
N ARG E 446 21.00 -1.56 -6.77
CA ARG E 446 21.94 -2.20 -5.87
C ARG E 446 23.13 -1.31 -5.60
N SER E 447 23.42 -0.33 -6.47
CA SER E 447 24.60 0.49 -6.28
C SER E 447 24.41 1.53 -5.20
N GLU E 448 23.17 1.76 -4.77
CA GLU E 448 22.94 2.72 -3.69
C GLU E 448 22.54 2.01 -2.42
N LEU E 449 21.89 0.86 -2.55
CA LEU E 449 21.38 0.14 -1.41
C LEU E 449 22.34 -0.90 -0.86
N TYR E 450 23.53 -0.98 -1.40
CA TYR E 450 24.49 -1.99 -0.98
C TYR E 450 24.93 -1.88 0.46
N LYS E 451 24.81 -0.70 1.03
CA LYS E 451 25.24 -0.50 2.39
C LYS E 451 24.14 -0.64 3.39
N TYR E 452 22.91 -0.97 2.96
CA TYR E 452 21.84 -1.05 3.94
C TYR E 452 21.27 -2.44 4.14
N LYS E 453 20.91 -2.72 5.37
CA LYS E 453 20.28 -3.99 5.72
C LYS E 453 19.08 -3.76 6.63
N VAL E 454 18.01 -4.51 6.46
CA VAL E 454 16.86 -4.35 7.35
C VAL E 454 16.81 -5.44 8.38
N VAL E 455 16.70 -5.05 9.65
CA VAL E 455 16.63 -6.03 10.71
C VAL E 455 15.42 -5.79 11.58
N LYS E 456 14.94 -6.84 12.21
CA LYS E 456 13.83 -6.79 13.15
C LYS E 456 14.34 -6.71 14.53
N ILE E 457 13.76 -5.84 15.33
CA ILE E 457 14.21 -5.70 16.69
C ILE E 457 13.50 -6.72 17.54
N GLU E 458 14.27 -7.43 18.35
CA GLU E 458 13.72 -8.47 19.23
C GLU E 458 14.02 -8.15 20.68
N PRO E 459 13.25 -7.27 21.33
CA PRO E 459 13.51 -6.69 22.62
C PRO E 459 13.34 -7.62 23.79
N LEU E 460 12.75 -8.79 23.61
CA LEU E 460 12.50 -9.65 24.75
C LEU E 460 13.49 -10.78 24.81
N GLY E 461 14.02 -11.05 25.99
CA GLY E 461 14.93 -12.19 26.15
C GLY E 461 15.20 -12.53 27.60
N VAL E 462 15.93 -13.63 27.82
CA VAL E 462 16.21 -14.10 29.17
C VAL E 462 17.68 -14.37 29.39
N ALA E 463 18.11 -14.33 30.66
CA ALA E 463 19.46 -14.68 31.07
C ALA E 463 19.45 -15.04 32.54
N PRO E 464 20.36 -15.87 33.06
CA PRO E 464 20.46 -16.21 34.47
C PRO E 464 20.99 -15.07 35.31
N THR E 465 20.42 -14.92 36.48
CA THR E 465 20.88 -13.98 37.49
C THR E 465 20.70 -14.63 38.84
N ARG E 466 21.07 -13.93 39.90
CA ARG E 466 20.83 -14.45 41.24
C ARG E 466 19.48 -14.04 41.88
N CYS E 467 18.61 -13.33 41.13
CA CYS E 467 17.35 -12.75 41.59
C CYS E 467 16.18 -13.72 41.47
N LYS E 468 15.57 -14.03 42.61
CA LYS E 468 14.44 -14.94 42.63
C LYS E 468 13.20 -14.26 43.18
N ARG E 469 12.05 -14.44 42.52
CA ARG E 469 10.81 -13.71 42.90
C ARG E 469 10.38 -14.14 44.31
N SER F 1 24.95 9.71 26.91
CA SER F 1 23.60 9.48 26.40
C SER F 1 23.68 8.80 25.01
N LEU F 2 23.20 7.54 24.95
CA LEU F 2 23.15 6.70 23.75
C LEU F 2 21.77 6.73 23.15
N GLY F 3 21.68 6.51 21.85
CA GLY F 3 20.39 6.44 21.18
C GLY F 3 19.96 5.00 21.01
N PHE F 4 19.03 4.77 20.11
CA PHE F 4 18.47 3.46 19.90
C PHE F 4 19.52 2.50 19.43
N LEU F 5 19.64 1.38 20.15
CA LEU F 5 20.62 0.32 19.93
C LEU F 5 22.03 0.79 20.14
N GLY F 6 22.22 1.93 20.76
CA GLY F 6 23.56 2.44 20.98
C GLY F 6 24.37 1.51 21.85
N ALA F 7 23.71 0.78 22.74
CA ALA F 7 24.39 -0.14 23.62
C ALA F 7 24.67 -1.46 22.95
N ALA F 8 24.22 -1.66 21.73
CA ALA F 8 24.49 -2.93 21.12
C ALA F 8 25.98 -3.04 21.04
N GLY F 9 26.52 -4.18 21.37
CA GLY F 9 27.96 -4.36 21.33
C GLY F 9 28.59 -4.17 22.71
N SER F 10 27.88 -3.53 23.63
CA SER F 10 28.40 -3.34 24.95
C SER F 10 28.06 -4.63 25.64
N THR F 11 28.57 -4.85 26.82
CA THR F 11 28.28 -6.10 27.45
C THR F 11 26.88 -6.13 28.02
N MET F 12 26.40 -7.31 28.35
CA MET F 12 25.05 -7.48 28.86
C MET F 12 24.81 -6.66 30.12
N GLY F 13 25.81 -6.58 30.97
CA GLY F 13 25.68 -5.87 32.22
C GLY F 13 25.69 -4.36 32.05
N ALA F 14 26.03 -3.87 30.86
CA ALA F 14 26.04 -2.45 30.60
C ALA F 14 24.77 -2.07 29.88
N ALA F 15 24.43 -2.90 28.92
CA ALA F 15 23.28 -2.74 28.04
C ALA F 15 21.99 -2.74 28.81
N SER F 16 21.93 -3.49 29.90
CA SER F 16 20.74 -3.62 30.72
C SER F 16 20.32 -2.28 31.34
N MET F 17 21.16 -1.28 31.30
CA MET F 17 20.79 0.01 31.84
C MET F 17 20.10 0.92 30.81
N THR F 18 19.90 0.44 29.58
CA THR F 18 19.30 1.23 28.52
C THR F 18 18.00 0.60 28.05
N LEU F 19 17.36 -0.17 28.91
CA LEU F 19 16.15 -0.86 28.49
C LEU F 19 15.04 0.09 28.07
N THR F 20 14.99 1.31 28.59
CA THR F 20 13.92 2.19 28.12
C THR F 20 14.25 2.81 26.78
N VAL F 21 15.50 2.79 26.37
CA VAL F 21 15.88 3.41 25.13
C VAL F 21 15.30 2.58 24.01
N GLN F 22 15.40 1.28 24.15
CA GLN F 22 14.87 0.40 23.12
C GLN F 22 13.42 0.08 23.33
N ALA F 23 12.82 0.56 24.41
CA ALA F 23 11.42 0.30 24.66
C ALA F 23 10.59 1.40 24.05
N ARG F 24 11.08 2.63 24.16
CA ARG F 24 10.36 3.80 23.66
C ARG F 24 10.15 3.77 22.17
N ASN F 25 11.06 3.17 21.44
CA ASN F 25 10.97 3.16 20.00
C ASN F 25 10.17 2.00 19.43
N LEU F 26 9.68 1.13 20.28
CA LEU F 26 8.87 0.05 19.77
C LEU F 26 7.59 0.77 19.62
N LEU F 27 6.79 0.41 18.66
CA LEU F 27 5.50 1.09 18.44
C LEU F 27 5.65 2.61 18.08
N SER F 28 6.89 3.10 17.77
CA SER F 28 7.18 4.49 17.41
C SER F 28 8.58 4.55 16.81
N HIS F 52 -1.41 2.62 -3.80
CA HIS F 52 -0.16 1.86 -3.63
C HIS F 52 0.28 2.01 -2.16
N TRP F 53 0.71 3.23 -1.78
CA TRP F 53 1.18 3.59 -0.45
C TRP F 53 0.09 3.60 0.58
N GLY F 54 -1.14 3.82 0.17
CA GLY F 54 -2.20 3.83 1.17
C GLY F 54 -2.17 2.51 1.92
N ILE F 55 -2.23 1.40 1.20
CA ILE F 55 -2.22 0.12 1.84
C ILE F 55 -0.85 -0.21 2.38
N LYS F 56 0.19 0.02 1.59
CA LYS F 56 1.58 -0.25 2.07
C LYS F 56 1.74 0.27 3.51
N GLN F 57 1.43 1.55 3.72
CA GLN F 57 1.66 2.23 4.97
C GLN F 57 0.73 1.70 6.05
N LEU F 58 -0.52 1.43 5.69
CA LEU F 58 -1.45 0.95 6.69
C LEU F 58 -1.05 -0.42 7.19
N GLN F 59 -0.59 -1.29 6.30
CA GLN F 59 -0.20 -2.62 6.74
C GLN F 59 0.98 -2.55 7.66
N ALA F 60 1.93 -1.67 7.36
CA ALA F 60 3.10 -1.51 8.18
C ALA F 60 2.75 -1.06 9.60
N ARG F 61 1.73 -0.20 9.72
CA ARG F 61 1.33 0.29 11.01
C ARG F 61 0.66 -0.80 11.82
N VAL F 62 -0.16 -1.60 11.16
CA VAL F 62 -0.83 -2.69 11.85
C VAL F 62 0.18 -3.69 12.31
N LEU F 63 1.17 -3.98 11.49
CA LEU F 63 2.17 -4.93 11.85
C LEU F 63 2.96 -4.51 13.07
N ALA F 64 3.32 -3.23 13.16
CA ALA F 64 4.06 -2.78 14.32
C ALA F 64 3.25 -3.01 15.59
N VAL F 65 1.95 -2.79 15.50
CA VAL F 65 1.09 -3.00 16.65
C VAL F 65 1.01 -4.46 17.01
N GLU F 66 0.86 -5.33 16.04
CA GLU F 66 0.77 -6.74 16.35
C GLU F 66 2.02 -7.26 17.02
N HIS F 67 3.19 -6.82 16.58
CA HIS F 67 4.38 -7.33 17.25
C HIS F 67 4.47 -6.81 18.66
N TYR F 68 4.12 -5.56 18.86
CA TYR F 68 4.17 -5.00 20.19
C TYR F 68 3.30 -5.79 21.12
N LEU F 69 2.07 -6.06 20.69
CA LEU F 69 1.15 -6.76 21.55
C LEU F 69 1.55 -8.19 21.83
N ARG F 70 2.17 -8.89 20.89
CA ARG F 70 2.57 -10.25 21.21
C ARG F 70 3.58 -10.28 22.35
N ASP F 71 4.52 -9.33 22.36
CA ASP F 71 5.49 -9.33 23.44
C ASP F 71 4.84 -8.97 24.74
N GLN F 72 3.89 -8.05 24.70
CA GLN F 72 3.23 -7.66 25.92
C GLN F 72 2.41 -8.81 26.46
N GLN F 73 1.82 -9.60 25.57
CA GLN F 73 1.01 -10.72 25.99
C GLN F 73 1.85 -11.73 26.73
N LEU F 74 3.06 -12.01 26.26
CA LEU F 74 3.88 -12.95 26.96
C LEU F 74 4.28 -12.43 28.32
N LEU F 75 4.60 -11.16 28.40
CA LEU F 75 4.98 -10.64 29.70
C LEU F 75 3.79 -10.77 30.64
N GLY F 76 2.59 -10.57 30.11
CA GLY F 76 1.41 -10.70 30.92
C GLY F 76 1.27 -12.10 31.49
N ILE F 77 1.38 -13.10 30.63
CA ILE F 77 1.23 -14.49 31.01
C ILE F 77 2.29 -14.93 32.00
N TRP F 78 3.50 -14.44 31.85
CA TRP F 78 4.59 -14.78 32.73
C TRP F 78 4.58 -14.01 34.04
N GLY F 79 3.66 -13.05 34.22
CA GLY F 79 3.60 -12.23 35.42
C GLY F 79 4.59 -11.04 35.49
N CYS F 80 5.05 -10.54 34.33
CA CYS F 80 6.02 -9.46 34.13
C CYS F 80 5.38 -8.28 33.41
N SER F 81 4.07 -8.14 33.52
CA SER F 81 3.37 -7.14 32.74
C SER F 81 3.76 -5.69 32.94
N GLY F 82 4.21 -5.33 34.11
CA GLY F 82 4.57 -3.95 34.37
C GLY F 82 6.06 -3.70 34.47
N LYS F 83 6.90 -4.66 34.06
CA LYS F 83 8.33 -4.49 34.31
C LYS F 83 9.24 -4.62 33.10
N LEU F 84 10.39 -3.94 33.14
CA LEU F 84 11.42 -4.10 32.13
C LEU F 84 12.36 -5.17 32.62
N ILE F 85 12.55 -5.25 33.93
CA ILE F 85 13.37 -6.30 34.53
C ILE F 85 12.44 -7.09 35.44
N CYS F 86 12.28 -8.42 35.21
CA CYS F 86 11.36 -9.26 35.97
C CYS F 86 12.01 -10.56 36.41
N CYS F 87 11.95 -10.80 37.70
CA CYS F 87 12.57 -11.98 38.27
C CYS F 87 11.53 -13.05 38.49
N THR F 88 11.80 -14.27 38.05
CA THR F 88 10.82 -15.32 38.26
C THR F 88 11.33 -16.42 39.19
N ASN F 89 10.57 -17.51 39.28
CA ASN F 89 10.86 -18.64 40.16
C ASN F 89 11.24 -19.90 39.40
N VAL F 90 11.69 -19.72 38.17
CA VAL F 90 12.12 -20.83 37.34
C VAL F 90 13.63 -20.88 37.42
N PRO F 91 14.24 -21.98 37.89
CA PRO F 91 15.67 -22.12 38.06
C PRO F 91 16.33 -22.24 36.73
N TRP F 92 17.57 -21.80 36.67
CA TRP F 92 18.36 -21.92 35.47
C TRP F 92 18.99 -23.31 35.36
N ASN F 93 18.90 -23.92 34.17
CA ASN F 93 19.49 -25.21 33.83
C ASN F 93 20.87 -25.02 33.20
N SER F 94 21.88 -25.73 33.73
CA SER F 94 23.26 -25.72 33.23
C SER F 94 23.32 -26.36 31.85
N SER F 95 22.28 -27.13 31.50
CA SER F 95 22.22 -27.75 30.20
C SER F 95 21.84 -26.74 29.12
N TRP F 96 21.26 -25.59 29.51
CA TRP F 96 20.89 -24.58 28.53
C TRP F 96 22.14 -23.81 28.25
N SER F 97 22.84 -23.47 29.32
CA SER F 97 24.10 -22.76 29.23
C SER F 97 24.86 -22.83 30.53
N ASN F 98 26.06 -23.40 30.48
CA ASN F 98 26.88 -23.56 31.66
C ASN F 98 27.99 -22.52 31.67
N ARG F 99 27.74 -21.39 32.27
CA ARG F 99 28.69 -20.30 32.28
C ARG F 99 28.69 -19.59 33.63
N ASN F 100 29.83 -19.07 34.03
CA ASN F 100 29.91 -18.30 35.25
C ASN F 100 29.17 -17.00 35.03
N LEU F 101 28.53 -16.45 36.05
CA LEU F 101 27.88 -15.17 35.77
C LEU F 101 28.86 -14.12 35.30
N SER F 102 30.10 -14.15 35.78
CA SER F 102 31.02 -13.11 35.38
C SER F 102 31.37 -13.19 33.89
N GLU F 103 31.19 -14.33 33.26
CA GLU F 103 31.53 -14.45 31.86
C GLU F 103 30.30 -14.35 31.01
N ILE F 104 29.17 -14.03 31.63
CA ILE F 104 27.94 -13.80 30.91
C ILE F 104 27.69 -12.33 30.91
N TRP F 105 27.69 -11.75 32.10
CA TRP F 105 27.35 -10.36 32.24
C TRP F 105 28.48 -9.38 31.91
N ASP F 106 29.74 -9.75 32.11
CA ASP F 106 30.82 -8.81 31.80
C ASP F 106 31.50 -9.10 30.47
N ASN F 107 31.43 -10.34 29.98
CA ASN F 107 32.18 -10.71 28.77
C ASN F 107 31.37 -11.09 27.55
N MET F 108 30.10 -10.78 27.54
CA MET F 108 29.25 -11.08 26.38
C MET F 108 28.34 -9.94 26.11
N THR F 109 27.94 -9.82 24.86
CA THR F 109 26.95 -8.85 24.44
C THR F 109 25.62 -9.57 24.37
N TRP F 110 24.51 -8.83 24.25
CA TRP F 110 23.24 -9.52 24.15
C TRP F 110 23.09 -10.27 22.84
N LEU F 111 23.73 -9.80 21.77
CA LEU F 111 23.63 -10.51 20.51
C LEU F 111 24.29 -11.87 20.62
N GLN F 112 25.43 -11.92 21.29
CA GLN F 112 26.13 -13.18 21.44
C GLN F 112 25.36 -14.13 22.31
N TRP F 113 24.76 -13.60 23.37
CA TRP F 113 23.99 -14.42 24.26
C TRP F 113 22.85 -15.04 23.54
N ASP F 114 22.14 -14.25 22.74
CA ASP F 114 21.01 -14.76 22.02
C ASP F 114 21.40 -15.89 21.09
N LYS F 115 22.53 -15.75 20.40
CA LYS F 115 22.92 -16.83 19.51
C LYS F 115 23.18 -18.12 20.27
N GLU F 116 23.65 -18.04 21.51
CA GLU F 116 23.98 -19.25 22.31
C GLU F 116 22.72 -19.89 22.90
N ILE F 117 21.78 -19.10 23.43
CA ILE F 117 20.60 -19.65 24.15
C ILE F 117 19.39 -19.80 23.22
N SER F 118 19.55 -19.57 21.92
CA SER F 118 18.38 -19.56 21.00
C SER F 118 17.68 -20.93 20.97
N ASN F 119 18.46 -22.01 21.10
CA ASN F 119 17.98 -23.39 20.92
C ASN F 119 17.23 -23.90 22.15
N TYR F 120 17.28 -23.17 23.26
CA TYR F 120 16.60 -23.57 24.52
C TYR F 120 15.54 -22.54 24.91
N THR F 121 15.28 -21.52 24.08
CA THR F 121 14.33 -20.46 24.46
C THR F 121 12.90 -21.00 24.57
N GLN F 122 12.47 -21.87 23.65
CA GLN F 122 11.06 -22.33 23.65
C GLN F 122 10.83 -23.33 24.78
N ILE F 123 11.89 -23.69 25.51
CA ILE F 123 11.84 -24.53 26.68
C ILE F 123 11.67 -23.62 27.87
N ILE F 124 12.47 -22.54 27.90
CA ILE F 124 12.45 -21.59 29.05
C ILE F 124 11.12 -20.85 29.04
N TYR F 125 10.66 -20.40 27.87
CA TYR F 125 9.40 -19.63 27.76
C TYR F 125 8.22 -20.50 28.24
N GLY F 126 8.20 -21.77 27.86
CA GLY F 126 7.11 -22.68 28.26
C GLY F 126 7.06 -22.87 29.77
N LEU F 127 8.23 -23.03 30.40
CA LEU F 127 8.30 -23.19 31.88
C LEU F 127 7.72 -21.93 32.53
N LEU F 128 8.11 -20.76 32.03
CA LEU F 128 7.71 -19.51 32.64
C LEU F 128 6.21 -19.38 32.74
N GLU F 129 5.48 -19.88 31.74
CA GLU F 129 4.02 -19.78 31.69
C GLU F 129 3.40 -20.70 32.71
N GLU F 130 3.99 -21.87 32.86
CA GLU F 130 3.50 -22.87 33.78
C GLU F 130 3.73 -22.41 35.19
N SER F 131 4.88 -21.82 35.45
CA SER F 131 5.16 -21.37 36.77
C SER F 131 4.21 -20.29 37.18
N GLN F 132 3.96 -19.32 36.31
CA GLN F 132 3.04 -18.28 36.73
C GLN F 132 1.65 -18.81 36.91
N ASN F 133 1.21 -19.76 36.10
CA ASN F 133 -0.14 -20.25 36.29
C ASN F 133 -0.27 -20.94 37.64
N GLN F 134 0.75 -21.68 38.06
CA GLN F 134 0.68 -22.32 39.35
C GLN F 134 0.68 -21.30 40.45
N GLN F 135 1.45 -20.23 40.29
CA GLN F 135 1.48 -19.22 41.31
C GLN F 135 0.16 -18.53 41.45
N GLU F 136 -0.56 -18.30 40.35
CA GLU F 136 -1.85 -17.64 40.51
C GLU F 136 -2.81 -18.54 41.26
N LYS F 137 -2.77 -19.84 40.99
CA LYS F 137 -3.67 -20.70 41.72
C LYS F 137 -3.34 -20.69 43.20
N ASN F 138 -2.06 -20.69 43.55
CA ASN F 138 -1.73 -20.69 44.95
C ASN F 138 -2.18 -19.42 45.62
N GLU F 139 -2.08 -18.28 44.94
CA GLU F 139 -2.52 -17.04 45.55
C GLU F 139 -3.99 -17.08 45.82
N GLN F 140 -4.77 -17.60 44.88
CA GLN F 140 -6.19 -17.67 45.04
C GLN F 140 -6.57 -18.51 46.26
N ASP F 141 -5.88 -19.63 46.46
CA ASP F 141 -6.22 -20.45 47.60
C ASP F 141 -5.86 -19.77 48.90
N LEU F 142 -4.73 -19.09 48.94
CA LEU F 142 -4.33 -18.44 50.17
C LEU F 142 -5.26 -17.32 50.53
N LEU F 143 -5.73 -16.58 49.54
CA LEU F 143 -6.66 -15.50 49.84
C LEU F 143 -7.97 -16.05 50.37
N ALA F 144 -8.42 -17.18 49.82
CA ALA F 144 -9.66 -17.79 50.31
C ALA F 144 -9.60 -18.12 51.81
N LEU F 145 -8.42 -18.53 52.34
CA LEU F 145 -8.21 -18.85 53.76
C LEU F 145 -8.48 -17.61 54.61
N ASN G 1 7.98 18.64 49.60
CA ASN G 1 6.66 18.64 50.22
C ASN G 1 5.63 17.85 49.38
N LEU G 2 5.53 18.18 48.08
CA LEU G 2 4.58 17.61 47.12
C LEU G 2 5.29 16.72 46.14
N TRP G 3 4.58 15.73 45.64
CA TRP G 3 5.07 14.76 44.71
C TRP G 3 4.25 14.77 43.44
N VAL G 4 4.85 14.37 42.34
CA VAL G 4 4.14 14.29 41.08
C VAL G 4 3.21 13.09 41.13
N THR G 5 1.95 13.30 40.79
CA THR G 5 1.00 12.20 40.69
C THR G 5 0.40 12.16 39.31
N VAL G 6 0.38 10.97 38.73
CA VAL G 6 -0.09 10.74 37.39
C VAL G 6 -1.55 10.33 37.37
N TYR G 7 -2.34 10.99 36.54
CA TYR G 7 -3.75 10.66 36.42
C TYR G 7 -4.10 10.29 34.99
N TYR G 8 -4.87 9.22 34.85
CA TYR G 8 -5.30 8.80 33.52
C TYR G 8 -6.80 8.80 33.43
N GLY G 9 -7.31 9.46 32.40
CA GLY G 9 -8.74 9.61 32.20
C GLY G 9 -9.16 11.04 32.51
N VAL G 10 -8.21 11.95 32.40
CA VAL G 10 -8.42 13.35 32.65
C VAL G 10 -9.27 13.97 31.55
N PRO G 11 -10.36 14.70 31.85
CA PRO G 11 -11.26 15.31 30.89
C PRO G 11 -10.71 16.58 30.27
N VAL G 12 -9.66 16.44 29.49
CA VAL G 12 -8.96 17.54 28.84
C VAL G 12 -8.77 17.23 27.37
N TRP G 13 -8.72 18.27 26.52
CA TRP G 13 -8.55 18.08 25.10
C TRP G 13 -7.81 19.20 24.40
N LYS G 14 -7.35 18.91 23.19
CA LYS G 14 -6.63 19.89 22.34
C LYS G 14 -7.18 19.84 20.92
N ASP G 15 -7.18 20.98 20.22
CA ASP G 15 -7.71 21.05 18.87
C ASP G 15 -7.04 20.05 17.97
N ALA G 16 -7.78 19.42 17.07
CA ALA G 16 -7.12 18.46 16.20
C ALA G 16 -7.78 18.30 14.86
N GLU G 17 -6.98 17.87 13.90
CA GLU G 17 -7.48 17.56 12.59
C GLU G 17 -7.37 16.08 12.36
N THR G 18 -8.49 15.42 12.29
CA THR G 18 -8.48 13.99 12.09
C THR G 18 -9.49 13.68 11.06
N THR G 19 -9.53 12.43 10.67
CA THR G 19 -10.46 11.92 9.68
C THR G 19 -11.77 11.54 10.30
N LEU G 20 -12.86 12.05 9.75
CA LEU G 20 -14.18 11.71 10.23
C LEU G 20 -14.81 10.76 9.27
N PHE G 21 -15.71 9.93 9.74
CA PHE G 21 -16.39 8.98 8.88
C PHE G 21 -17.87 9.28 8.90
N CYS G 22 -18.63 8.82 7.86
CA CYS G 22 -20.07 9.07 7.78
C CYS G 22 -20.88 7.94 8.41
N ALA G 23 -22.07 8.34 8.81
CA ALA G 23 -23.09 7.49 9.35
C ALA G 23 -24.43 7.91 8.75
N SER G 24 -25.38 7.00 8.71
CA SER G 24 -26.68 7.29 8.10
C SER G 24 -27.82 6.49 8.74
N ASP G 25 -29.10 6.84 8.43
CA ASP G 25 -30.34 6.18 8.89
C ASP G 25 -30.24 4.65 8.85
N HIS G 34 -30.71 3.55 -7.02
CA HIS G 34 -30.36 3.81 -5.60
C HIS G 34 -30.21 5.32 -5.36
N ASN G 35 -29.05 5.74 -4.88
CA ASN G 35 -28.83 7.14 -4.49
C ASN G 35 -27.34 7.46 -4.62
N VAL G 36 -27.03 8.58 -5.26
CA VAL G 36 -25.65 9.00 -5.55
C VAL G 36 -24.81 9.27 -4.31
N TRP G 37 -25.44 9.36 -3.15
CA TRP G 37 -24.67 9.64 -1.97
C TRP G 37 -24.14 8.36 -1.35
N ALA G 38 -24.47 7.20 -1.95
CA ALA G 38 -23.96 5.90 -1.54
C ALA G 38 -24.04 5.69 -0.06
N THR G 39 -25.22 5.90 0.50
CA THR G 39 -25.40 5.85 1.93
C THR G 39 -25.28 4.46 2.50
N HIS G 40 -25.28 3.45 1.65
CA HIS G 40 -25.12 2.08 2.09
C HIS G 40 -23.68 1.85 2.55
N ALA G 41 -22.80 2.77 2.17
CA ALA G 41 -21.40 2.72 2.56
C ALA G 41 -21.10 3.38 3.94
N CYS G 42 -22.12 4.00 4.59
CA CYS G 42 -22.02 4.69 5.86
C CYS G 42 -22.44 3.77 7.01
N VAL G 43 -21.94 4.06 8.19
CA VAL G 43 -22.26 3.30 9.37
C VAL G 43 -23.67 3.62 9.86
N PRO G 44 -24.55 2.65 10.10
CA PRO G 44 -25.88 2.94 10.61
C PRO G 44 -25.76 3.73 11.92
N THR G 45 -26.61 4.72 12.08
CA THR G 45 -26.61 5.57 13.27
C THR G 45 -27.31 5.00 14.47
N ASP G 46 -27.02 5.63 15.59
CA ASP G 46 -27.64 5.41 16.89
C ASP G 46 -28.99 6.12 16.88
N PRO G 47 -30.13 5.43 17.01
CA PRO G 47 -31.46 6.02 17.01
C PRO G 47 -31.65 7.07 18.10
N ASN G 48 -30.84 7.03 19.16
CA ASN G 48 -30.96 7.98 20.26
C ASN G 48 -29.60 8.51 20.71
N PRO G 49 -28.96 9.40 19.91
CA PRO G 49 -27.62 9.90 20.12
C PRO G 49 -27.57 10.65 21.42
N GLN G 50 -26.43 10.62 22.06
CA GLN G 50 -26.27 11.33 23.31
C GLN G 50 -25.63 12.68 23.08
N GLU G 51 -25.93 13.59 23.98
CA GLU G 51 -25.33 14.91 24.00
C GLU G 51 -25.09 15.27 25.43
N ILE G 52 -23.87 15.67 25.75
CA ILE G 52 -23.57 16.01 27.12
C ILE G 52 -23.32 17.48 27.30
N HIS G 53 -24.13 18.13 28.11
CA HIS G 53 -23.94 19.56 28.34
C HIS G 53 -22.71 19.77 29.19
N LEU G 54 -21.84 20.70 28.83
CA LEU G 54 -20.68 20.90 29.67
C LEU G 54 -20.79 22.17 30.50
N GLU G 55 -21.10 22.01 31.76
CA GLU G 55 -21.30 23.19 32.57
C GLU G 55 -19.96 23.84 32.77
N ASN G 56 -19.91 25.18 32.75
CA ASN G 56 -18.73 26.02 33.00
C ASN G 56 -17.58 25.81 31.99
N VAL G 57 -17.86 25.35 30.74
CA VAL G 57 -16.83 25.21 29.70
C VAL G 57 -17.01 26.23 28.62
N THR G 58 -16.01 27.06 28.45
CA THR G 58 -16.06 28.05 27.39
C THR G 58 -15.01 27.63 26.42
N GLU G 59 -15.38 27.57 25.16
CA GLU G 59 -14.45 27.12 24.14
C GLU G 59 -14.46 28.07 22.98
N GLU G 60 -13.35 28.14 22.25
CA GLU G 60 -13.26 29.03 21.10
C GLU G 60 -13.44 28.34 19.76
N PHE G 61 -14.37 28.87 18.99
CA PHE G 61 -14.73 28.34 17.69
C PHE G 61 -14.29 29.23 16.54
N ASN G 62 -14.04 28.62 15.39
CA ASN G 62 -13.73 29.39 14.19
C ASN G 62 -14.20 28.66 12.95
N MET G 63 -15.37 29.00 12.44
CA MET G 63 -15.96 28.30 11.31
C MET G 63 -15.22 28.54 10.01
N TRP G 64 -14.35 29.52 9.98
CA TRP G 64 -13.65 29.87 8.76
C TRP G 64 -12.37 29.09 8.62
N LYS G 65 -12.03 28.33 9.64
CA LYS G 65 -10.84 27.51 9.65
C LYS G 65 -11.27 26.19 10.24
N ASN G 66 -12.00 25.41 9.45
CA ASN G 66 -12.62 24.21 9.97
C ASN G 66 -12.44 23.07 9.00
N ASN G 67 -11.61 22.13 9.39
CA ASN G 67 -11.24 21.00 8.56
C ASN G 67 -12.43 20.10 8.27
N MET G 68 -13.50 20.21 9.04
CA MET G 68 -14.66 19.38 8.80
C MET G 68 -15.28 19.76 7.47
N VAL G 69 -15.15 21.03 7.09
CA VAL G 69 -15.73 21.54 5.87
C VAL G 69 -14.91 21.00 4.74
N GLU G 70 -13.60 21.00 4.90
CA GLU G 70 -12.77 20.49 3.83
C GLU G 70 -13.04 19.00 3.61
N GLN G 71 -13.26 18.23 4.68
CA GLN G 71 -13.56 16.84 4.44
C GLN G 71 -14.90 16.65 3.81
N MET G 72 -15.90 17.43 4.19
CA MET G 72 -17.18 17.21 3.57
C MET G 72 -17.07 17.49 2.09
N HIS G 73 -16.31 18.51 1.72
CA HIS G 73 -16.15 18.83 0.32
C HIS G 73 -15.56 17.66 -0.44
N GLU G 74 -14.51 17.08 0.09
CA GLU G 74 -13.89 15.97 -0.61
C GLU G 74 -14.79 14.75 -0.68
N ASP G 75 -15.57 14.48 0.37
CA ASP G 75 -16.43 13.31 0.34
C ASP G 75 -17.55 13.49 -0.65
N ILE G 76 -18.11 14.69 -0.73
CA ILE G 76 -19.19 14.92 -1.64
C ILE G 76 -18.73 14.77 -3.07
N ILE G 77 -17.58 15.30 -3.39
CA ILE G 77 -17.10 15.14 -4.74
C ILE G 77 -16.81 13.70 -5.05
N SER G 78 -16.15 13.00 -4.13
CA SER G 78 -15.83 11.62 -4.39
C SER G 78 -17.07 10.76 -4.56
N LEU G 79 -18.11 10.99 -3.77
CA LEU G 79 -19.34 10.22 -3.92
C LEU G 79 -19.96 10.48 -5.25
N TRP G 80 -19.94 11.74 -5.66
CA TRP G 80 -20.51 12.11 -6.91
C TRP G 80 -19.83 11.34 -8.03
N ASP G 81 -18.50 11.35 -8.05
CA ASP G 81 -17.81 10.68 -9.12
C ASP G 81 -17.98 9.18 -9.07
N GLN G 82 -18.01 8.60 -7.88
CA GLN G 82 -18.17 7.17 -7.82
C GLN G 82 -19.47 6.72 -8.41
N SER G 83 -20.52 7.50 -8.23
CA SER G 83 -21.84 7.11 -8.70
C SER G 83 -21.93 7.06 -10.22
N LEU G 84 -20.98 7.68 -10.92
CA LEU G 84 -21.01 7.69 -12.37
C LEU G 84 -20.13 6.63 -12.98
N LYS G 85 -19.34 5.93 -12.16
CA LYS G 85 -18.42 4.97 -12.75
C LYS G 85 -19.05 3.88 -13.60
N PRO G 86 -20.17 3.26 -13.21
CA PRO G 86 -20.79 2.22 -13.98
C PRO G 86 -21.79 2.67 -15.05
N CYS G 87 -21.90 4.00 -15.34
CA CYS G 87 -22.94 4.53 -16.20
C CYS G 87 -22.46 4.64 -17.65
N VAL G 88 -23.40 4.71 -18.58
CA VAL G 88 -23.13 4.76 -20.00
C VAL G 88 -22.40 6.00 -20.47
N LYS G 89 -21.34 5.81 -21.24
CA LYS G 89 -20.60 6.93 -21.77
C LYS G 89 -21.26 7.36 -23.05
N LEU G 90 -21.32 8.65 -23.29
CA LEU G 90 -21.96 9.18 -24.46
C LEU G 90 -21.02 9.79 -25.46
N THR G 91 -19.84 9.21 -25.61
CA THR G 91 -18.91 9.70 -26.60
C THR G 91 -19.47 9.55 -28.03
N PRO G 92 -20.35 8.56 -28.35
CA PRO G 92 -20.99 8.43 -29.64
C PRO G 92 -21.83 9.64 -30.01
N LEU G 93 -21.98 10.59 -29.10
CA LEU G 93 -22.89 11.74 -29.33
C LEU G 93 -22.14 12.98 -29.84
N CYS G 94 -20.82 12.91 -30.02
CA CYS G 94 -20.08 14.02 -30.59
C CYS G 94 -20.01 13.87 -32.10
N VAL G 95 -21.13 14.20 -32.70
CA VAL G 95 -21.40 14.15 -34.12
C VAL G 95 -21.95 15.48 -34.54
N THR G 96 -22.00 15.74 -35.82
CA THR G 96 -22.62 16.97 -36.25
C THR G 96 -24.12 16.82 -36.11
N LEU G 97 -24.75 17.80 -35.51
CA LEU G 97 -26.19 17.77 -35.36
C LEU G 97 -26.78 18.69 -36.41
N GLN G 98 -27.93 18.32 -36.96
CA GLN G 98 -28.65 19.18 -37.90
C GLN G 98 -29.87 19.71 -37.16
N CYS G 99 -29.84 20.99 -36.70
CA CYS G 99 -30.85 21.53 -35.79
C CYS G 99 -31.66 22.66 -36.40
N THR G 100 -32.95 22.61 -36.12
CA THR G 100 -33.88 23.67 -36.49
C THR G 100 -34.58 24.14 -35.23
N ASN G 101 -35.27 25.31 -35.28
CA ASN G 101 -36.00 25.87 -34.14
C ASN G 101 -37.31 25.10 -33.90
N VAL G 102 -37.69 24.91 -32.61
CA VAL G 102 -38.98 24.36 -32.22
C VAL G 102 -39.92 25.53 -32.16
N THR G 103 -40.99 25.53 -32.97
CA THR G 103 -41.90 26.67 -33.00
C THR G 103 -43.38 26.36 -32.77
N ASN G 104 -43.76 25.10 -32.96
CA ASN G 104 -45.18 24.71 -32.98
C ASN G 104 -46.09 25.16 -31.82
N ASN G 105 -45.58 25.12 -30.59
CA ASN G 105 -46.28 25.44 -29.34
C ASN G 105 -45.53 26.48 -28.50
N ILE G 106 -44.68 27.33 -29.11
CA ILE G 106 -43.85 28.29 -28.35
C ILE G 106 -44.47 29.60 -27.95
N THR G 107 -44.41 29.87 -26.66
CA THR G 107 -44.86 31.15 -26.16
C THR G 107 -43.72 32.13 -26.37
N ASP G 108 -43.94 33.41 -26.18
CA ASP G 108 -42.86 34.34 -26.46
C ASP G 108 -41.59 34.13 -25.65
N ASP G 109 -41.77 33.73 -24.41
CA ASP G 109 -40.71 33.51 -23.46
C ASP G 109 -39.77 32.38 -23.86
N MET G 110 -40.26 31.47 -24.67
CA MET G 110 -39.52 30.30 -25.09
C MET G 110 -38.98 30.38 -26.49
N ARG G 111 -39.05 31.53 -27.13
CA ARG G 111 -38.55 31.53 -28.47
C ARG G 111 -37.07 31.41 -28.42
N GLY G 112 -36.55 30.46 -29.17
CA GLY G 112 -35.12 30.23 -29.24
C GLY G 112 -34.57 29.31 -28.16
N GLU G 113 -35.40 28.86 -27.22
CA GLU G 113 -34.90 28.01 -26.15
C GLU G 113 -34.76 26.55 -26.52
N LEU G 114 -35.58 26.05 -27.43
CA LEU G 114 -35.47 24.65 -27.79
C LEU G 114 -35.10 24.47 -29.23
N LYS G 115 -34.27 23.48 -29.46
CA LYS G 115 -33.88 23.11 -30.80
C LYS G 115 -34.15 21.62 -31.06
N ASN G 116 -34.63 21.34 -32.27
CA ASN G 116 -34.96 20.01 -32.78
C ASN G 116 -33.80 19.51 -33.64
N CYS G 117 -32.96 18.59 -33.09
CA CYS G 117 -31.71 18.14 -33.71
C CYS G 117 -31.73 16.71 -34.20
N SER G 118 -31.35 16.52 -35.45
CA SER G 118 -31.25 15.19 -36.04
C SER G 118 -29.80 14.79 -36.16
N PHE G 119 -29.51 13.51 -35.96
CA PHE G 119 -28.14 13.02 -36.08
C PHE G 119 -28.02 11.51 -36.36
N ASN G 120 -26.83 11.07 -36.82
CA ASN G 120 -26.46 9.68 -37.07
C ASN G 120 -25.71 9.10 -35.85
N MET G 121 -26.34 8.14 -35.15
CA MET G 121 -25.82 7.50 -33.93
C MET G 121 -25.73 6.00 -34.14
N THR G 122 -24.83 5.36 -33.39
CA THR G 122 -24.57 3.94 -33.54
C THR G 122 -25.66 3.06 -32.98
N THR G 123 -25.58 1.78 -33.35
CA THR G 123 -26.50 0.71 -32.95
C THR G 123 -25.74 -0.39 -32.24
N GLU G 124 -26.43 -1.44 -31.80
CA GLU G 124 -25.71 -2.51 -31.09
C GLU G 124 -24.66 -3.10 -31.98
N LEU G 125 -25.02 -3.30 -33.25
CA LEU G 125 -24.11 -3.84 -34.21
C LEU G 125 -23.25 -2.70 -34.68
N ARG G 126 -21.94 -2.90 -34.77
CA ARG G 126 -21.07 -1.80 -35.13
C ARG G 126 -21.02 -1.47 -36.60
N ASP G 127 -21.67 -2.26 -37.42
CA ASP G 127 -21.70 -2.01 -38.83
C ASP G 127 -22.98 -1.33 -39.30
N LYS G 128 -23.81 -0.87 -38.36
CA LYS G 128 -25.05 -0.18 -38.70
C LYS G 128 -25.20 1.12 -37.93
N LYS G 129 -25.98 2.02 -38.51
CA LYS G 129 -26.30 3.30 -37.87
C LYS G 129 -27.80 3.53 -37.89
N GLN G 130 -28.25 4.41 -37.01
CA GLN G 130 -29.64 4.79 -36.95
C GLN G 130 -29.78 6.30 -36.94
N LYS G 131 -30.85 6.79 -37.54
CA LYS G 131 -31.10 8.22 -37.52
C LYS G 131 -32.01 8.53 -36.37
N VAL G 132 -31.58 9.47 -35.56
CA VAL G 132 -32.23 9.85 -34.33
C VAL G 132 -32.48 11.31 -34.25
N TYR G 133 -33.58 11.70 -33.65
CA TYR G 133 -33.71 13.11 -33.41
C TYR G 133 -34.16 13.30 -31.99
N SER G 134 -33.81 14.43 -31.43
CA SER G 134 -34.17 14.75 -30.06
C SER G 134 -34.26 16.22 -29.82
N LEU G 135 -34.87 16.60 -28.71
CA LEU G 135 -34.92 18.01 -28.41
C LEU G 135 -33.85 18.37 -27.41
N PHE G 136 -33.17 19.47 -27.68
CA PHE G 136 -32.14 19.99 -26.80
C PHE G 136 -32.41 21.39 -26.39
N TYR G 137 -31.93 21.74 -25.23
CA TYR G 137 -32.04 23.10 -24.81
C TYR G 137 -30.94 23.87 -25.49
N ARG G 138 -31.19 25.13 -25.77
CA ARG G 138 -30.21 25.98 -26.40
C ARG G 138 -28.89 26.01 -25.65
N LEU G 139 -28.92 25.99 -24.34
CA LEU G 139 -27.71 26.11 -23.58
C LEU G 139 -26.74 24.93 -23.69
N ASP G 140 -27.21 23.78 -24.20
CA ASP G 140 -26.37 22.59 -24.33
C ASP G 140 -25.75 22.44 -25.71
N VAL G 141 -26.16 23.28 -26.65
CA VAL G 141 -25.77 23.11 -28.03
C VAL G 141 -25.08 24.35 -28.59
N VAL G 142 -23.93 24.17 -29.20
CA VAL G 142 -23.17 25.30 -29.73
C VAL G 142 -22.99 25.19 -31.22
N GLN G 143 -23.16 26.30 -31.92
CA GLN G 143 -23.04 26.30 -33.37
C GLN G 143 -21.62 26.09 -33.80
N ILE G 144 -21.44 25.24 -34.81
CA ILE G 144 -20.12 24.94 -35.36
C ILE G 144 -19.44 26.05 -36.16
N ASN G 145 -20.18 26.71 -37.07
CA ASN G 145 -19.69 27.76 -37.97
C ASN G 145 -20.04 29.13 -37.38
N LYS G 157 -27.24 25.58 -39.57
CA LYS G 157 -27.93 24.44 -38.96
C LYS G 157 -27.00 23.38 -38.32
N GLU G 158 -25.66 23.49 -38.51
CA GLU G 158 -24.67 22.54 -37.98
C GLU G 158 -24.21 22.91 -36.58
N TYR G 159 -24.54 22.05 -35.65
CA TYR G 159 -24.29 22.22 -34.23
C TYR G 159 -23.57 21.04 -33.60
N ARG G 160 -22.94 21.27 -32.48
CA ARG G 160 -22.31 20.20 -31.72
C ARG G 160 -22.66 20.36 -30.27
N LEU G 161 -22.48 19.32 -29.48
CA LEU G 161 -22.75 19.51 -28.08
C LEU G 161 -21.67 20.37 -27.50
N ILE G 162 -22.03 21.17 -26.52
CA ILE G 162 -21.10 22.12 -25.92
C ILE G 162 -19.84 21.51 -25.33
N ASN G 163 -19.89 20.30 -24.84
CA ASN G 163 -18.70 19.68 -24.25
C ASN G 163 -17.68 19.02 -25.19
N CYS G 164 -17.94 18.92 -26.51
CA CYS G 164 -17.09 18.10 -27.41
C CYS G 164 -15.68 18.61 -27.59
N ASN G 165 -15.40 19.85 -27.22
CA ASN G 165 -14.02 20.31 -27.34
C ASN G 165 -13.27 20.41 -25.99
N THR G 166 -13.92 20.04 -24.82
CA THR G 166 -13.31 20.12 -23.49
C THR G 166 -13.43 18.87 -22.62
N SER G 167 -14.44 18.04 -22.85
CA SER G 167 -14.68 16.92 -21.96
C SER G 167 -15.49 15.80 -22.56
N ALA G 168 -15.49 14.68 -21.87
CA ALA G 168 -16.34 13.58 -22.27
C ALA G 168 -17.55 13.54 -21.35
N ILE G 169 -18.65 13.05 -21.90
CA ILE G 169 -19.91 12.93 -21.19
C ILE G 169 -20.24 11.57 -20.70
N THR G 170 -20.62 11.51 -19.44
CA THR G 170 -21.13 10.28 -18.85
C THR G 170 -22.59 10.50 -18.56
N GLN G 171 -23.46 9.61 -18.98
CA GLN G 171 -24.87 9.76 -18.69
C GLN G 171 -25.09 9.38 -17.28
N ALA G 172 -25.81 10.16 -16.52
CA ALA G 172 -26.09 9.74 -15.17
C ALA G 172 -27.01 8.54 -15.27
N CYS G 173 -26.89 7.55 -14.38
CA CYS G 173 -27.75 6.37 -14.35
C CYS G 173 -29.18 6.81 -13.98
N PRO G 174 -30.19 6.47 -14.80
CA PRO G 174 -31.57 6.91 -14.70
C PRO G 174 -32.30 6.45 -13.46
N LYS G 175 -31.75 5.45 -12.78
CA LYS G 175 -32.38 4.93 -11.60
C LYS G 175 -31.70 5.33 -10.30
N VAL G 176 -30.71 6.21 -10.37
CA VAL G 176 -30.02 6.60 -9.17
C VAL G 176 -30.40 8.02 -8.79
N SER G 177 -31.02 8.18 -7.63
CA SER G 177 -31.51 9.47 -7.16
C SER G 177 -30.43 10.44 -6.72
N PHE G 178 -30.69 11.73 -6.94
CA PHE G 178 -29.77 12.78 -6.48
C PHE G 178 -30.24 13.41 -5.19
N GLU G 179 -31.42 13.01 -4.73
CA GLU G 179 -32.02 13.63 -3.57
C GLU G 179 -31.09 13.48 -2.38
N PRO G 180 -30.78 14.54 -1.64
CA PRO G 180 -29.91 14.49 -0.51
C PRO G 180 -30.52 13.67 0.60
N ILE G 181 -29.68 12.92 1.26
CA ILE G 181 -30.03 12.11 2.41
C ILE G 181 -29.15 12.62 3.52
N PRO G 182 -29.65 12.96 4.69
CA PRO G 182 -28.84 13.50 5.76
C PRO G 182 -27.65 12.61 6.08
N ILE G 183 -26.49 13.23 6.17
CA ILE G 183 -25.25 12.58 6.48
C ILE G 183 -24.77 13.00 7.84
N HIS G 184 -24.46 12.04 8.68
CA HIS G 184 -23.97 12.35 9.99
C HIS G 184 -22.47 12.15 10.02
N TYR G 185 -21.70 13.13 10.45
CA TYR G 185 -20.27 12.90 10.56
C TYR G 185 -19.97 12.48 11.97
N CYS G 186 -19.10 11.46 12.14
CA CYS G 186 -18.75 10.89 13.44
C CYS G 186 -17.25 10.85 13.65
N ALA G 187 -16.84 11.18 14.88
CA ALA G 187 -15.43 11.14 15.23
C ALA G 187 -14.97 9.72 15.59
N PRO G 188 -13.71 9.35 15.35
CA PRO G 188 -13.04 8.14 15.76
C PRO G 188 -12.95 8.08 17.26
N ALA G 189 -12.85 6.90 17.83
CA ALA G 189 -12.70 6.87 19.26
C ALA G 189 -11.42 7.59 19.61
N GLY G 190 -11.43 8.33 20.70
CA GLY G 190 -10.26 9.08 21.11
C GLY G 190 -10.41 10.54 20.77
N PHE G 191 -11.42 10.84 19.97
CA PHE G 191 -11.79 12.17 19.52
C PHE G 191 -13.23 12.45 19.87
N ALA G 192 -13.57 13.73 19.92
CA ALA G 192 -14.93 14.12 20.20
C ALA G 192 -15.31 15.36 19.43
N ILE G 193 -16.60 15.55 19.19
CA ILE G 193 -17.02 16.75 18.52
C ILE G 193 -17.71 17.68 19.49
N LEU G 194 -17.23 18.89 19.57
CA LEU G 194 -17.85 19.81 20.48
C LEU G 194 -18.82 20.64 19.70
N LYS G 195 -19.97 20.86 20.26
CA LYS G 195 -21.00 21.64 19.64
C LYS G 195 -21.23 22.95 20.38
N CYS G 196 -21.38 24.06 19.64
CA CYS G 196 -21.68 25.39 20.18
C CYS G 196 -23.20 25.58 20.20
N LYS G 197 -23.74 25.73 21.40
CA LYS G 197 -25.17 25.86 21.60
C LYS G 197 -25.65 27.28 21.66
N ASP G 198 -24.74 28.23 21.62
CA ASP G 198 -25.13 29.60 21.75
C ASP G 198 -26.07 30.03 20.66
N LYS G 199 -27.07 30.77 21.05
CA LYS G 199 -27.97 31.34 20.09
C LYS G 199 -27.27 32.61 19.67
N LYS G 200 -27.51 33.06 18.47
CA LYS G 200 -26.87 34.29 18.00
C LYS G 200 -25.35 34.20 17.99
N PHE G 201 -24.83 33.05 17.63
CA PHE G 201 -23.40 32.85 17.51
C PHE G 201 -23.00 33.13 16.06
N ASN G 202 -22.01 34.03 15.86
CA ASN G 202 -21.59 34.54 14.55
C ASN G 202 -20.47 33.73 13.86
N GLY G 203 -20.09 32.56 14.39
CA GLY G 203 -19.08 31.66 13.82
C GLY G 203 -17.69 31.76 14.41
N THR G 204 -17.39 32.83 15.15
CA THR G 204 -16.06 32.91 15.71
C THR G 204 -16.02 33.34 17.15
N GLY G 205 -14.92 33.03 17.81
CA GLY G 205 -14.68 33.52 19.15
C GLY G 205 -15.24 32.57 20.18
N PRO G 206 -15.23 32.95 21.45
CA PRO G 206 -15.66 32.12 22.54
C PRO G 206 -17.13 31.85 22.44
N CYS G 207 -17.54 30.65 22.85
CA CYS G 207 -18.88 30.12 22.93
C CYS G 207 -19.06 29.62 24.38
N PRO G 208 -19.70 30.41 25.26
CA PRO G 208 -20.01 30.08 26.63
C PRO G 208 -20.89 28.86 26.86
N SER G 209 -21.69 28.45 25.88
CA SER G 209 -22.49 27.25 26.14
C SER G 209 -22.20 26.16 25.12
N VAL G 210 -21.56 25.10 25.56
CA VAL G 210 -21.18 24.00 24.67
C VAL G 210 -21.61 22.66 25.21
N SER G 211 -21.61 21.68 24.32
CA SER G 211 -21.90 20.29 24.64
C SER G 211 -21.07 19.33 23.82
N THR G 212 -21.00 18.09 24.25
CA THR G 212 -20.23 17.09 23.51
C THR G 212 -21.09 16.05 22.87
N VAL G 213 -20.81 15.80 21.59
CA VAL G 213 -21.50 14.78 20.84
C VAL G 213 -20.46 13.90 20.18
N GLN G 214 -20.86 12.71 19.77
CA GLN G 214 -19.91 11.89 19.01
C GLN G 214 -20.11 12.05 17.48
N CYS G 215 -21.37 12.32 17.05
CA CYS G 215 -21.82 12.48 15.68
C CYS G 215 -22.58 13.80 15.57
N THR G 216 -22.50 14.42 14.41
CA THR G 216 -23.21 15.65 14.09
C THR G 216 -24.64 15.32 13.79
N HIS G 217 -25.47 16.35 13.65
CA HIS G 217 -26.84 16.17 13.26
C HIS G 217 -26.78 15.76 11.82
N GLY G 218 -27.86 15.29 11.26
CA GLY G 218 -27.73 14.93 9.86
C GLY G 218 -27.72 16.20 9.04
N ILE G 219 -26.83 16.24 8.07
CA ILE G 219 -26.74 17.36 7.16
C ILE G 219 -27.10 16.96 5.78
N LYS G 220 -28.05 17.64 5.18
CA LYS G 220 -28.39 17.30 3.82
C LYS G 220 -27.42 17.99 2.88
N PRO G 221 -26.73 17.28 1.99
CA PRO G 221 -25.80 17.85 1.05
C PRO G 221 -26.52 18.50 -0.09
N VAL G 222 -27.20 19.60 0.20
CA VAL G 222 -27.96 20.30 -0.80
C VAL G 222 -26.99 21.17 -1.56
N VAL G 223 -27.06 21.10 -2.88
CA VAL G 223 -26.19 21.88 -3.71
C VAL G 223 -26.94 23.00 -4.39
N SER G 224 -26.56 24.24 -4.09
CA SER G 224 -27.20 25.41 -4.66
C SER G 224 -26.22 26.56 -4.78
N THR G 225 -26.52 27.56 -5.60
CA THR G 225 -25.56 28.66 -5.72
C THR G 225 -25.86 30.03 -5.14
N GLN G 226 -27.08 30.49 -4.95
CA GLN G 226 -27.18 31.85 -4.38
C GLN G 226 -27.95 31.84 -3.11
N LEU G 227 -29.00 31.06 -3.09
CA LEU G 227 -29.82 30.98 -1.91
C LEU G 227 -29.50 29.64 -1.31
N LEU G 228 -29.52 29.56 -0.01
CA LEU G 228 -29.28 28.29 0.65
C LEU G 228 -30.61 27.68 0.93
N LEU G 229 -30.79 26.47 0.45
CA LEU G 229 -32.06 25.79 0.60
C LEU G 229 -31.97 24.63 1.60
N ASN G 230 -33.08 24.36 2.31
CA ASN G 230 -33.34 23.25 3.23
C ASN G 230 -32.28 23.06 4.33
N GLY G 231 -31.75 24.16 4.92
CA GLY G 231 -30.76 24.14 6.00
C GLY G 231 -31.42 24.45 7.33
N SER G 232 -30.60 24.79 8.29
CA SER G 232 -31.09 25.13 9.61
C SER G 232 -31.45 26.59 9.71
N LEU G 233 -32.41 26.90 10.55
CA LEU G 233 -32.78 28.28 10.80
C LEU G 233 -32.19 28.76 12.09
N ALA G 234 -31.99 30.06 12.16
CA ALA G 234 -31.50 30.73 13.36
C ALA G 234 -32.57 30.63 14.42
N GLU G 235 -32.18 30.52 15.67
CA GLU G 235 -33.19 30.41 16.73
C GLU G 235 -34.02 31.64 16.97
N GLU G 236 -33.39 32.81 16.93
CA GLU G 236 -34.13 34.03 17.23
C GLU G 236 -34.07 35.12 16.19
N GLU G 237 -32.89 35.39 15.65
CA GLU G 237 -32.67 36.54 14.77
C GLU G 237 -31.84 36.16 13.58
N VAL G 238 -31.91 36.97 12.55
CA VAL G 238 -31.05 36.76 11.40
C VAL G 238 -29.60 36.96 11.81
N ILE G 239 -28.73 36.04 11.43
CA ILE G 239 -27.33 36.16 11.82
C ILE G 239 -26.44 36.41 10.62
N ILE G 240 -25.63 37.46 10.70
CA ILE G 240 -24.72 37.82 9.62
C ILE G 240 -23.33 37.29 9.91
N ARG G 241 -22.85 36.35 9.11
CA ARG G 241 -21.55 35.75 9.39
C ARG G 241 -20.55 35.98 8.27
N SER G 242 -19.36 36.39 8.65
CA SER G 242 -18.29 36.58 7.69
C SER G 242 -16.97 36.44 8.35
N GLU G 243 -16.00 35.96 7.61
CA GLU G 243 -14.65 35.90 8.13
C GLU G 243 -14.14 37.30 8.51
N ASN G 244 -14.48 38.33 7.71
CA ASN G 244 -14.10 39.74 7.88
C ASN G 244 -15.12 40.63 7.16
N ILE G 245 -15.99 41.35 7.90
CA ILE G 245 -17.10 42.19 7.37
C ILE G 245 -16.64 43.31 6.46
N THR G 246 -15.54 43.93 6.82
CA THR G 246 -15.05 45.06 6.09
C THR G 246 -14.11 44.66 4.96
N ASN G 247 -13.91 43.37 4.75
CA ASN G 247 -13.08 42.88 3.68
C ASN G 247 -13.99 42.57 2.49
N ASN G 248 -13.81 43.29 1.40
CA ASN G 248 -14.70 43.15 0.24
C ASN G 248 -14.49 41.84 -0.49
N ALA G 249 -13.43 41.14 -0.15
CA ALA G 249 -13.12 39.88 -0.76
C ALA G 249 -13.81 38.70 -0.09
N LYS G 250 -14.53 38.94 0.99
CA LYS G 250 -15.16 37.83 1.69
C LYS G 250 -16.66 37.80 1.48
N ASN G 251 -17.23 36.59 1.49
CA ASN G 251 -18.67 36.45 1.36
C ASN G 251 -19.34 36.53 2.69
N ILE G 252 -20.60 36.93 2.67
CA ILE G 252 -21.41 36.99 3.85
C ILE G 252 -22.46 35.90 3.83
N LEU G 253 -22.49 35.10 4.85
CA LEU G 253 -23.47 34.06 4.94
C LEU G 253 -24.56 34.56 5.85
N VAL G 254 -25.77 34.63 5.35
CA VAL G 254 -26.85 35.13 6.16
C VAL G 254 -27.77 34.01 6.54
N GLN G 255 -27.95 33.79 7.84
CA GLN G 255 -28.84 32.73 8.27
C GLN G 255 -30.17 33.31 8.69
N LEU G 256 -31.25 32.83 8.11
CA LEU G 256 -32.55 33.39 8.38
C LEU G 256 -33.16 32.74 9.60
N ASN G 257 -34.04 33.45 10.30
CA ASN G 257 -34.74 32.86 11.45
C ASN G 257 -36.12 32.35 11.09
N THR G 258 -36.50 32.53 9.84
CA THR G 258 -37.75 32.06 9.28
C THR G 258 -37.44 31.55 7.90
N PRO G 259 -38.11 30.52 7.40
CA PRO G 259 -37.95 30.02 6.07
C PRO G 259 -38.70 30.91 5.11
N VAL G 260 -38.27 30.95 3.87
CA VAL G 260 -39.09 31.56 2.84
C VAL G 260 -39.45 30.44 1.89
N GLN G 261 -40.73 30.22 1.66
CA GLN G 261 -41.09 29.11 0.80
C GLN G 261 -40.95 29.49 -0.65
N ILE G 262 -40.32 28.61 -1.42
CA ILE G 262 -40.17 28.79 -2.86
C ILE G 262 -40.72 27.56 -3.63
N ASN G 263 -41.63 27.81 -4.61
CA ASN G 263 -42.31 26.79 -5.44
C ASN G 263 -41.78 26.81 -6.87
N CYS G 264 -41.05 25.74 -7.30
CA CYS G 264 -40.41 25.68 -8.63
C CYS G 264 -41.04 24.63 -9.52
N THR G 265 -41.15 24.97 -10.79
CA THR G 265 -41.72 24.04 -11.75
C THR G 265 -41.13 24.07 -13.14
N ARG G 266 -41.29 22.94 -13.79
CA ARG G 266 -40.93 22.71 -15.17
C ARG G 266 -42.26 22.30 -15.78
N PRO G 267 -43.08 23.24 -16.26
CA PRO G 267 -44.47 23.07 -16.64
C PRO G 267 -44.71 22.21 -17.87
N ASN G 268 -43.68 22.01 -18.67
CA ASN G 268 -43.83 21.25 -19.90
C ASN G 268 -43.93 19.77 -19.58
N ASN G 269 -44.82 19.06 -20.31
CA ASN G 269 -45.02 17.62 -20.19
C ASN G 269 -44.13 16.86 -21.19
N ASN G 270 -42.97 16.35 -20.71
CA ASN G 270 -41.98 15.66 -21.56
C ASN G 270 -42.28 14.21 -21.77
N THR G 271 -42.06 13.77 -22.99
CA THR G 271 -42.12 12.37 -23.35
C THR G 271 -40.70 11.93 -23.58
N VAL G 272 -40.27 10.97 -22.79
CA VAL G 272 -38.92 10.47 -22.82
C VAL G 272 -38.80 9.18 -23.57
N LYS G 273 -37.84 9.13 -24.47
CA LYS G 273 -37.59 7.99 -25.30
C LYS G 273 -36.18 7.47 -25.07
N SER G 274 -35.94 6.22 -25.41
CA SER G 274 -34.58 5.73 -25.28
C SER G 274 -34.16 4.87 -26.44
N ILE G 275 -32.87 4.92 -26.71
CA ILE G 275 -32.19 4.20 -27.76
C ILE G 275 -31.00 3.39 -27.37
N ARG G 276 -30.93 2.15 -27.83
CA ARG G 276 -29.73 1.39 -27.57
C ARG G 276 -28.65 1.92 -28.50
N ILE G 277 -27.48 2.20 -27.94
CA ILE G 277 -26.36 2.76 -28.70
C ILE G 277 -25.19 1.80 -28.82
N GLY G 278 -25.25 0.72 -28.04
CA GLY G 278 -24.20 -0.27 -28.08
C GLY G 278 -24.66 -1.43 -27.23
N PRO G 279 -23.93 -2.53 -27.15
CA PRO G 279 -24.32 -3.66 -26.37
C PRO G 279 -24.43 -3.30 -24.92
N GLY G 280 -25.62 -3.42 -24.38
CA GLY G 280 -25.86 -3.13 -22.98
C GLY G 280 -25.96 -1.63 -22.66
N GLN G 281 -25.95 -0.77 -23.68
CA GLN G 281 -25.98 0.65 -23.44
C GLN G 281 -27.11 1.36 -24.10
N ALA G 282 -27.72 2.29 -23.36
CA ALA G 282 -28.80 3.08 -23.92
C ALA G 282 -28.77 4.50 -23.45
N PHE G 283 -29.20 5.36 -24.35
CA PHE G 283 -29.30 6.79 -24.20
C PHE G 283 -30.71 7.26 -24.03
N TYR G 284 -30.91 8.17 -23.08
CA TYR G 284 -32.24 8.73 -22.83
C TYR G 284 -32.34 10.16 -23.30
N TYR G 285 -33.45 10.50 -23.93
CA TYR G 285 -33.61 11.83 -24.44
C TYR G 285 -35.06 12.28 -24.53
N THR G 286 -35.28 13.58 -24.64
CA THR G 286 -36.64 14.05 -24.79
C THR G 286 -37.03 13.86 -26.22
N GLY G 287 -38.13 13.17 -26.41
CA GLY G 287 -38.67 12.86 -27.71
C GLY G 287 -39.53 13.99 -28.16
N ASP G 288 -40.48 14.34 -27.32
CA ASP G 288 -41.41 15.42 -27.63
C ASP G 288 -41.96 16.08 -26.37
N ILE G 289 -42.76 17.12 -26.58
CA ILE G 289 -43.48 17.82 -25.53
C ILE G 289 -44.94 17.86 -25.87
N ILE G 290 -45.78 17.42 -24.96
CA ILE G 290 -47.19 17.43 -25.22
C ILE G 290 -47.85 18.58 -24.51
N GLY G 291 -48.41 19.49 -25.28
CA GLY G 291 -49.05 20.66 -24.72
C GLY G 291 -48.22 21.90 -25.00
N ASP G 292 -48.69 23.02 -24.48
CA ASP G 292 -48.07 24.31 -24.73
C ASP G 292 -46.67 24.32 -24.15
N ILE G 293 -45.74 25.00 -24.82
CA ILE G 293 -44.38 25.08 -24.31
C ILE G 293 -44.13 26.42 -23.62
N ARG G 294 -43.85 26.32 -22.33
CA ARG G 294 -43.70 27.44 -21.43
C ARG G 294 -42.39 27.40 -20.67
N GLN G 295 -41.95 28.53 -20.17
CA GLN G 295 -40.71 28.54 -19.40
C GLN G 295 -40.85 28.02 -17.99
N ALA G 296 -39.75 27.44 -17.51
CA ALA G 296 -39.63 27.01 -16.14
C ALA G 296 -39.52 28.25 -15.30
N HIS G 297 -40.04 28.17 -14.09
CA HIS G 297 -40.01 29.32 -13.20
C HIS G 297 -40.16 28.93 -11.73
N CYS G 298 -39.81 29.88 -10.82
CA CYS G 298 -40.00 29.74 -9.36
C CYS G 298 -40.79 30.90 -8.77
N ASN G 299 -41.68 30.58 -7.84
CA ASN G 299 -42.52 31.56 -7.15
C ASN G 299 -42.09 31.77 -5.69
N VAL G 300 -41.86 33.06 -5.32
CA VAL G 300 -41.54 33.55 -3.97
C VAL G 300 -42.60 34.57 -3.56
N SER G 301 -43.25 34.40 -2.42
CA SER G 301 -44.30 35.36 -2.02
C SER G 301 -43.74 36.73 -1.73
N LYS G 302 -44.43 37.76 -2.23
CA LYS G 302 -43.99 39.17 -2.07
C LYS G 302 -43.82 39.49 -0.58
N ALA G 303 -44.85 39.25 0.22
CA ALA G 303 -44.87 39.75 1.59
C ALA G 303 -43.79 39.10 2.41
N THR G 304 -43.61 37.80 2.22
CA THR G 304 -42.65 37.08 3.00
C THR G 304 -41.28 37.56 2.62
N TRP G 305 -41.03 37.69 1.32
CA TRP G 305 -39.72 38.13 0.92
C TRP G 305 -39.39 39.53 1.42
N ASN G 306 -40.35 40.51 1.36
CA ASN G 306 -40.10 41.89 1.80
C ASN G 306 -39.78 41.96 3.30
N GLU G 307 -40.46 41.13 4.16
CA GLU G 307 -40.21 41.06 5.60
C GLU G 307 -38.84 40.46 5.86
N THR G 308 -38.51 39.45 5.09
CA THR G 308 -37.24 38.77 5.25
C THR G 308 -36.11 39.69 4.90
N LEU G 309 -36.23 40.42 3.82
CA LEU G 309 -35.17 41.28 3.42
C LEU G 309 -35.05 42.44 4.40
N GLY G 310 -36.18 42.90 4.95
CA GLY G 310 -36.15 43.96 5.94
C GLY G 310 -35.35 43.54 7.18
N LYS G 311 -35.54 42.29 7.62
CA LYS G 311 -34.79 41.80 8.75
C LYS G 311 -33.29 41.77 8.45
N VAL G 312 -32.95 41.41 7.22
CA VAL G 312 -31.55 41.36 6.84
C VAL G 312 -30.93 42.74 6.90
N VAL G 313 -31.62 43.76 6.40
CA VAL G 313 -31.01 45.08 6.46
C VAL G 313 -30.86 45.57 7.88
N LYS G 314 -31.77 45.23 8.78
CA LYS G 314 -31.57 45.69 10.15
C LYS G 314 -30.25 45.18 10.72
N GLN G 315 -29.92 43.93 10.44
CA GLN G 315 -28.69 43.38 10.99
C GLN G 315 -27.48 43.93 10.25
N LEU G 316 -27.64 44.19 8.97
CA LEU G 316 -26.53 44.76 8.26
C LEU G 316 -26.24 46.15 8.79
N ARG G 317 -27.26 46.92 9.16
CA ARG G 317 -27.00 48.26 9.72
C ARG G 317 -26.16 48.15 11.00
N LYS G 318 -26.40 47.13 11.82
CA LYS G 318 -25.55 47.03 13.01
C LYS G 318 -24.08 47.01 12.62
N HIS G 319 -23.77 46.35 11.50
CA HIS G 319 -22.39 46.32 11.02
C HIS G 319 -21.95 47.54 10.19
N PHE G 320 -22.87 48.12 9.42
CA PHE G 320 -22.54 49.21 8.50
C PHE G 320 -22.99 50.64 8.84
N GLY G 321 -23.61 50.86 9.98
CA GLY G 321 -24.04 52.19 10.40
C GLY G 321 -25.55 52.27 10.58
N ASN G 322 -25.97 53.00 11.62
CA ASN G 322 -27.38 53.13 11.94
C ASN G 322 -28.17 53.90 10.90
N ASN G 323 -27.51 54.81 10.19
CA ASN G 323 -28.22 55.59 9.19
C ASN G 323 -27.46 55.58 7.89
N THR G 324 -27.56 54.46 7.19
CA THR G 324 -26.87 54.22 5.94
C THR G 324 -27.86 53.69 4.93
N ILE G 325 -27.44 53.62 3.68
CA ILE G 325 -28.31 53.09 2.64
C ILE G 325 -27.86 51.73 2.17
N ILE G 326 -28.78 50.78 2.21
CA ILE G 326 -28.46 49.44 1.79
C ILE G 326 -29.15 49.08 0.50
N ARG G 327 -28.37 48.87 -0.52
CA ARG G 327 -28.91 48.58 -1.81
C ARG G 327 -28.66 47.16 -2.23
N PHE G 328 -29.70 46.52 -2.72
CA PHE G 328 -29.53 45.19 -3.24
C PHE G 328 -29.57 45.26 -4.73
N ALA G 329 -28.73 44.47 -5.35
CA ALA G 329 -28.61 44.42 -6.79
C ALA G 329 -28.32 43.02 -7.26
N GLN G 330 -28.59 42.79 -8.53
CA GLN G 330 -28.37 41.52 -9.19
C GLN G 330 -26.89 41.25 -9.39
N SER G 331 -26.53 39.98 -9.59
CA SER G 331 -25.13 39.65 -9.79
C SER G 331 -24.53 40.42 -10.94
N SER G 332 -23.31 40.87 -10.71
CA SER G 332 -22.54 41.70 -11.62
C SER G 332 -22.08 41.01 -12.89
N GLY G 333 -22.10 39.69 -12.92
CA GLY G 333 -21.64 38.99 -14.11
C GLY G 333 -20.89 37.73 -13.76
N GLY G 334 -20.42 37.04 -14.80
CA GLY G 334 -19.73 35.77 -14.61
C GLY G 334 -20.51 34.65 -15.25
N ASP G 335 -20.10 33.43 -14.95
CA ASP G 335 -20.66 32.21 -15.50
C ASP G 335 -22.09 32.00 -15.06
N LEU G 336 -22.88 31.27 -15.83
CA LEU G 336 -24.28 31.05 -15.47
C LEU G 336 -24.40 30.47 -14.07
N GLU G 337 -23.47 29.62 -13.68
CA GLU G 337 -23.47 28.98 -12.38
C GLU G 337 -23.34 29.96 -11.21
N VAL G 338 -22.87 31.17 -11.43
CA VAL G 338 -22.75 32.14 -10.35
C VAL G 338 -23.69 33.33 -10.53
N THR G 339 -24.15 33.58 -11.77
CA THR G 339 -25.04 34.71 -11.99
C THR G 339 -26.48 34.32 -11.73
N THR G 340 -26.77 33.04 -11.74
CA THR G 340 -28.09 32.57 -11.43
C THR G 340 -28.05 31.64 -10.25
N HIS G 341 -29.23 31.37 -9.74
CA HIS G 341 -29.41 30.46 -8.66
C HIS G 341 -29.67 29.08 -9.19
N SER G 342 -28.72 28.21 -8.98
CA SER G 342 -28.80 26.87 -9.47
C SER G 342 -29.25 25.92 -8.42
N PHE G 343 -30.03 24.94 -8.84
CA PHE G 343 -30.48 23.85 -7.96
C PHE G 343 -30.95 22.63 -8.74
N ASN G 344 -31.07 21.52 -8.03
CA ASN G 344 -31.57 20.27 -8.58
C ASN G 344 -33.01 20.00 -8.08
N CYS G 345 -34.02 20.11 -8.96
CA CYS G 345 -35.45 20.02 -8.68
C CYS G 345 -36.07 18.81 -9.37
N GLY G 346 -36.33 17.77 -8.60
CA GLY G 346 -36.91 16.59 -9.20
C GLY G 346 -35.91 15.74 -9.96
N GLY G 347 -34.66 16.15 -9.92
CA GLY G 347 -33.58 15.52 -10.66
C GLY G 347 -33.20 16.39 -11.87
N GLU G 348 -33.97 17.43 -12.15
CA GLU G 348 -33.68 18.32 -13.26
C GLU G 348 -32.78 19.46 -12.80
N PHE G 349 -31.99 20.03 -13.71
CA PHE G 349 -31.12 21.15 -13.34
C PHE G 349 -31.56 22.53 -13.82
N PHE G 350 -31.90 23.37 -12.84
CA PHE G 350 -32.43 24.73 -13.02
C PHE G 350 -31.44 25.82 -12.76
N TYR G 351 -31.51 26.88 -13.56
CA TYR G 351 -30.72 28.12 -13.45
C TYR G 351 -31.62 29.35 -13.44
N CYS G 352 -32.05 29.81 -12.23
CA CYS G 352 -33.08 30.84 -12.04
C CYS G 352 -32.51 32.23 -11.82
N ASN G 353 -33.15 33.19 -12.44
CA ASN G 353 -32.76 34.58 -12.36
C ASN G 353 -33.39 35.25 -11.12
N THR G 354 -32.52 35.70 -10.18
CA THR G 354 -32.84 36.27 -8.87
C THR G 354 -32.87 37.79 -8.84
N SER G 355 -32.85 38.43 -10.01
CA SER G 355 -32.91 39.90 -10.04
C SER G 355 -34.23 40.40 -9.49
N GLY G 356 -35.23 39.53 -9.45
CA GLY G 356 -36.54 39.87 -8.92
C GLY G 356 -36.52 39.90 -7.39
N LEU G 357 -35.50 39.31 -6.79
CA LEU G 357 -35.40 39.26 -5.34
C LEU G 357 -34.43 40.31 -4.81
N PHE G 358 -33.42 40.61 -5.60
CA PHE G 358 -32.37 41.55 -5.17
C PHE G 358 -32.28 42.78 -6.04
N ASN G 359 -33.34 43.59 -6.03
CA ASN G 359 -33.48 44.84 -6.77
C ASN G 359 -34.31 45.81 -5.92
N SER G 360 -33.66 46.42 -4.89
CA SER G 360 -34.32 47.30 -3.90
C SER G 360 -33.36 48.17 -3.12
N THR G 361 -33.73 49.41 -2.84
CA THR G 361 -32.89 50.25 -2.00
C THR G 361 -33.60 50.57 -0.70
N TRP G 362 -32.97 50.23 0.41
CA TRP G 362 -33.50 50.44 1.73
C TRP G 362 -32.87 51.64 2.39
N ILE G 363 -33.69 52.62 2.75
CA ILE G 363 -33.16 53.85 3.34
C ILE G 363 -33.73 54.04 4.75
N SER G 364 -32.86 54.31 5.74
CA SER G 364 -33.21 54.54 7.16
C SER G 364 -34.35 55.57 7.31
N SER G 376 -51.41 41.13 -0.46
CA SER G 376 -51.90 39.81 -0.11
C SER G 376 -51.91 38.89 -1.35
N ASN G 377 -51.20 37.74 -1.25
CA ASN G 377 -51.04 36.64 -2.24
C ASN G 377 -50.34 37.06 -3.54
N ASP G 378 -49.67 38.19 -3.52
CA ASP G 378 -48.90 38.62 -4.67
C ASP G 378 -47.60 37.86 -4.65
N SER G 379 -46.96 37.74 -5.80
CA SER G 379 -45.72 36.96 -5.88
C SER G 379 -44.70 37.43 -6.89
N ILE G 380 -43.49 36.98 -6.66
CA ILE G 380 -42.36 37.27 -7.51
C ILE G 380 -42.09 36.06 -8.36
N THR G 381 -42.08 36.22 -9.67
CA THR G 381 -41.81 35.09 -10.51
C THR G 381 -40.41 35.21 -11.05
N LEU G 382 -39.64 34.16 -10.85
CA LEU G 382 -38.26 34.11 -11.29
C LEU G 382 -38.19 33.23 -12.54
N PRO G 383 -37.79 33.76 -13.71
CA PRO G 383 -37.61 33.00 -14.92
C PRO G 383 -36.51 32.00 -14.66
N CYS G 384 -36.57 30.77 -15.22
CA CYS G 384 -35.51 29.75 -15.06
C CYS G 384 -35.17 29.08 -16.39
N ARG G 385 -33.88 28.80 -16.59
CA ARG G 385 -33.44 28.04 -17.73
C ARG G 385 -33.02 26.66 -17.28
N ILE G 386 -33.04 25.72 -18.19
CA ILE G 386 -32.66 24.35 -17.87
C ILE G 386 -31.55 23.83 -18.74
N LYS G 387 -30.64 23.05 -18.14
CA LYS G 387 -29.55 22.45 -18.89
C LYS G 387 -29.46 20.97 -18.65
N GLN G 388 -29.06 20.21 -19.66
CA GLN G 388 -28.81 18.79 -19.48
C GLN G 388 -27.33 18.46 -19.37
N ILE G 389 -26.45 19.30 -19.90
CA ILE G 389 -25.03 18.98 -19.77
C ILE G 389 -24.46 19.81 -18.66
N ILE G 390 -24.08 19.11 -17.62
CA ILE G 390 -23.69 19.71 -16.39
C ILE G 390 -22.25 19.51 -16.01
N ASN G 391 -21.54 20.60 -15.77
CA ASN G 391 -20.20 20.50 -15.24
C ASN G 391 -20.44 20.72 -13.79
N MET G 392 -19.63 20.19 -12.90
CA MET G 392 -19.95 20.46 -11.51
C MET G 392 -18.67 20.54 -10.70
N TRP G 393 -18.76 21.21 -9.55
CA TRP G 393 -17.69 21.37 -8.57
C TRP G 393 -16.56 22.20 -9.13
N GLN G 394 -16.89 22.99 -10.15
CA GLN G 394 -15.98 23.87 -10.87
C GLN G 394 -14.80 23.13 -11.49
N ARG G 395 -15.03 21.93 -12.02
CA ARG G 395 -13.97 21.18 -12.66
C ARG G 395 -14.12 21.20 -14.16
N ILE G 396 -13.05 20.87 -14.87
CA ILE G 396 -13.06 20.77 -16.32
C ILE G 396 -12.60 19.39 -16.78
N GLY G 397 -13.33 18.79 -17.70
CA GLY G 397 -12.97 17.48 -18.24
C GLY G 397 -13.91 16.36 -17.81
N GLN G 398 -14.68 16.62 -16.77
CA GLN G 398 -15.66 15.66 -16.28
C GLN G 398 -17.06 16.19 -16.45
N ALA G 399 -17.79 15.79 -17.47
CA ALA G 399 -19.11 16.39 -17.65
C ALA G 399 -20.16 15.29 -17.57
N MET G 400 -21.31 15.65 -17.06
CA MET G 400 -22.42 14.73 -16.91
C MET G 400 -23.61 15.07 -17.76
N TYR G 401 -24.26 14.05 -18.29
CA TYR G 401 -25.51 14.30 -18.98
C TYR G 401 -26.63 13.87 -18.07
N ALA G 402 -27.55 14.77 -17.82
CA ALA G 402 -28.67 14.49 -16.97
C ALA G 402 -29.84 14.01 -17.82
N PRO G 403 -30.30 12.77 -17.71
CA PRO G 403 -31.36 12.25 -18.51
C PRO G 403 -32.55 13.11 -18.23
N PRO G 404 -33.46 13.29 -19.16
CA PRO G 404 -34.68 14.00 -19.01
C PRO G 404 -35.62 13.19 -18.18
N ILE G 405 -36.54 13.87 -17.57
CA ILE G 405 -37.56 13.28 -16.75
C ILE G 405 -38.91 13.43 -17.38
N GLN G 406 -39.59 12.30 -17.54
CA GLN G 406 -40.91 12.22 -18.13
C GLN G 406 -41.93 12.87 -17.24
N GLY G 407 -42.88 13.56 -17.85
CA GLY G 407 -43.92 14.19 -17.06
C GLY G 407 -43.61 15.65 -16.77
N VAL G 408 -44.20 16.14 -15.70
CA VAL G 408 -44.12 17.53 -15.29
C VAL G 408 -43.47 17.58 -13.93
N ILE G 409 -42.53 18.49 -13.74
CA ILE G 409 -41.81 18.56 -12.48
C ILE G 409 -42.21 19.67 -11.56
N ARG G 410 -42.45 19.33 -10.32
CA ARG G 410 -42.73 20.33 -9.32
C ARG G 410 -41.99 19.97 -8.02
N CYS G 411 -41.39 20.97 -7.35
CA CYS G 411 -40.72 20.82 -6.05
C CYS G 411 -40.98 22.05 -5.22
N VAL G 412 -41.07 21.84 -3.93
CA VAL G 412 -41.25 22.92 -2.97
C VAL G 412 -40.14 22.84 -1.95
N SER G 413 -39.47 23.94 -1.75
CA SER G 413 -38.34 23.98 -0.83
C SER G 413 -38.35 25.24 0.00
N ASN G 414 -37.54 25.28 1.08
CA ASN G 414 -37.40 26.45 1.96
C ASN G 414 -36.05 27.12 1.75
N ILE G 415 -36.03 28.46 1.74
CA ILE G 415 -34.82 29.27 1.70
C ILE G 415 -34.52 29.53 3.16
N THR G 416 -33.36 29.07 3.58
CA THR G 416 -32.98 29.18 4.97
C THR G 416 -31.81 30.12 5.14
N GLY G 417 -31.23 30.56 4.04
CA GLY G 417 -30.11 31.48 4.11
C GLY G 417 -29.76 32.05 2.78
N LEU G 418 -28.88 33.04 2.79
CA LEU G 418 -28.47 33.73 1.58
C LEU G 418 -26.95 33.83 1.49
N ILE G 419 -26.39 33.86 0.29
CA ILE G 419 -24.98 34.20 0.22
C ILE G 419 -24.85 35.55 -0.46
N LEU G 420 -24.30 36.53 0.23
CA LEU G 420 -24.15 37.88 -0.31
C LEU G 420 -22.71 38.33 -0.45
N THR G 421 -22.47 39.17 -1.42
CA THR G 421 -21.17 39.77 -1.61
C THR G 421 -21.33 41.28 -1.65
N ARG G 422 -20.42 42.01 -1.01
CA ARG G 422 -20.54 43.46 -0.97
C ARG G 422 -19.58 44.14 -1.94
N ASP G 423 -20.08 45.10 -2.69
CA ASP G 423 -19.28 45.87 -3.62
C ASP G 423 -18.29 46.70 -2.85
N GLY G 424 -17.10 46.93 -3.39
CA GLY G 424 -16.27 47.86 -2.67
C GLY G 424 -16.93 49.22 -2.81
N GLY G 425 -16.89 50.04 -1.77
CA GLY G 425 -17.52 51.34 -1.86
C GLY G 425 -16.54 52.42 -2.25
N SER G 426 -17.05 53.66 -2.30
CA SER G 426 -16.23 54.82 -2.65
C SER G 426 -15.45 55.33 -1.46
N THR G 427 -15.89 54.88 -0.27
CA THR G 427 -15.42 55.20 1.08
C THR G 427 -15.83 56.59 1.54
N ASN G 428 -16.42 57.39 0.64
CA ASN G 428 -16.82 58.75 0.97
C ASN G 428 -18.31 58.96 0.70
N SER G 429 -19.05 57.86 0.64
CA SER G 429 -20.49 57.87 0.41
C SER G 429 -21.12 56.78 1.24
N THR G 430 -22.16 57.13 1.98
CA THR G 430 -22.82 56.23 2.90
C THR G 430 -23.84 55.29 2.26
N THR G 431 -23.43 54.61 1.21
CA THR G 431 -24.25 53.63 0.53
C THR G 431 -23.45 52.36 0.30
N GLU G 432 -24.02 51.24 0.66
CA GLU G 432 -23.41 49.95 0.43
C GLU G 432 -24.28 49.18 -0.54
N THR G 433 -23.66 48.37 -1.38
CA THR G 433 -24.41 47.53 -2.31
C THR G 433 -24.06 46.08 -2.13
N PHE G 434 -25.10 45.26 -2.03
CA PHE G 434 -24.96 43.84 -1.85
C PHE G 434 -25.56 43.11 -3.03
N ARG G 435 -24.88 42.07 -3.46
CA ARG G 435 -25.34 41.28 -4.57
C ARG G 435 -25.30 39.84 -4.17
N PRO G 436 -26.07 38.96 -4.76
CA PRO G 436 -25.94 37.56 -4.56
C PRO G 436 -24.53 37.15 -4.92
N GLY G 437 -23.96 36.30 -4.10
CA GLY G 437 -22.62 35.77 -4.32
C GLY G 437 -22.73 34.26 -4.27
N GLY G 438 -21.60 33.57 -4.14
CA GLY G 438 -21.66 32.12 -4.10
C GLY G 438 -20.94 31.45 -5.26
N GLY G 439 -21.13 30.13 -5.35
CA GLY G 439 -20.50 29.25 -6.33
C GLY G 439 -19.40 28.36 -5.74
N ASP G 440 -18.85 28.76 -4.59
CA ASP G 440 -17.85 27.95 -3.92
C ASP G 440 -18.57 27.12 -2.92
N MET G 441 -18.67 25.85 -3.20
CA MET G 441 -19.48 24.95 -2.42
C MET G 441 -19.10 24.82 -0.98
N ARG G 442 -17.87 25.13 -0.64
CA ARG G 442 -17.51 24.98 0.74
C ARG G 442 -18.30 25.94 1.58
N ASP G 443 -18.74 27.05 1.01
CA ASP G 443 -19.49 28.03 1.76
C ASP G 443 -20.89 27.54 2.07
N ASN G 444 -21.39 26.55 1.34
CA ASN G 444 -22.70 26.08 1.67
C ASN G 444 -22.57 25.16 2.84
N TRP G 445 -21.53 24.33 2.80
CA TRP G 445 -21.22 23.37 3.90
C TRP G 445 -21.10 24.16 5.21
N ARG G 446 -20.37 25.27 5.16
CA ARG G 446 -20.05 26.04 6.36
C ARG G 446 -21.31 26.49 7.06
N SER G 447 -22.46 26.52 6.38
CA SER G 447 -23.66 27.01 7.01
C SER G 447 -24.24 25.99 7.97
N GLU G 448 -23.81 24.74 7.88
CA GLU G 448 -24.29 23.75 8.83
C GLU G 448 -23.15 23.40 9.77
N LEU G 449 -21.94 23.27 9.21
CA LEU G 449 -20.79 22.95 10.00
C LEU G 449 -20.11 24.19 10.54
N TYR G 450 -20.84 24.95 11.34
CA TYR G 450 -20.25 26.13 11.95
C TYR G 450 -20.23 25.99 13.43
N LYS G 451 -21.06 25.11 13.94
CA LYS G 451 -21.20 24.94 15.36
C LYS G 451 -20.39 23.77 15.83
N TYR G 452 -19.71 23.08 14.93
CA TYR G 452 -18.98 21.90 15.34
C TYR G 452 -17.48 22.07 15.26
N LYS G 453 -16.80 21.54 16.26
CA LYS G 453 -15.35 21.55 16.30
C LYS G 453 -14.83 20.17 16.68
N VAL G 454 -13.72 19.74 16.08
CA VAL G 454 -13.17 18.44 16.44
C VAL G 454 -11.97 18.56 17.33
N VAL G 455 -12.00 17.83 18.46
CA VAL G 455 -10.89 17.87 19.37
C VAL G 455 -10.40 16.47 19.69
N LYS G 456 -9.13 16.40 20.05
CA LYS G 456 -8.46 15.18 20.47
C LYS G 456 -8.47 15.09 21.96
N ILE G 457 -8.78 13.94 22.48
CA ILE G 457 -8.82 13.79 23.91
C ILE G 457 -7.43 13.42 24.38
N GLU G 458 -6.97 14.10 25.42
CA GLU G 458 -5.64 13.90 25.98
C GLU G 458 -5.75 13.45 27.43
N PRO G 459 -6.07 12.18 27.69
CA PRO G 459 -6.42 11.64 28.98
C PRO G 459 -5.29 11.54 29.98
N LEU G 460 -4.05 11.68 29.54
CA LEU G 460 -2.95 11.49 30.47
C LEU G 460 -2.36 12.81 30.92
N GLY G 461 -2.22 13.02 32.22
CA GLY G 461 -1.62 14.25 32.70
C GLY G 461 -1.16 14.16 34.15
N VAL G 462 -0.50 15.21 34.64
CA VAL G 462 0.03 15.18 35.99
C VAL G 462 -0.34 16.41 36.79
N ALA G 463 -0.26 16.29 38.11
CA ALA G 463 -0.48 17.38 39.05
C ALA G 463 0.20 17.03 40.36
N PRO G 464 0.63 17.99 41.20
CA PRO G 464 1.18 17.74 42.52
C PRO G 464 0.15 17.35 43.55
N THR G 465 0.56 16.50 44.48
CA THR G 465 -0.24 16.14 45.65
C THR G 465 0.62 15.53 46.72
N ARG G 466 0.12 15.51 47.94
CA ARG G 466 0.88 14.92 49.05
C ARG G 466 0.77 13.40 49.11
N CYS G 467 1.35 12.69 48.13
CA CYS G 467 1.28 11.22 48.01
C CYS G 467 2.56 10.66 47.42
N LYS G 468 3.30 9.89 48.21
CA LYS G 468 4.56 9.36 47.72
C LYS G 468 4.48 7.86 47.46
N ARG G 469 5.08 7.36 46.38
CA ARG G 469 4.97 5.91 46.07
C ARG G 469 5.23 5.09 47.34
N SER H 1 -23.15 10.80 37.65
CA SER H 1 -23.61 10.45 36.32
C SER H 1 -22.79 11.21 35.25
N LEU H 2 -23.21 12.46 34.90
CA LEU H 2 -22.61 13.36 33.90
C LEU H 2 -22.48 12.72 32.51
N GLY H 3 -21.26 12.53 32.02
CA GLY H 3 -21.08 11.97 30.68
C GLY H 3 -19.62 12.02 30.31
N PHE H 4 -19.29 11.66 29.08
CA PHE H 4 -17.88 11.56 28.69
C PHE H 4 -17.02 12.77 29.00
N LEU H 5 -17.39 13.96 28.60
CA LEU H 5 -16.56 15.09 28.98
C LEU H 5 -17.30 15.92 29.98
N GLY H 6 -18.29 15.33 30.61
CA GLY H 6 -19.20 16.02 31.51
C GLY H 6 -18.53 16.68 32.70
N ALA H 7 -17.42 16.15 33.16
CA ALA H 7 -16.75 16.76 34.28
C ALA H 7 -15.87 17.90 33.84
N ALA H 8 -15.71 18.12 32.55
CA ALA H 8 -14.85 19.19 32.14
C ALA H 8 -15.46 20.46 32.64
N GLY H 9 -14.63 21.34 33.15
CA GLY H 9 -15.12 22.61 33.66
C GLY H 9 -15.31 22.56 35.17
N SER H 10 -15.54 21.34 35.69
CA SER H 10 -15.52 21.09 37.15
C SER H 10 -14.07 21.22 37.64
N THR H 11 -13.87 21.42 38.94
CA THR H 11 -12.52 21.56 39.39
C THR H 11 -11.79 20.25 39.33
N MET H 12 -10.46 20.31 39.43
CA MET H 12 -9.63 19.13 39.35
C MET H 12 -9.99 18.11 40.39
N GLY H 13 -10.29 18.55 41.60
CA GLY H 13 -10.64 17.61 42.63
C GLY H 13 -11.85 16.80 42.23
N ALA H 14 -12.93 17.48 41.89
CA ALA H 14 -14.16 16.80 41.51
C ALA H 14 -14.00 15.94 40.28
N ALA H 15 -13.22 16.40 39.33
CA ALA H 15 -13.03 15.70 38.08
C ALA H 15 -12.23 14.43 38.26
N SER H 16 -11.39 14.37 39.28
CA SER H 16 -10.58 13.18 39.50
C SER H 16 -11.43 12.00 39.90
N MET H 17 -12.68 12.23 40.29
CA MET H 17 -13.53 11.14 40.70
C MET H 17 -14.32 10.50 39.56
N THR H 18 -14.14 10.99 38.33
CA THR H 18 -14.89 10.47 37.19
C THR H 18 -13.98 9.86 36.14
N LEU H 19 -12.76 9.48 36.50
CA LEU H 19 -11.77 9.04 35.53
C LEU H 19 -12.15 7.83 34.69
N THR H 20 -12.95 6.92 35.22
CA THR H 20 -13.28 5.75 34.42
C THR H 20 -14.21 6.06 33.29
N VAL H 21 -14.85 7.21 33.31
CA VAL H 21 -15.78 7.48 32.26
C VAL H 21 -15.01 7.67 30.96
N GLN H 22 -13.91 8.40 31.04
CA GLN H 22 -13.15 8.67 29.85
C GLN H 22 -12.37 7.44 29.50
N ALA H 23 -11.89 6.73 30.52
CA ALA H 23 -11.11 5.54 30.25
C ALA H 23 -11.91 4.54 29.43
N ARG H 24 -13.22 4.45 29.66
CA ARG H 24 -14.08 3.54 28.91
C ARG H 24 -14.32 3.96 27.47
N ASN H 25 -14.38 5.26 27.20
CA ASN H 25 -14.60 5.77 25.86
C ASN H 25 -13.40 5.68 24.92
N LEU H 26 -12.21 5.62 25.46
CA LEU H 26 -11.06 5.48 24.58
C LEU H 26 -11.25 4.11 23.93
N LEU H 27 -10.94 4.00 22.65
CA LEU H 27 -11.18 2.76 21.85
C LEU H 27 -12.67 2.36 21.65
N SER H 28 -13.64 3.19 22.08
CA SER H 28 -15.08 2.98 21.95
C SER H 28 -15.79 4.26 22.34
N THR H 51 -13.74 0.21 -1.88
CA THR H 51 -13.66 1.66 -2.00
C THR H 51 -12.66 2.19 -0.94
N HIS H 52 -12.18 3.44 -1.13
CA HIS H 52 -11.21 4.10 -0.24
C HIS H 52 -11.86 4.46 1.08
N TRP H 53 -13.19 4.32 1.10
CA TRP H 53 -14.05 4.60 2.28
C TRP H 53 -14.18 3.35 3.16
N GLY H 54 -13.59 2.23 2.74
CA GLY H 54 -13.37 1.10 3.63
C GLY H 54 -12.05 1.38 4.32
N ILE H 55 -11.14 1.96 3.54
CA ILE H 55 -9.85 2.30 4.06
C ILE H 55 -9.99 3.45 5.03
N LYS H 56 -10.81 4.43 4.74
CA LYS H 56 -10.97 5.51 5.68
C LYS H 56 -11.35 4.95 7.05
N GLN H 57 -12.27 3.97 7.09
CA GLN H 57 -12.61 3.40 8.38
C GLN H 57 -11.42 2.68 9.01
N LEU H 58 -10.63 1.95 8.22
CA LEU H 58 -9.50 1.29 8.85
C LEU H 58 -8.51 2.27 9.40
N GLN H 59 -8.31 3.38 8.72
CA GLN H 59 -7.36 4.33 9.21
C GLN H 59 -7.84 4.90 10.52
N ALA H 60 -9.14 5.15 10.63
CA ALA H 60 -9.68 5.67 11.88
C ALA H 60 -9.50 4.67 13.02
N ARG H 61 -9.68 3.38 12.72
CA ARG H 61 -9.55 2.36 13.75
C ARG H 61 -8.12 2.20 14.19
N VAL H 62 -7.21 2.21 13.25
CA VAL H 62 -5.81 2.03 13.56
C VAL H 62 -5.33 3.21 14.35
N LEU H 63 -5.74 4.40 13.98
CA LEU H 63 -5.29 5.56 14.71
C LEU H 63 -5.75 5.50 16.15
N ALA H 64 -7.01 5.10 16.41
CA ALA H 64 -7.48 5.02 17.78
C ALA H 64 -6.66 4.02 18.58
N VAL H 65 -6.29 2.92 17.95
CA VAL H 65 -5.49 1.93 18.63
C VAL H 65 -4.11 2.43 18.93
N GLU H 66 -3.46 3.07 17.97
CA GLU H 66 -2.12 3.52 18.25
C GLU H 66 -2.09 4.55 19.34
N HIS H 67 -3.08 5.45 19.39
CA HIS H 67 -3.01 6.45 20.44
C HIS H 67 -3.20 5.80 21.79
N TYR H 68 -4.11 4.85 21.87
CA TYR H 68 -4.34 4.18 23.12
C TYR H 68 -3.06 3.53 23.59
N LEU H 69 -2.41 2.79 22.70
CA LEU H 69 -1.23 2.09 23.09
C LEU H 69 -0.08 2.98 23.46
N ARG H 70 0.10 4.14 22.83
CA ARG H 70 1.20 4.99 23.24
C ARG H 70 1.01 5.47 24.67
N ASP H 71 -0.22 5.77 25.07
CA ASP H 71 -0.42 6.21 26.45
C ASP H 71 -0.19 5.05 27.40
N GLN H 72 -0.59 3.86 27.01
CA GLN H 72 -0.38 2.72 27.88
C GLN H 72 1.09 2.42 28.02
N GLN H 73 1.85 2.61 26.95
CA GLN H 73 3.28 2.37 26.97
C GLN H 73 3.94 3.27 27.98
N LEU H 74 3.53 4.55 28.02
CA LEU H 74 4.12 5.44 29.00
C LEU H 74 3.76 5.05 30.40
N LEU H 75 2.53 4.64 30.63
CA LEU H 75 2.18 4.28 31.98
C LEU H 75 3.00 3.07 32.40
N GLY H 76 3.26 2.16 31.48
CA GLY H 76 4.08 1.00 31.79
C GLY H 76 5.49 1.43 32.18
N ILE H 77 6.11 2.28 31.36
CA ILE H 77 7.47 2.74 31.56
C ILE H 77 7.65 3.49 32.85
N TRP H 78 6.68 4.31 33.20
CA TRP H 78 6.73 5.11 34.41
C TRP H 78 6.41 4.31 35.67
N GLY H 79 6.04 3.05 35.53
CA GLY H 79 5.70 2.23 36.69
C GLY H 79 4.25 2.28 37.21
N CYS H 80 3.28 2.74 36.40
CA CYS H 80 1.88 2.86 36.77
C CYS H 80 1.09 1.70 36.21
N SER H 81 1.35 1.36 34.98
CA SER H 81 0.62 0.31 34.32
C SER H 81 -0.89 0.51 34.41
N GLY H 82 -1.62 -0.53 34.80
CA GLY H 82 -3.07 -0.51 34.86
C GLY H 82 -3.70 0.18 36.06
N LYS H 83 -3.41 1.45 36.24
CA LYS H 83 -3.93 2.26 37.33
C LYS H 83 -4.46 3.58 36.84
N LEU H 84 -5.50 4.10 37.48
CA LEU H 84 -5.97 5.42 37.08
C LEU H 84 -5.29 6.52 37.89
N ILE H 85 -5.07 6.28 39.17
CA ILE H 85 -4.36 7.25 40.01
C ILE H 85 -3.04 6.63 40.49
N CYS H 86 -1.89 7.17 40.03
CA CYS H 86 -0.55 6.62 40.29
C CYS H 86 0.38 7.61 40.95
N CYS H 87 0.71 7.34 42.20
CA CYS H 87 1.60 8.22 42.94
C CYS H 87 3.01 7.80 42.61
N THR H 88 3.95 8.72 42.52
CA THR H 88 5.32 8.29 42.27
C THR H 88 6.35 8.94 43.19
N ASN H 89 7.63 8.73 42.89
CA ASN H 89 8.75 9.24 43.71
C ASN H 89 9.47 10.45 43.14
N VAL H 90 8.86 11.15 42.21
CA VAL H 90 9.45 12.36 41.66
C VAL H 90 8.87 13.53 42.42
N PRO H 91 9.67 14.37 43.08
CA PRO H 91 9.21 15.51 43.85
C PRO H 91 8.72 16.56 42.91
N TRP H 92 7.76 17.35 43.35
CA TRP H 92 7.27 18.45 42.54
C TRP H 92 8.19 19.66 42.67
N ASN H 93 8.53 20.29 41.53
CA ASN H 93 9.34 21.50 41.42
C ASN H 93 8.44 22.75 41.48
N SER H 94 8.78 23.71 42.36
CA SER H 94 8.07 24.97 42.51
C SER H 94 8.23 25.83 41.26
N SER H 95 9.23 25.49 40.45
CA SER H 95 9.45 26.21 39.21
C SER H 95 8.46 25.78 38.14
N TRP H 96 7.82 24.61 38.27
CA TRP H 96 6.85 24.19 37.27
C TRP H 96 5.56 24.89 37.62
N SER H 97 5.29 24.94 38.91
CA SER H 97 4.14 25.62 39.47
C SER H 97 4.35 25.93 40.92
N ASN H 98 4.06 27.16 41.30
CA ASN H 98 4.21 27.61 42.66
C ASN H 98 2.87 27.88 43.34
N ARG H 99 1.82 27.24 42.85
CA ARG H 99 0.50 27.37 43.44
C ARG H 99 0.33 26.52 44.68
N ASN H 100 -0.61 26.90 45.52
CA ASN H 100 -0.92 26.15 46.72
C ASN H 100 -1.80 24.98 46.34
N LEU H 101 -1.82 23.90 47.13
CA LEU H 101 -2.68 22.81 46.72
C LEU H 101 -4.13 23.15 46.69
N SER H 102 -4.61 24.00 47.60
CA SER H 102 -6.03 24.28 47.55
C SER H 102 -6.36 25.05 46.29
N GLU H 103 -5.43 25.83 45.80
CA GLU H 103 -5.69 26.58 44.60
C GLU H 103 -5.76 25.64 43.41
N ILE H 104 -4.85 24.68 43.37
CA ILE H 104 -4.82 23.76 42.26
C ILE H 104 -6.01 22.82 42.24
N TRP H 105 -6.33 22.22 43.37
CA TRP H 105 -7.38 21.25 43.36
C TRP H 105 -8.80 21.80 43.47
N ASP H 106 -8.99 22.92 44.16
CA ASP H 106 -10.32 23.48 44.32
C ASP H 106 -10.68 24.65 43.40
N ASN H 107 -9.71 25.43 42.91
CA ASN H 107 -10.07 26.60 42.11
C ASN H 107 -9.63 26.54 40.65
N MET H 108 -9.26 25.35 40.19
CA MET H 108 -8.86 25.17 38.82
C MET H 108 -9.47 23.95 38.22
N THR H 109 -9.64 23.98 36.91
CA THR H 109 -10.11 22.84 36.14
C THR H 109 -8.91 22.17 35.52
N TRP H 110 -9.08 20.97 34.98
CA TRP H 110 -7.96 20.31 34.33
C TRP H 110 -7.53 21.00 33.06
N LEU H 111 -8.44 21.69 32.39
CA LEU H 111 -8.03 22.34 31.16
C LEU H 111 -7.12 23.50 31.49
N GLN H 112 -7.44 24.23 32.55
CA GLN H 112 -6.61 25.36 32.93
C GLN H 112 -5.25 24.91 33.39
N TRP H 113 -5.23 23.84 34.16
CA TRP H 113 -3.99 23.30 34.66
C TRP H 113 -3.11 22.82 33.54
N ASP H 114 -3.68 22.12 32.58
CA ASP H 114 -2.89 21.60 31.50
C ASP H 114 -2.24 22.72 30.72
N LYS H 115 -2.95 23.82 30.52
CA LYS H 115 -2.30 24.90 29.80
C LYS H 115 -1.17 25.49 30.61
N GLU H 116 -1.38 25.69 31.91
CA GLU H 116 -0.38 26.32 32.76
C GLU H 116 0.93 25.60 32.81
N ILE H 117 0.92 24.27 32.85
CA ILE H 117 2.18 23.56 32.93
C ILE H 117 2.53 22.84 31.66
N SER H 118 1.99 23.27 30.54
CA SER H 118 2.25 22.62 29.27
C SER H 118 3.73 22.57 28.96
N ASN H 119 4.42 23.67 29.25
CA ASN H 119 5.86 23.79 28.94
C ASN H 119 6.63 22.63 29.57
N TYR H 120 6.26 22.22 30.79
CA TYR H 120 7.12 21.38 31.58
C TYR H 120 6.82 19.91 31.38
N THR H 121 5.94 19.60 30.44
CA THR H 121 5.50 18.23 30.26
C THR H 121 6.63 17.28 29.97
N GLN H 122 7.55 17.66 29.10
CA GLN H 122 8.58 16.71 28.73
C GLN H 122 9.61 16.56 29.82
N ILE H 123 9.79 17.58 30.64
CA ILE H 123 10.73 17.49 31.73
C ILE H 123 10.22 16.48 32.71
N ILE H 124 8.94 16.60 33.05
CA ILE H 124 8.36 15.74 34.01
C ILE H 124 8.37 14.33 33.51
N TYR H 125 8.00 14.11 32.26
CA TYR H 125 7.97 12.76 31.76
C TYR H 125 9.34 12.12 31.81
N GLY H 126 10.40 12.85 31.48
CA GLY H 126 11.73 12.28 31.56
C GLY H 126 12.07 11.85 32.97
N LEU H 127 11.69 12.65 33.96
CA LEU H 127 11.98 12.31 35.35
C LEU H 127 11.21 11.09 35.81
N LEU H 128 9.98 10.93 35.35
CA LEU H 128 9.19 9.79 35.77
C LEU H 128 9.85 8.52 35.28
N GLU H 129 10.37 8.55 34.06
CA GLU H 129 11.07 7.41 33.50
C GLU H 129 12.35 7.09 34.25
N GLU H 130 13.14 8.10 34.61
CA GLU H 130 14.38 7.80 35.32
C GLU H 130 14.12 7.16 36.66
N SER H 131 13.10 7.64 37.36
CA SER H 131 12.81 7.09 38.65
C SER H 131 12.44 5.63 38.54
N GLN H 132 11.62 5.27 37.56
CA GLN H 132 11.24 3.87 37.48
C GLN H 132 12.42 3.00 37.15
N ASN H 133 13.35 3.46 36.33
CA ASN H 133 14.48 2.59 36.03
C ASN H 133 15.29 2.31 37.27
N GLN H 134 15.44 3.31 38.12
CA GLN H 134 16.20 3.12 39.33
C GLN H 134 15.49 2.16 40.25
N GLN H 135 14.18 2.26 40.32
CA GLN H 135 13.45 1.39 41.19
C GLN H 135 13.50 -0.05 40.74
N GLU H 136 13.43 -0.32 39.45
CA GLU H 136 13.46 -1.71 39.06
C GLU H 136 14.81 -2.32 39.32
N LYS H 137 15.88 -1.56 39.13
CA LYS H 137 17.17 -2.14 39.43
C LYS H 137 17.28 -2.41 40.93
N ASN H 138 16.77 -1.50 41.76
CA ASN H 138 16.88 -1.73 43.18
C ASN H 138 16.09 -2.95 43.61
N GLU H 139 14.93 -3.20 43.00
CA GLU H 139 14.17 -4.37 43.38
C GLU H 139 14.94 -5.61 43.05
N GLN H 140 15.60 -5.63 41.90
CA GLN H 140 16.35 -6.79 41.48
C GLN H 140 17.46 -7.09 42.46
N ASP H 141 18.15 -6.07 42.93
CA ASP H 141 19.25 -6.32 43.84
C ASP H 141 18.77 -6.81 45.19
N LEU H 142 17.68 -6.25 45.69
CA LEU H 142 17.21 -6.67 46.99
C LEU H 142 16.71 -8.08 46.96
N LEU H 143 16.07 -8.48 45.87
CA LEU H 143 15.59 -9.84 45.79
C LEU H 143 16.75 -10.81 45.73
N ALA H 144 17.82 -10.46 45.02
CA ALA H 144 18.98 -11.35 44.98
C ALA H 144 19.59 -11.61 46.38
N LEU H 145 19.61 -10.58 47.28
CA LEU H 145 20.12 -10.69 48.65
C LEU H 145 19.23 -11.64 49.45
C1 NAG I . -16.80 -22.48 -44.38
C2 NAG I . -16.20 -23.91 -44.65
C3 NAG I . -14.80 -23.72 -45.32
C4 NAG I . -14.94 -22.92 -46.66
C5 NAG I . -15.61 -21.54 -46.35
C6 NAG I . -15.93 -20.73 -47.62
C7 NAG I . -16.93 -25.58 -42.93
C8 NAG I . -16.70 -26.29 -41.63
N2 NAG I . -16.05 -24.65 -43.36
O3 NAG I . -14.24 -25.01 -45.60
O4 NAG I . -13.60 -22.65 -47.16
O5 NAG I . -16.92 -21.76 -45.66
O6 NAG I . -16.67 -19.56 -47.35
O7 NAG I . -17.93 -25.86 -43.60
C1 NAG I . -13.30 -23.03 -48.58
C2 NAG I . -12.02 -22.21 -49.04
C3 NAG I . -11.69 -22.60 -50.52
C4 NAG I . -11.47 -24.15 -50.63
C5 NAG I . -12.77 -24.89 -50.15
C6 NAG I . -12.62 -26.42 -50.14
C7 NAG I . -11.92 -19.96 -47.97
C8 NAG I . -12.29 -18.51 -47.98
N2 NAG I . -12.33 -20.76 -48.96
O3 NAG I . -10.49 -21.91 -50.92
O4 NAG I . -11.18 -24.49 -51.99
O5 NAG I . -13.07 -24.48 -48.75
O6 NAG I . -13.86 -27.07 -49.90
O7 NAG I . -11.25 -20.40 -47.02
C1 NAG J . -32.35 -9.81 -27.03
C2 NAG J . -33.63 -9.54 -26.13
C3 NAG J . -34.28 -10.92 -25.77
C4 NAG J . -34.66 -11.68 -27.10
C5 NAG J . -33.35 -11.87 -27.95
C6 NAG J . -33.59 -12.54 -29.29
C7 NAG J . -33.58 -7.63 -24.52
C8 NAG J . -33.02 -7.00 -23.29
N2 NAG J . -33.14 -8.84 -24.91
O3 NAG J . -35.46 -10.68 -24.98
O4 NAG J . -35.15 -13.02 -26.77
O5 NAG J . -32.73 -10.56 -28.23
O6 NAG J . -34.52 -11.84 -30.12
O7 NAG J . -34.44 -7.02 -25.16
C1 NAG J . -36.63 -13.27 -26.96
C2 NAG J . -36.84 -14.84 -27.09
C3 NAG J . -38.38 -15.10 -27.26
C4 NAG J . -39.17 -14.50 -26.05
C5 NAG J . -38.87 -12.96 -25.95
C6 NAG J . -39.52 -12.29 -24.74
C7 NAG J . -35.04 -16.11 -28.28
C8 NAG J . -34.39 -16.55 -29.57
N2 NAG J . -36.13 -15.32 -28.31
O3 NAG J . -38.61 -16.52 -27.33
O4 NAG J . -40.57 -14.71 -26.24
O5 NAG J . -37.40 -12.74 -25.85
O6 NAG J . -39.11 -12.87 -23.50
O7 NAG J . -34.55 -16.49 -27.21
C1 NAG K . -33.06 -33.08 11.01
C2 NAG K . -34.57 -32.93 10.51
C3 NAG K . -35.31 -32.03 11.57
C4 NAG K . -35.24 -32.70 12.98
C5 NAG K . -33.75 -32.95 13.38
C6 NAG K . -33.60 -33.78 14.65
C7 NAG K . -34.54 -33.04 8.02
C8 NAG K . -34.56 -32.38 6.67
N2 NAG K . -34.60 -32.30 9.15
O3 NAG K . -36.69 -31.86 11.17
O4 NAG K . -35.73 -31.73 13.95
O5 NAG K . -33.06 -33.73 12.32
O6 NAG K . -32.30 -33.62 15.24
O7 NAG K . -34.47 -34.28 8.07
C1 NAG K . -37.06 -31.98 14.60
C2 NAG K . -37.07 -31.25 16.01
C3 NAG K . -38.47 -31.49 16.67
C4 NAG K . -39.62 -30.97 15.73
C5 NAG K . -39.52 -31.72 14.36
C6 NAG K . -40.53 -31.21 13.32
C7 NAG K . -34.91 -31.16 17.30
C8 NAG K . -33.89 -31.84 18.17
N2 NAG K . -36.00 -31.84 16.89
O3 NAG K . -38.53 -30.79 17.93
O4 NAG K . -40.88 -31.21 16.33
O5 NAG K . -38.16 -31.52 13.77
O6 NAG K . -40.35 -29.82 13.03
O7 NAG K . -34.72 -29.98 16.97
C1 NAG L . -13.26 -33.88 -11.20
C2 NAG L . -13.30 -32.76 -12.34
C3 NAG L . -12.50 -33.29 -13.58
C4 NAG L . -11.02 -33.62 -13.17
C5 NAG L . -11.06 -34.68 -12.02
C6 NAG L . -9.68 -34.98 -11.44
C7 NAG L . -15.16 -31.27 -13.04
C8 NAG L . -16.60 -31.06 -13.41
N2 NAG L . -14.71 -32.48 -12.70
O3 NAG L . -12.50 -32.29 -14.61
O4 NAG L . -10.32 -34.20 -14.33
O5 NAG L . -11.86 -34.18 -10.89
O6 NAG L . -9.70 -35.89 -10.35
O7 NAG L . -14.40 -30.29 -13.06
C1 NAG L . -9.01 -33.54 -14.73
C2 NAG L . -8.08 -34.63 -15.43
C3 NAG L . -6.73 -33.95 -15.81
C4 NAG L . -6.99 -32.73 -16.76
C5 NAG L . -7.94 -31.72 -16.02
C6 NAG L . -8.34 -30.52 -16.88
C7 NAG L . -8.16 -37.01 -14.71
C8 NAG L . -7.83 -38.06 -13.69
N2 NAG L . -7.81 -35.75 -14.49
O3 NAG L . -5.90 -34.91 -16.47
O4 NAG L . -5.70 -32.09 -17.01
O5 NAG L . -9.20 -32.42 -15.63
O6 NAG L . -9.09 -30.87 -18.04
O7 NAG L . -8.77 -37.35 -15.73
C1 BMA L . -5.29 -31.94 -18.46
C2 BMA L . -4.23 -30.81 -18.60
C3 BMA L . -3.94 -30.61 -20.08
C4 BMA L . -3.45 -31.95 -20.62
C5 BMA L . -4.52 -33.01 -20.42
C6 BMA L . -4.06 -34.35 -20.95
O2 BMA L . -3.03 -31.20 -17.93
O3 BMA L . -2.90 -29.59 -20.23
O4 BMA L . -3.15 -31.82 -22.00
O5 BMA L . -4.83 -33.17 -19.02
O6 BMA L . -2.85 -34.76 -20.31
C1 MAN L . -3.23 -28.44 -21.16
C2 MAN L . -1.91 -27.66 -21.52
C3 MAN L . -1.40 -26.93 -20.24
C4 MAN L . -2.51 -25.98 -19.67
C5 MAN L . -3.80 -26.82 -19.36
C6 MAN L . -4.97 -25.94 -18.88
O2 MAN L . -2.17 -26.75 -22.60
O3 MAN L . -0.21 -26.19 -20.55
O4 MAN L . -2.04 -25.34 -18.49
O5 MAN L . -4.24 -27.53 -20.59
O6 MAN L . -6.11 -26.71 -18.54
C1 NAG M . -42.75 -26.13 6.83
C2 NAG M . -43.16 -24.91 7.74
C3 NAG M . -44.65 -25.09 8.19
C4 NAG M . -45.58 -25.16 6.93
C5 NAG M . -45.10 -26.35 6.01
C6 NAG M . -45.81 -26.44 4.66
C7 NAG M . -41.58 -23.78 9.29
C8 NAG M . -40.68 -23.84 10.50
N2 NAG M . -42.25 -24.88 8.92
O3 NAG M . -45.03 -23.98 9.01
O4 NAG M . -46.93 -25.48 7.40
O5 NAG M . -43.66 -26.17 5.68
O6 NAG M . -46.13 -25.19 4.04
O7 NAG M . -41.67 -22.70 8.68
C1 NAG M . -48.06 -24.63 6.87
C2 NAG M . -49.40 -25.46 6.97
C3 NAG M . -50.57 -24.57 6.41
C4 NAG M . -50.64 -23.21 7.18
C5 NAG M . -49.26 -22.48 7.05
C6 NAG M . -49.19 -21.15 7.81
C7 NAG M . -49.20 -27.93 6.61
C8 NAG M . -49.08 -29.08 5.67
N2 NAG M . -49.29 -26.69 6.13
O3 NAG M . -51.82 -25.27 6.55
O4 NAG M . -51.70 -22.40 6.64
O5 NAG M . -48.19 -23.35 7.57
O6 NAG M . -48.09 -20.36 7.38
O7 NAG M . -49.21 -28.15 7.83
C1 NAG N . -14.69 -44.21 -17.90
C2 NAG N . -15.61 -45.51 -17.95
C3 NAG N . -14.85 -46.69 -17.24
C4 NAG N . -13.47 -46.94 -17.94
C5 NAG N . -12.64 -45.61 -17.87
C6 NAG N . -11.28 -45.69 -18.57
C7 NAG N . -18.05 -45.03 -17.76
C8 NAG N . -19.24 -44.69 -16.91
N2 NAG N . -16.84 -45.20 -17.19
O3 NAG N . -15.69 -47.85 -17.31
O4 NAG N . -12.77 -47.98 -17.21
O5 NAG N . -13.39 -44.51 -18.52
O6 NAG N . -10.51 -44.50 -18.40
O7 NAG N . -18.22 -45.14 -18.99
C1 NAG N . -12.33 -49.18 -18.01
C2 NAG N . -11.28 -49.99 -17.14
C3 NAG N . -10.81 -51.24 -17.97
C4 NAG N . -12.04 -52.12 -18.36
C5 NAG N . -13.06 -51.24 -19.21
C6 NAG N . -14.34 -51.99 -19.57
C7 NAG N . -9.71 -48.79 -15.61
C8 NAG N . -8.53 -47.88 -15.43
N2 NAG N . -10.11 -49.11 -16.85
O3 NAG N . -9.91 -52.02 -17.16
O4 NAG N . -11.61 -53.24 -19.14
O5 NAG N . -13.44 -50.05 -18.40
O6 NAG N . -15.08 -51.31 -20.58
O7 NAG N . -10.29 -49.22 -14.60
C1 NAG O . -6.08 -33.53 -34.66
C2 NAG O . -5.43 -34.98 -34.66
C3 NAG O . -3.88 -34.83 -34.51
C4 NAG O . -3.30 -33.93 -35.66
C5 NAG O . -4.01 -32.53 -35.61
C6 NAG O . -3.56 -31.55 -36.70
C7 NAG O . -6.89 -36.70 -33.61
C8 NAG O . -7.41 -37.38 -32.37
N2 NAG O . -6.00 -35.71 -33.50
O3 NAG O . -3.29 -36.13 -34.54
O4 NAG O . -1.88 -33.72 -35.46
O5 NAG O . -5.48 -32.72 -35.74
O6 NAG O . -3.48 -30.20 -36.23
O7 NAG O . -7.30 -37.09 -34.71
C1 NAG O . -0.97 -34.39 -36.46
C2 NAG O . 0.51 -33.87 -36.24
C3 NAG O . 1.44 -34.58 -37.28
C4 NAG O . 1.34 -36.14 -37.12
C5 NAG O . -0.16 -36.58 -37.33
C6 NAG O . -0.39 -38.07 -37.10
C7 NAG O . 0.82 -31.49 -35.51
C8 NAG O . 0.80 -30.03 -35.85
N2 NAG O . 0.53 -32.39 -36.46
O3 NAG O . 2.80 -34.17 -37.04
O4 NAG O . 2.18 -36.78 -38.08
O5 NAG O . -1.01 -35.85 -36.35
O6 NAG O . -1.62 -38.51 -37.68
O7 NAG O . 1.08 -31.84 -34.35
C1 NAG P . -20.24 -44.25 -24.23
C2 NAG P . -18.77 -43.94 -24.72
C3 NAG P . -18.71 -44.16 -26.26
C4 NAG P . -19.14 -45.62 -26.64
C5 NAG P . -20.60 -45.88 -26.06
C6 NAG P . -21.09 -47.31 -26.25
C7 NAG P . -17.78 -42.12 -23.31
C8 NAG P . -17.57 -40.66 -23.05
N2 NAG P . -18.49 -42.51 -24.39
O3 NAG P . -17.36 -43.95 -26.69
O4 NAG P . -19.26 -45.65 -28.09
O5 NAG P . -20.61 -45.62 -24.60
O6 NAG P . -22.48 -47.42 -25.96
O7 NAG P . -17.30 -42.93 -22.51
C1 NAG P . -18.49 -46.71 -28.84
C2 NAG P . -19.24 -46.93 -30.23
C3 NAG P . -18.45 -48.02 -31.05
C4 NAG P . -16.96 -47.56 -31.26
C5 NAG P . -16.30 -47.34 -29.84
C6 NAG P . -14.87 -46.78 -29.92
C7 NAG P . -21.73 -46.67 -30.22
C8 NAG P . -23.09 -47.23 -29.93
N2 NAG P . -20.63 -47.42 -29.98
O3 NAG P . -19.08 -48.19 -32.33
O4 NAG P . -16.26 -48.56 -31.98
O5 NAG P . -17.10 -46.34 -29.08
O6 NAG P . -13.93 -47.75 -30.38
O7 NAG P . -21.65 -45.52 -30.68
C1 NAG Q . -34.22 -33.95 -23.09
C2 NAG Q . -34.95 -32.55 -23.35
C3 NAG Q . -36.49 -32.80 -23.19
C4 NAG Q . -36.98 -33.90 -24.20
C5 NAG Q . -36.14 -35.21 -23.98
C6 NAG Q . -36.40 -36.27 -25.05
C7 NAG Q . -33.62 -30.59 -22.62
C8 NAG Q . -33.22 -29.63 -21.53
N2 NAG Q . -34.49 -31.56 -22.35
O3 NAG Q . -37.21 -31.58 -23.43
O4 NAG Q . -38.34 -34.25 -23.82
O5 NAG Q . -34.69 -34.92 -24.07
O6 NAG Q . -35.72 -37.49 -24.77
O7 NAG Q . -33.12 -30.45 -23.75
C1 NAG Q . -39.46 -33.80 -24.72
C2 NAG Q . -40.63 -34.87 -24.59
C3 NAG Q . -41.82 -34.41 -25.50
C4 NAG Q . -42.30 -32.97 -25.05
C5 NAG Q . -41.08 -31.98 -25.17
C6 NAG Q . -41.41 -30.57 -24.65
C7 NAG Q . -40.47 -37.35 -24.52
C8 NAG Q . -39.84 -38.62 -25.03
N2 NAG Q . -40.09 -36.18 -25.04
O3 NAG Q . -42.92 -35.33 -25.37
O4 NAG Q . -43.37 -32.54 -25.89
O5 NAG Q . -39.94 -32.46 -24.36
O6 NAG Q . -41.74 -30.56 -23.25
O7 NAG Q . -41.33 -37.41 -23.64
C1 NAG R . -14.09 -41.09 -7.29
C2 NAG R . -12.78 -40.20 -7.11
C3 NAG R . -11.55 -41.14 -7.02
C4 NAG R . -11.72 -42.13 -5.82
C5 NAG R . -13.03 -42.96 -6.04
C6 NAG R . -13.37 -43.94 -4.90
C7 NAG R . -12.68 -37.99 -8.22
C8 NAG R . -12.59 -37.18 -9.48
N2 NAG R . -12.68 -39.32 -8.29
O3 NAG R . -10.37 -40.33 -6.84
O4 NAG R . -10.58 -43.04 -5.82
O5 NAG R . -14.19 -42.03 -6.15
O6 NAG R . -14.48 -44.76 -5.21
O7 NAG R . -12.75 -37.40 -7.12
C1 NAG R . -9.83 -43.19 -4.52
C2 NAG R . -8.89 -44.46 -4.65
C3 NAG R . -8.11 -44.63 -3.29
C4 NAG R . -7.31 -43.32 -2.97
C5 NAG R . -8.32 -42.11 -2.88
C6 NAG R . -7.63 -40.76 -2.63
C7 NAG R . -9.82 -46.26 -6.11
C8 NAG R . -10.70 -47.46 -6.28
N2 NAG R . -9.73 -45.66 -4.91
O3 NAG R . -7.20 -45.74 -3.41
O4 NAG R . -6.61 -43.48 -1.72
O5 NAG R . -9.06 -42.00 -4.16
O6 NAG R . -8.57 -39.76 -2.27
O7 NAG R . -9.18 -45.85 -7.10
C1 NAG S . -16.59 -35.95 29.83
C2 NAG S . -15.18 -35.75 30.53
C3 NAG S . -14.76 -37.10 31.20
C4 NAG S . -15.86 -37.53 32.25
C5 NAG S . -17.24 -37.66 31.51
C6 NAG S . -18.40 -37.96 32.47
C7 NAG S . -13.56 -34.11 29.60
C8 NAG S . -12.56 -33.69 28.56
N2 NAG S . -14.17 -35.30 29.52
O3 NAG S . -13.49 -36.93 31.86
O4 NAG S . -15.53 -38.83 32.81
O5 NAG S . -17.57 -36.38 30.84
O6 NAG S . -19.63 -38.17 31.78
O7 NAG S . -13.80 -33.33 30.53
C1 NAG S . -15.16 -38.82 34.28
C2 NAG S . -15.17 -40.31 34.81
C3 NAG S . -14.78 -40.29 36.33
C4 NAG S . -13.36 -39.61 36.51
C5 NAG S . -13.44 -38.14 35.94
C6 NAG S . -12.10 -37.41 35.97
C7 NAG S . -16.83 -42.04 34.10
C8 NAG S . -18.26 -42.50 33.99
N2 NAG S . -16.55 -40.86 34.65
O3 NAG S . -14.72 -41.64 36.83
O4 NAG S . -13.04 -39.57 37.91
O5 NAG S . -13.85 -38.20 34.51
O6 NAG S . -11.71 -37.03 37.29
O7 NAG S . -15.93 -42.78 33.67
C1 NAG T . 6.76 17.59 -44.75
C2 NAG T . 7.72 18.84 -44.84
C3 NAG T . 6.82 20.13 -44.91
C4 NAG T . 5.88 20.06 -46.16
C5 NAG T . 5.00 18.75 -46.06
C6 NAG T . 4.19 18.49 -47.33
C7 NAG T . 9.95 18.70 -43.72
C8 NAG T . 10.79 18.69 -42.49
N2 NAG T . 8.61 18.83 -43.65
O3 NAG T . 7.69 21.27 -45.03
O4 NAG T . 4.98 21.20 -46.09
O5 NAG T . 5.88 17.56 -45.93
O6 NAG T . 3.49 17.25 -47.29
O7 NAG T . 10.51 18.57 -44.83
C1 NAG T . 4.84 22.05 -47.33
C2 NAG T . 3.43 22.77 -47.28
C3 NAG T . 3.29 23.69 -48.55
C4 NAG T . 4.47 24.73 -48.60
C5 NAG T . 5.83 23.93 -48.63
C6 NAG T . 7.05 24.84 -48.63
C7 NAG T . 1.66 21.37 -46.24
C8 NAG T . 0.60 20.31 -46.37
N2 NAG T . 2.36 21.74 -47.31
O3 NAG T . 2.04 24.39 -48.48
O4 NAG T . 4.34 25.53 -49.78
O5 NAG T . 5.92 23.04 -47.44
O6 NAG T . 7.11 25.70 -47.48
O7 NAG T . 1.86 21.87 -45.11
C1 NAG U . 5.95 -6.96 -34.82
C2 NAG U . 6.50 -8.43 -34.58
C3 NAG U . 8.06 -8.37 -34.54
C4 NAG U . 8.62 -7.74 -35.87
C5 NAG U . 7.99 -6.31 -36.05
C6 NAG U . 8.41 -5.61 -37.35
C7 NAG U . 4.93 -9.72 -33.12
C8 NAG U . 4.47 -10.13 -31.75
N2 NAG U . 5.99 -8.89 -33.26
O3 NAG U . 8.56 -9.70 -34.38
O4 NAG U . 10.05 -7.57 -35.70
O5 NAG U . 6.51 -6.40 -36.05
O6 NAG U . 8.08 -6.33 -38.52
O7 NAG U . 4.32 -10.16 -34.11
C1 NAG U . 10.95 -8.30 -36.65
C2 NAG U . 12.38 -7.62 -36.61
C3 NAG U . 13.31 -8.38 -37.62
C4 NAG U . 13.37 -9.91 -37.23
C5 NAG U . 11.92 -10.50 -37.26
C6 NAG U . 11.85 -11.97 -36.80
C7 NAG U . 12.27 -5.15 -36.17
C8 NAG U . 12.13 -3.75 -36.68
N2 NAG U . 12.25 -6.19 -37.03
O3 NAG U . 14.63 -7.82 -37.56
O4 NAG U . 14.20 -10.59 -38.19
O5 NAG U . 11.05 -9.73 -36.33
O6 NAG U . 12.36 -12.16 -35.48
O7 NAG U . 12.40 -5.33 -34.96
C1 NAG V . 34.37 -8.92 -0.42
C2 NAG V . 35.01 -9.98 -1.42
C3 NAG V . 34.73 -11.41 -0.84
C4 NAG V . 35.37 -11.55 0.59
C5 NAG V . 34.79 -10.41 1.50
C6 NAG V . 35.40 -10.38 2.90
C7 NAG V . 35.10 -9.56 -3.89
C8 NAG V . 34.40 -9.46 -5.22
N2 NAG V . 34.40 -9.88 -2.79
O3 NAG V . 35.28 -12.38 -1.74
O4 NAG V . 34.93 -12.81 1.19
O5 NAG V . 35.02 -9.08 0.89
O6 NAG V . 36.83 -10.27 2.88
O7 NAG V . 36.32 -9.34 -3.84
C1 NAG V . 35.86 -14.01 1.08
C2 NAG V . 35.63 -14.94 2.34
C3 NAG V . 36.56 -16.18 2.20
C4 NAG V . 36.24 -16.95 0.87
C5 NAG V . 36.46 -15.97 -0.33
C6 NAG V . 36.06 -16.58 -1.68
C7 NAG V . 35.13 -13.92 4.58
C8 NAG V . 35.60 -13.17 5.80
N2 NAG V . 36.00 -14.19 3.59
O3 NAG V . 36.35 -17.08 3.32
O4 NAG V . 37.12 -18.08 0.73
O5 NAG V . 35.61 -14.76 -0.15
O6 NAG V . 34.67 -16.93 -1.75
O7 NAG V . 33.94 -14.28 4.52
C1 NAG W . 21.89 14.55 -13.22
C2 NAG W . 20.62 14.41 -14.16
C3 NAG W . 20.50 15.72 -15.01
C4 NAG W . 20.37 16.96 -14.06
C5 NAG W . 21.63 17.00 -13.14
C6 NAG W . 21.62 18.13 -12.11
C7 NAG W . 19.97 12.25 -15.21
C8 NAG W . 20.25 11.14 -16.17
N2 NAG W . 20.83 13.27 -15.09
O3 NAG W . 19.34 15.63 -15.84
O4 NAG W . 20.36 18.18 -14.86
O5 NAG W . 21.75 15.74 -12.39
O6 NAG W . 20.50 18.10 -11.23
O7 NAG W . 18.94 12.19 -14.53
C1 NAG W . 19.17 19.09 -14.63
C2 NAG W . 19.51 20.55 -15.12
C3 NAG W . 18.28 21.47 -14.81
C4 NAG W . 17.01 20.89 -15.54
C5 NAG W . 16.77 19.42 -15.05
C6 NAG W . 15.61 18.72 -15.77
C7 NAG W . 21.92 21.21 -15.05
C8 NAG W . 23.11 21.66 -14.26
N2 NAG W . 20.73 21.01 -14.42
O3 NAG W . 18.53 22.80 -15.27
O4 NAG W . 15.82 21.66 -15.19
O5 NAG W . 17.98 18.60 -15.31
O6 NAG W . 15.80 18.70 -17.18
O7 NAG W . 22.04 21.04 -16.26
C1 BMA W . 15.19 22.44 -16.30
C2 BMA W . 13.72 22.83 -15.90
C3 BMA W . 13.08 23.59 -17.10
C4 BMA W . 13.95 24.84 -17.41
C5 BMA W . 15.39 24.38 -17.76
C6 BMA W . 16.34 25.55 -18.03
O2 BMA W . 13.72 23.62 -14.71
O3 BMA W . 11.73 23.98 -16.73
O4 BMA W . 13.39 25.54 -18.52
O5 BMA W . 15.96 23.62 -16.64
O6 BMA W . 16.25 26.56 -17.02
C1 MAN W . 10.63 23.58 -17.70
C2 MAN W . 9.32 24.42 -17.39
C3 MAN W . 8.75 23.94 -16.00
C4 MAN W . 8.47 22.39 -16.04
C5 MAN W . 9.81 21.64 -16.38
C6 MAN W . 9.60 20.12 -16.53
O2 MAN W . 8.38 24.26 -18.46
O3 MAN W . 7.54 24.65 -15.71
O4 MAN W . 7.97 21.97 -14.78
O5 MAN W . 10.35 22.14 -17.67
O6 MAN W . 10.83 19.42 -16.65
C1 MAN W . 17.43 27.48 -16.99
C2 MAN W . 18.33 27.12 -15.75
C3 MAN W . 17.52 27.49 -14.45
C4 MAN W . 17.12 29.00 -14.47
C5 MAN W . 16.26 29.28 -15.76
C6 MAN W . 15.88 30.75 -15.93
O2 MAN W . 19.59 27.80 -15.83
O3 MAN W . 18.33 27.20 -13.29
O4 MAN W . 16.37 29.32 -13.29
O5 MAN W . 17.03 28.89 -16.97
O6 MAN W . 14.98 30.95 -17.02
C1 NAG X . 31.63 -19.11 -8.64
C2 NAG X . 31.00 -20.26 -7.76
C3 NAG X . 31.89 -21.54 -7.94
C4 NAG X . 31.95 -21.95 -9.46
C5 NAG X . 32.55 -20.74 -10.26
C6 NAG X . 32.60 -20.94 -11.78
C7 NAG X . 30.01 -19.84 -5.52
C8 NAG X . 30.19 -19.36 -4.11
N2 NAG X . 31.06 -19.82 -6.34
O3 NAG X . 31.29 -22.61 -7.19
O4 NAG X . 32.86 -23.07 -9.54
O5 NAG X . 31.71 -19.54 -10.04
O6 NAG X . 31.34 -21.30 -12.34
O7 NAG X . 28.89 -20.22 -5.90
C1 NAG X . 32.44 -24.23 -10.42
C2 NAG X . 33.70 -25.12 -10.74
C3 NAG X . 33.26 -26.28 -11.69
C4 NAG X . 32.11 -27.11 -11.00
C5 NAG X . 30.91 -26.14 -10.68
C6 NAG X . 29.76 -26.84 -9.94
C7 NAG X . 35.80 -23.76 -10.79
C8 NAG X . 36.77 -22.91 -11.56
N2 NAG X . 34.72 -24.26 -11.42
O3 NAG X . 34.38 -27.14 -11.95
O4 NAG X . 31.68 -28.15 -11.89
O5 NAG X . 31.38 -25.03 -9.81
O6 NAG X . 28.60 -26.01 -9.87
O7 NAG X . 36.02 -24.00 -9.59
C1 NAG Y . 30.18 20.90 -20.04
C2 NAG Y . 31.74 20.78 -20.30
C3 NAG Y . 32.48 21.66 -19.25
C4 NAG Y . 31.98 23.15 -19.36
C5 NAG Y . 30.43 23.17 -19.14
C6 NAG Y . 29.78 24.54 -19.30
C7 NAG Y . 32.60 18.59 -21.15
C8 NAG Y . 32.92 17.14 -20.91
N2 NAG Y . 32.11 19.34 -20.16
O3 NAG Y . 33.90 21.59 -19.51
O4 NAG Y . 32.62 23.94 -18.31
O5 NAG Y . 29.77 22.30 -20.14
O6 NAG Y . 28.41 24.50 -18.87
O7 NAG Y . 32.82 19.06 -22.27
C1 NAG Y . 33.37 25.17 -18.74
C2 NAG Y . 33.47 26.16 -17.51
C3 NAG Y . 34.24 27.44 -17.96
C4 NAG Y . 35.67 27.04 -18.49
C5 NAG Y . 35.51 26.03 -19.68
C6 NAG Y . 36.84 25.49 -20.20
C7 NAG Y . 31.48 26.06 -15.98
C8 NAG Y . 30.09 26.50 -15.63
N2 NAG Y . 32.09 26.55 -17.07
O3 NAG Y . 34.39 28.34 -16.85
O4 NAG Y . 36.36 28.22 -18.94
O5 NAG Y . 34.71 24.85 -19.22
O6 NAG Y . 37.61 24.84 -19.19
O7 NAG Y . 32.05 25.23 -15.25
C1 NAG Z . 31.37 18.23 -28.22
C2 NAG Z . 30.50 19.54 -28.02
C3 NAG Z . 30.32 20.21 -29.43
C4 NAG Z . 31.72 20.54 -30.07
C5 NAG Z . 32.53 19.20 -30.17
C6 NAG Z . 33.96 19.37 -30.72
C7 NAG Z . 28.79 19.21 -26.23
C8 NAG Z . 27.45 18.70 -25.78
N2 NAG Z . 29.17 19.09 -27.51
O3 NAG Z . 29.60 21.45 -29.23
O4 NAG Z . 31.50 21.00 -31.42
O5 NAG Z . 32.65 18.58 -28.82
O6 NAG Z . 34.49 18.13 -31.15
O7 NAG Z . 29.54 19.73 -25.39
C1 NAG Z . 32.06 22.35 -31.82
C2 NAG Z . 32.12 22.39 -33.40
C3 NAG Z . 32.67 23.78 -33.85
C4 NAG Z . 31.75 24.92 -33.27
C5 NAG Z . 31.78 24.81 -31.69
C6 NAG Z . 30.89 25.85 -30.99
C7 NAG Z . 32.73 20.39 -34.78
C8 NAG Z . 33.77 19.38 -35.20
N2 NAG Z . 33.07 21.33 -33.88
O3 NAG Z . 32.68 23.83 -35.28
O4 NAG Z . 32.22 26.24 -33.72
O5 NAG Z . 31.27 23.46 -31.30
O6 NAG Z . 31.20 25.96 -29.60
O7 NAG Z . 31.60 20.34 -35.27
C1 NAG AA . 28.70 1.90 -32.52
C2 NAG AA . 27.77 0.71 -33.04
C3 NAG AA . 28.73 -0.42 -33.53
C4 NAG AA . 29.67 0.11 -34.67
C5 NAG AA . 30.48 1.35 -34.12
C6 NAG AA . 31.32 2.03 -35.19
C7 NAG AA . 25.63 0.33 -31.85
C8 NAG AA . 24.90 -0.17 -30.64
N2 NAG AA . 26.95 0.25 -31.89
O3 NAG AA . 27.93 -1.51 -34.03
O4 NAG AA . 30.66 -0.93 -34.93
O5 NAG AA . 29.54 2.38 -33.61
O6 NAG AA . 32.09 3.09 -34.65
O7 NAG AA . 24.97 0.81 -32.79
C1 NAG AA . 30.57 -1.65 -36.25
C2 NAG AA . 32.01 -2.20 -36.61
C3 NAG AA . 31.91 -2.97 -37.97
C4 NAG AA . 30.85 -4.12 -37.86
C5 NAG AA . 29.46 -3.50 -37.49
C6 NAG AA . 28.37 -4.55 -37.28
C7 NAG AA . 34.21 -1.08 -36.34
C8 NAG AA . 35.06 0.16 -36.47
N2 NAG AA . 32.93 -1.04 -36.72
O3 NAG AA . 33.20 -3.54 -38.29
O4 NAG AA . 30.77 -4.81 -39.11
O5 NAG AA . 29.59 -2.74 -36.21
O6 NAG AA . 27.07 -3.96 -37.20
O7 NAG AA . 34.70 -2.11 -35.86
C1 NAG BA . 39.75 1.47 -31.43
C2 NAG BA . 38.96 1.42 -32.82
C3 NAG BA . 40.04 1.21 -33.95
C4 NAG BA . 41.08 2.40 -33.93
C5 NAG BA . 41.76 2.44 -32.52
C6 NAG BA . 42.70 3.64 -32.35
C7 NAG BA . 36.63 0.49 -32.82
C8 NAG BA . 35.69 -0.68 -32.76
N2 NAG BA . 37.96 0.31 -32.78
O3 NAG BA . 39.40 1.11 -35.23
O4 NAG BA . 42.14 2.18 -34.90
O5 NAG BA . 40.72 2.57 -31.47
O6 NAG BA . 43.37 3.62 -31.09
O7 NAG BA . 36.15 1.63 -32.92
C1 NAG BA . 41.86 2.55 -36.35
C2 NAG BA . 42.99 3.57 -36.83
C3 NAG BA . 42.71 3.89 -38.35
C4 NAG BA . 42.71 2.57 -39.19
C5 NAG BA . 41.61 1.61 -38.62
C6 NAG BA . 41.63 0.23 -39.30
C7 NAG BA . 43.98 5.51 -35.61
C8 NAG BA . 43.80 6.75 -34.79
N2 NAG BA . 42.90 4.81 -36.01
O3 NAG BA . 43.72 4.79 -38.85
O4 NAG BA . 42.43 2.88 -40.56
O5 NAG BA . 41.86 1.36 -37.18
O6 NAG BA . 42.82 -0.50 -39.00
O7 NAG BA . 45.13 5.16 -35.91
C1 NAG CA . 29.18 16.17 -9.86
C2 NAG CA . 27.92 17.10 -9.56
C3 NAG CA . 28.43 18.45 -8.95
C4 NAG CA . 29.25 18.17 -7.64
C5 NAG CA . 30.44 17.21 -7.99
C6 NAG CA . 31.28 16.79 -6.77
C7 NAG CA . 25.96 16.98 -11.10
C8 NAG CA . 25.37 17.24 -12.46
N2 NAG CA . 27.23 17.34 -10.85
O3 NAG CA . 27.29 19.27 -8.65
O4 NAG CA . 29.79 19.44 -7.21
O5 NAG CA . 29.92 15.97 -8.60
O6 NAG CA . 32.17 15.71 -7.05
O7 NAG CA . 25.28 16.44 -10.22
C1 NAG CA . 29.70 19.75 -5.73
C2 NAG CA . 30.48 21.09 -5.47
C3 NAG CA . 30.42 21.39 -3.94
C4 NAG CA . 28.93 21.50 -3.48
C5 NAG CA . 28.20 20.14 -3.80
C6 NAG CA . 26.70 20.18 -3.47
C7 NAG CA . 32.43 21.49 -6.99
C8 NAG CA . 33.86 21.23 -7.36
N2 NAG CA . 31.90 20.90 -5.91
O3 NAG CA . 31.07 22.66 -3.69
O4 NAG CA . 28.89 21.74 -2.06
O5 NAG CA . 28.31 19.86 -5.26
O6 NAG CA . 26.10 18.89 -3.56
O7 NAG CA . 31.76 22.24 -7.72
C1 NAG DA . 34.95 -2.09 22.58
C2 NAG DA . 34.77 -0.76 23.32
C3 NAG DA . 36.12 -0.28 23.82
C4 NAG DA . 36.76 -1.36 24.70
C5 NAG DA . 36.86 -2.65 23.90
C6 NAG DA . 37.39 -3.81 24.73
C7 NAG DA . 33.06 0.93 22.84
C8 NAG DA . 31.87 0.09 23.20
N2 NAG DA . 34.16 0.25 22.48
O3 NAG DA . 35.95 0.93 24.56
O4 NAG DA . 38.07 -0.94 25.08
O5 NAG DA . 35.57 -3.05 23.42
O6 NAG DA . 38.80 -3.96 24.58
O7 NAG DA . 33.04 2.15 22.89
C1 NAG DA . 38.10 -0.82 26.51
C2 NAG DA . 39.46 -0.28 26.95
C3 NAG DA . 39.49 -0.17 28.47
C4 NAG DA . 38.33 0.68 28.96
C5 NAG DA . 37.01 0.10 28.44
C6 NAG DA . 35.82 0.95 28.80
C7 NAG DA . 40.68 -2.40 26.84
C8 NAG DA . 42.04 -2.99 26.65
N2 NAG DA . 40.54 -1.12 26.48
O3 NAG DA . 40.74 0.37 28.88
O4 NAG DA . 38.31 0.67 30.38
O5 NAG DA . 37.04 -0.01 27.00
O6 NAG DA . 34.60 0.33 28.38
O7 NAG DA . 39.74 -3.05 27.29
C1 NAG EA . -38.66 17.45 -35.04
C2 NAG EA . -40.20 17.69 -34.77
C3 NAG EA . -40.95 16.36 -35.11
C4 NAG EA . -40.68 15.96 -36.60
C5 NAG EA . -39.13 15.81 -36.81
C6 NAG EA . -38.71 15.55 -38.25
C7 NAG EA . -40.71 19.30 -32.93
C8 NAG EA . -40.86 19.60 -31.47
N2 NAG EA . -40.37 18.06 -33.34
O3 NAG EA . -42.35 16.57 -34.91
O4 NAG EA . -41.29 14.65 -36.81
O5 NAG EA . -38.45 17.07 -36.43
O6 NAG EA . -37.30 15.31 -38.36
O7 NAG EA . -40.90 20.21 -33.74
C1 NAG EA . -42.17 14.49 -38.03
C2 NAG EA . -42.22 12.95 -38.39
C3 NAG EA . -43.12 12.79 -39.67
C4 NAG EA . -44.55 13.36 -39.39
C5 NAG EA . -44.42 14.88 -38.98
C6 NAG EA . -45.76 15.51 -38.59
C7 NAG EA . -40.17 11.62 -37.90
C8 NAG EA . -38.76 11.22 -38.27
N2 NAG EA . -40.83 12.50 -38.68
O3 NAG EA . -43.22 11.39 -39.99
O4 NAG EA . -45.36 13.24 -40.56
O5 NAG EA . -43.52 15.01 -37.80
O6 NAG EA . -46.37 14.86 -37.48
O7 NAG EA . -40.69 11.12 -36.89
C1 NAG FA . -14.67 25.08 -26.41
C2 NAG FA . -13.62 26.22 -26.09
C3 NAG FA . -14.39 27.43 -25.47
C4 NAG FA . -15.49 27.93 -26.46
C5 NAG FA . -16.46 26.75 -26.78
C6 NAG FA . -17.54 27.09 -27.80
C7 NAG FA . -11.44 25.19 -25.41
C8 NAG FA . -10.53 24.66 -24.36
N2 NAG FA . -12.64 25.69 -25.09
O3 NAG FA . -13.44 28.50 -25.21
O4 NAG FA . -16.29 28.95 -25.79
O5 NAG FA . -15.70 25.60 -27.32
O6 NAG FA . -17.02 27.48 -29.07
O7 NAG FA . -11.07 25.16 -26.59
C1 NAG FA . -16.17 30.37 -26.31
C2 NAG FA . -17.40 31.19 -25.76
C3 NAG FA . -17.28 32.66 -26.30
C4 NAG FA . -15.91 33.29 -25.84
C5 NAG FA . -14.74 32.39 -26.39
C6 NAG FA . -13.36 32.84 -25.92
C7 NAG FA . -19.50 29.83 -25.49
C8 NAG FA . -20.75 29.24 -26.08
N2 NAG FA . -18.67 30.57 -26.26
O3 NAG FA . -18.36 33.46 -25.77
O4 NAG FA . -15.80 34.61 -26.36
O5 NAG FA . -14.92 30.99 -25.91
O6 NAG FA . -13.22 32.89 -24.50
O7 NAG FA . -19.24 29.62 -24.29
C1 NAG GA . -18.09 37.92 15.99
C2 NAG GA . -17.45 39.05 15.08
C3 NAG GA . -15.97 39.26 15.55
C4 NAG GA . -15.94 39.66 17.06
C5 NAG GA . -16.67 38.56 17.91
C6 NAG GA . -16.83 38.97 19.38
C7 NAG GA . -18.60 38.92 12.87
C8 NAG GA . -18.64 38.47 11.44
N2 NAG GA . -17.52 38.65 13.65
O3 NAG GA . -15.35 40.29 14.76
O4 NAG GA . -14.55 39.64 17.49
O5 NAG GA . -18.04 38.34 17.40
O6 NAG GA . -17.54 38.01 20.16
O7 NAG GA . -19.59 39.53 13.33
C1 NAG GA . -13.94 40.97 17.87
C2 NAG GA . -12.68 40.67 18.79
C3 NAG GA . -12.05 42.05 19.20
C4 NAG GA . -11.65 42.86 17.92
C5 NAG GA . -12.93 43.08 17.03
C6 NAG GA . -12.63 43.78 15.70
C7 NAG GA . -12.95 38.59 20.15
C8 NAG GA . -13.43 37.88 21.39
N2 NAG GA . -13.12 39.92 20.01
O3 NAG GA . -10.89 41.83 20.00
O4 NAG GA . -11.11 44.13 18.30
O5 NAG GA . -13.55 41.75 16.71
O6 NAG GA . -11.64 43.11 14.92
O7 NAG GA . -12.38 37.91 19.27
C1 NAG HA . -36.22 20.43 0.07
C2 NAG HA . -35.72 19.90 -1.34
C3 NAG HA . -36.99 19.50 -2.18
C4 NAG HA . -37.80 18.40 -1.42
C5 NAG HA . -38.22 18.97 -0.02
C6 NAG HA . -38.98 17.98 0.86
C7 NAG HA . -33.91 20.77 -2.80
C8 NAG HA . -33.19 21.93 -3.42
N2 NAG HA . -34.96 20.99 -2.00
O3 NAG HA . -36.57 19.00 -3.46
O4 NAG HA . -39.00 18.11 -2.18
O5 NAG HA . -37.01 19.39 0.72
O6 NAG HA . -38.20 16.84 1.24
O7 NAG HA . -33.50 19.63 -3.03
C1 NAG HA . -39.26 16.66 -2.48
C2 NAG HA . -40.75 16.45 -2.91
C3 NAG HA . -40.97 14.91 -3.13
C4 NAG HA . -39.97 14.39 -4.24
C5 NAG HA . -38.51 14.69 -3.76
C6 NAG HA . -37.44 14.29 -4.76
C7 NAG HA . -42.49 18.04 -2.08
C8 NAG HA . -43.36 18.56 -0.98
N2 NAG HA . -41.66 17.00 -1.86
O3 NAG HA . -42.34 14.71 -3.51
O4 NAG HA . -40.10 12.95 -4.44
O5 NAG HA . -38.35 16.14 -3.49
O6 NAG HA . -37.59 14.93 -6.02
O7 NAG HA . -42.56 18.58 -3.20
C1 BMA HA . -40.82 12.51 -5.70
C2 BMA HA . -40.48 11.01 -6.00
C3 BMA HA . -41.21 10.61 -7.31
C4 BMA HA . -42.74 10.81 -7.13
C5 BMA HA . -43.00 12.32 -6.78
C6 BMA HA . -44.48 12.57 -6.48
O2 BMA HA . -40.87 10.17 -4.91
O3 BMA HA . -40.95 9.20 -7.60
O4 BMA HA . -43.41 10.49 -8.34
O5 BMA HA . -42.25 12.69 -5.57
O6 BMA HA . -44.95 11.72 -5.44
C1 MAN HA . -40.12 8.90 -8.83
C2 MAN HA . -40.48 7.45 -9.36
C3 MAN HA . -39.97 6.40 -8.33
C4 MAN HA . -38.43 6.57 -8.11
C5 MAN HA . -38.15 8.03 -7.59
C6 MAN HA . -36.66 8.36 -7.43
O2 MAN HA . -39.92 7.25 -10.67
O3 MAN HA . -40.28 5.08 -8.80
O4 MAN HA . -37.99 5.61 -7.15
O5 MAN HA . -38.68 9.01 -8.59
O6 MAN HA . -36.08 7.66 -6.34
C1 MAN HA . -46.36 11.96 -5.02
C2 MAN HA . -46.41 12.05 -3.44
C3 MAN HA . -46.07 10.64 -2.87
C4 MAN HA . -47.08 9.57 -3.43
C5 MAN HA . -46.97 9.57 -5.00
C6 MAN HA . -47.95 8.62 -5.69
O2 MAN HA . -47.69 12.53 -3.01
O3 MAN HA . -46.14 10.67 -1.43
O4 MAN HA . -46.74 8.27 -2.90
O5 MAN HA . -47.27 10.94 -5.52
O6 MAN HA . -47.56 8.38 -7.04
C1 NAG IA . -10.04 42.79 7.97
C2 NAG IA . -8.48 42.55 8.15
C3 NAG IA . -7.77 43.94 8.25
C4 NAG IA . -8.07 44.80 6.97
C5 NAG IA . -9.62 44.99 6.86
C6 NAG IA . -10.09 45.73 5.60
C7 NAG IA . -7.39 40.75 9.47
C8 NAG IA . -7.27 40.00 10.77
N2 NAG IA . -8.29 41.75 9.38
O3 NAG IA . -6.35 43.72 8.38
O4 NAG IA . -7.45 46.12 7.13
O5 NAG IA . -10.26 43.65 6.80
O6 NAG IA . -11.28 46.47 5.86
O7 NAG IA . -6.67 40.43 8.51
C1 NAG IA . -6.48 46.54 6.04
C2 NAG IA . -6.32 48.11 6.11
C3 NAG IA . -5.33 48.55 4.98
C4 NAG IA . -3.95 47.82 5.15
C5 NAG IA . -4.21 46.26 5.10
C6 NAG IA . -2.93 45.42 5.32
C7 NAG IA . -8.26 49.56 6.73
C8 NAG IA . -9.60 50.13 6.38
N2 NAG IA . -7.65 48.73 5.87
O3 NAG IA . -5.11 49.97 5.06
O4 NAG IA . -3.05 48.20 4.10
O5 NAG IA . -5.18 45.88 6.16
O6 NAG IA . -3.13 44.06 4.98
O7 NAG IA . -7.73 49.87 7.81
C1 NAG JA . -48.34 13.81 -20.32
C2 NAG JA . -49.65 13.86 -19.43
C3 NAG JA . -50.07 12.39 -19.10
C4 NAG JA . -50.30 11.57 -20.42
C5 NAG JA . -48.97 11.61 -21.27
C6 NAG JA . -49.07 10.92 -22.63
C7 NAG JA . -49.66 15.84 -17.91
C8 NAG JA . -49.29 16.46 -16.59
N2 NAG JA . -49.34 14.56 -18.15
O3 NAG JA . -51.29 12.46 -18.34
O4 NAG JA . -50.52 10.18 -20.04
O5 NAG JA . -48.58 13.03 -21.53
O6 NAG JA . -47.79 10.43 -23.07
O7 NAG JA . -50.25 16.52 -18.75
C1 NAG JA . -51.84 9.53 -20.42
C2 NAG JA . -52.35 8.73 -19.15
C3 NAG JA . -53.69 8.02 -19.52
C4 NAG JA . -54.75 9.07 -20.02
C5 NAG JA . -54.15 9.82 -21.26
C6 NAG JA . -55.07 10.93 -21.80
C7 NAG JA . -50.69 7.66 -17.61
C8 NAG JA . -49.68 6.58 -17.34
N2 NAG JA . -51.33 7.71 -18.79
O3 NAG JA . -54.21 7.34 -18.36
O4 NAG JA . -55.95 8.39 -20.39
O5 NAG JA . -52.86 10.47 -20.89
O6 NAG JA . -55.40 11.92 -20.82
O7 NAG JA . -50.92 8.50 -16.71
C1 NAG KA . -46.68 31.10 -9.99
C2 NAG KA . -47.33 29.67 -10.21
C3 NAG KA . -48.12 29.69 -11.56
C4 NAG KA . -49.20 30.83 -11.54
C5 NAG KA . -48.48 32.20 -11.27
C6 NAG KA . -49.41 33.40 -11.14
C7 NAG KA . -45.94 27.74 -9.42
C8 NAG KA . -44.72 26.88 -9.55
N2 NAG KA . -46.17 28.74 -10.28
O3 NAG KA . -48.76 28.42 -11.71
O4 NAG KA . -49.82 30.90 -12.85
O5 NAG KA . -47.73 32.12 -10.00
O6 NAG KA . -48.68 34.63 -11.22
O7 NAG KA . -46.72 27.50 -8.48
C1 NAG KA . -51.33 30.76 -12.92
C2 NAG KA . -51.85 31.44 -14.25
C3 NAG KA . -53.41 31.30 -14.28
C4 NAG KA . -53.83 29.78 -14.21
C5 NAG KA . -53.23 29.17 -12.89
C6 NAG KA . -53.48 27.66 -12.75
C7 NAG KA . -50.59 33.42 -15.11
C8 NAG KA . -50.29 34.89 -15.02
N2 NAG KA . -51.48 32.88 -14.26
O3 NAG KA . -53.89 31.88 -15.52
O4 NAG KA . -55.28 29.66 -14.12
O5 NAG KA . -51.75 29.36 -12.86
O6 NAG KA . -52.94 26.90 -13.82
O7 NAG KA . -50.00 32.74 -15.96
C1 NAG LA . -31.63 38.59 -15.15
C2 NAG LA . -30.40 38.62 -16.16
C3 NAG LA . -29.92 40.10 -16.26
C4 NAG LA . -31.07 41.05 -16.73
C5 NAG LA . -32.26 40.90 -15.73
C6 NAG LA . -33.51 41.70 -16.10
C7 NAG LA . -29.07 36.53 -15.96
C8 NAG LA . -27.95 35.78 -15.30
N2 NAG LA . -29.32 37.79 -15.59
O3 NAG LA . -28.81 40.18 -17.17
O4 NAG LA . -30.64 42.44 -16.62
O5 NAG LA . -32.69 39.49 -15.64
O6 NAG LA . -33.96 41.45 -17.42
O7 NAG LA . -29.74 35.97 -16.84
C1 NAG LA . -30.22 43.15 -17.89
C2 NAG LA . -30.60 44.68 -17.72
C3 NAG LA . -30.11 45.45 -19.01
C4 NAG LA . -28.57 45.25 -19.20
C5 NAG LA . -28.28 43.71 -19.34
C6 NAG LA . -26.79 43.39 -19.44
C7 NAG LA . -32.71 45.67 -16.83
C8 NAG LA . -34.21 45.70 -16.76
N2 NAG LA . -32.08 44.77 -17.60
O3 NAG LA . -30.38 46.86 -18.85
O4 NAG LA . -28.15 45.94 -20.38
O5 NAG LA . -28.79 42.99 -18.15
O6 NAG LA . -26.05 43.80 -18.29
O7 NAG LA . -32.06 46.49 -16.15
C1 NAG MA . -35.99 47.04 -10.50
C2 NAG MA . -35.66 46.91 -12.05
C3 NAG MA . -36.14 48.24 -12.74
C4 NAG MA . -37.70 48.43 -12.51
C5 NAG MA . -37.98 48.45 -10.97
C6 NAG MA . -39.47 48.49 -10.62
C7 NAG MA . -33.65 45.64 -12.84
C8 NAG MA . -32.15 45.51 -12.99
N2 NAG MA . -34.19 46.72 -12.24
O3 NAG MA . -35.87 48.18 -14.15
O4 NAG MA . -38.12 49.74 -13.01
O5 NAG MA . -37.44 47.22 -10.33
O6 NAG MA . -39.70 48.58 -9.22
O7 NAG MA . -34.36 44.73 -13.30
C1 NAG MA . -38.37 49.91 -14.50
C2 NAG MA . -39.79 50.59 -14.68
C3 NAG MA . -40.02 50.82 -16.22
C4 NAG MA . -38.87 51.69 -16.82
C5 NAG MA . -37.50 50.95 -16.58
C6 NAG MA . -36.27 51.75 -17.05
C7 NAG MA . -41.88 50.04 -13.44
C8 NAG MA . -42.87 49.01 -12.96
N2 NAG MA . -40.82 49.65 -14.15
O3 NAG MA . -41.28 51.50 -16.42
O4 NAG MA . -39.09 51.88 -18.22
O5 NAG MA . -37.31 50.71 -15.12
O6 NAG MA . -36.14 51.77 -18.47
O7 NAG MA . -42.08 51.24 -13.17
C1 NAG NA . -40.27 24.59 5.78
C2 NAG NA . -39.87 23.07 5.99
C3 NAG NA . -41.02 22.33 6.75
C4 NAG NA . -41.27 23.03 8.14
C5 NAG NA . -41.66 24.53 7.86
C6 NAG NA . -41.89 25.37 9.13
C7 NAG NA . -38.51 21.93 4.25
C8 NAG NA . -38.41 21.37 2.88
N2 NAG NA . -39.68 22.49 4.64
O3 NAG NA . -40.62 20.97 6.96
O4 NAG NA . -42.34 22.34 8.83
O5 NAG NA . -40.57 25.19 7.10
O6 NAG NA . -42.39 26.67 8.83
O7 NAG NA . -37.54 21.87 5.01
C1 NAG NA . -42.07 21.95 10.28
C2 NAG NA . -43.45 21.71 11.00
C3 NAG NA . -43.15 21.35 12.50
C4 NAG NA . -42.23 20.08 12.57
C5 NAG NA . -40.89 20.37 11.79
C6 NAG NA . -39.97 19.15 11.72
C7 NAG NA . -45.29 23.14 10.10
C8 NAG NA . -46.05 24.44 10.11
N2 NAG NA . -44.26 22.95 10.95
O3 NAG NA . -44.38 21.07 13.19
O4 NAG NA . -41.93 19.79 13.94
O5 NAG NA . -41.22 20.77 10.39
O6 NAG NA . -38.68 19.48 11.21
O7 NAG NA . -45.63 22.25 9.31
C1 NAG OA . -20.31 24.96 37.55
C2 NAG OA . -20.25 23.60 38.36
C3 NAG OA . -21.28 23.68 39.54
C4 NAG OA . -20.94 24.90 40.47
C5 NAG OA . -20.97 26.21 39.59
C6 NAG OA . -20.58 27.49 40.34
C7 NAG OA . -19.78 21.41 37.24
C8 NAG OA . -20.14 20.30 36.30
N2 NAG OA . -20.58 22.48 37.43
O3 NAG OA . -21.19 22.47 40.31
O4 NAG OA . -21.99 25.02 41.48
O5 NAG OA . -20.02 26.08 38.47
O6 NAG OA . -19.34 27.38 41.03
O7 NAG OA . -18.71 21.31 37.86
C1 NAG OA . -21.55 25.00 42.93
C2 NAG OA . -22.63 25.73 43.82
C3 NAG OA . -22.15 25.71 45.31
C4 NAG OA . -21.91 24.22 45.77
C5 NAG OA . -20.85 23.56 44.82
C6 NAG OA . -20.61 22.08 45.14
C7 NAG OA . -23.92 27.68 42.93
C8 NAG OA . -23.95 29.12 42.49
N2 NAG OA . -22.77 27.14 43.37
O3 NAG OA . -23.15 26.32 46.15
O4 NAG OA . -21.43 24.22 47.13
O5 NAG OA . -21.32 23.64 43.42
O6 NAG OA . -21.81 21.29 45.02
O7 NAG OA . -24.97 27.03 42.87
C1 NAG PA . -29.95 -25.21 -41.42
C2 NAG PA . -30.74 -26.08 -42.50
C3 NAG PA . -32.26 -25.76 -42.38
C4 NAG PA . -32.75 -26.10 -40.94
C5 NAG PA . -31.93 -25.25 -39.91
C6 NAG PA . -32.28 -25.59 -38.46
C7 NAG PA . -29.53 -26.66 -44.61
C8 NAG PA . -29.02 -26.27 -45.96
N2 NAG PA . -30.21 -25.77 -43.85
O3 NAG PA . -32.98 -26.53 -43.36
O4 NAG PA . -34.17 -25.78 -40.76
O5 NAG PA . -30.48 -25.52 -40.08
O6 NAG PA . -31.56 -24.78 -37.54
O7 NAG PA . -29.32 -27.81 -44.20
C1 NAG QA . -17.77 -6.95 -45.81
C2 NAG QA . -19.16 -7.67 -46.10
C3 NAG QA . -19.49 -7.49 -47.62
C4 NAG QA . -19.55 -5.96 -47.99
C5 NAG QA . -18.15 -5.33 -47.66
C6 NAG QA . -18.12 -3.82 -47.89
C7 NAG QA . -19.37 -9.71 -44.69
C8 NAG QA . -19.16 -11.18 -44.53
N2 NAG QA . -19.00 -9.11 -45.84
O3 NAG QA . -20.78 -8.08 -47.89
O4 NAG QA . -19.83 -5.82 -49.39
O5 NAG QA . -17.85 -5.54 -46.23
O6 NAG QA . -16.81 -3.29 -47.70
O7 NAG QA . -19.88 -9.07 -43.77
C1 NAG RA . -39.07 -42.90 -20.03
C2 NAG RA . -39.38 -42.12 -21.38
C3 NAG RA . -40.50 -42.92 -22.14
C4 NAG RA . -40.02 -44.40 -22.44
C5 NAG RA . -39.63 -45.07 -21.07
C6 NAG RA . -38.99 -46.46 -21.24
C7 NAG RA . -39.13 -39.62 -21.36
C8 NAG RA . -39.64 -38.25 -20.97
N2 NAG RA . -39.83 -40.73 -21.04
O3 NAG RA . -40.77 -42.22 -23.38
O4 NAG RA . -41.15 -45.19 -22.92
O5 NAG RA . -38.63 -44.26 -20.35
O6 NAG RA . -38.72 -47.08 -19.98
O7 NAG RA . -38.06 -39.67 -21.99
C1 NAG SA . -16.39 -36.16 -43.46
C2 NAG SA . -16.52 -37.54 -44.24
C3 NAG SA . -15.11 -37.91 -44.83
C4 NAG SA . -14.63 -36.76 -45.79
C5 NAG SA . -14.58 -35.40 -44.99
C6 NAG SA . -14.18 -34.20 -45.85
C7 NAG SA . -17.98 -39.44 -43.54
C8 NAG SA . -18.41 -40.41 -42.47
N2 NAG SA . -17.01 -38.56 -43.27
O3 NAG SA . -15.21 -39.14 -45.57
O4 NAG SA . -13.32 -37.08 -46.27
O5 NAG SA . -15.92 -35.12 -44.40
O6 NAG SA . -15.01 -34.03 -47.00
O7 NAG SA . -18.55 -39.47 -44.65
C1 NAG TA . -33.08 -51.91 -10.76
C2 NAG TA . -33.21 -52.86 -11.94
C3 NAG TA . -34.46 -53.75 -11.79
C4 NAG TA . -34.53 -54.39 -10.41
C5 NAG TA . -34.35 -53.30 -9.36
C6 NAG TA . -34.43 -53.86 -7.95
C7 NAG TA . -32.21 -51.86 -13.95
C8 NAG TA . -32.44 -50.96 -15.13
N2 NAG TA . -33.29 -52.14 -13.20
O3 NAG TA . -34.45 -54.74 -12.83
O4 NAG TA . -35.81 -54.95 -10.14
O5 NAG TA . -33.10 -52.65 -9.55
O6 NAG TA . -33.31 -54.72 -7.77
O7 NAG TA . -31.10 -52.31 -13.70
C1 NAG UA . -29.53 -8.24 44.83
C2 NAG UA . -29.49 -6.84 45.61
C3 NAG UA . -30.96 -6.32 45.76
C4 NAG UA . -31.63 -6.16 44.36
C5 NAG UA . -31.61 -7.54 43.62
C6 NAG UA . -32.16 -7.48 42.20
C7 NAG UA . -27.77 -6.54 47.37
C8 NAG UA . -27.25 -6.87 48.73
N2 NAG UA . -28.90 -7.10 46.94
O3 NAG UA . -30.94 -5.05 46.44
O4 NAG UA . -32.98 -5.72 44.54
O5 NAG UA . -30.20 -8.03 43.53
O6 NAG UA . -31.44 -6.59 41.35
O7 NAG UA . -27.13 -5.75 46.66
C1 NAG VA . -32.97 -12.66 30.79
C2 NAG VA . -34.22 -13.17 31.50
C3 NAG VA . -35.18 -13.78 30.48
C4 NAG VA . -35.50 -12.76 29.39
C5 NAG VA . -34.20 -12.26 28.76
C6 NAG VA . -34.42 -11.17 27.75
C7 NAG VA . -33.31 -15.32 32.25
C8 NAG VA . -32.52 -15.93 33.35
N2 NAG VA . -33.90 -14.16 32.51
O3 NAG VA . -36.36 -14.21 31.14
O4 NAG VA . -36.30 -13.37 28.38
O5 NAG VA . -33.32 -11.73 29.77
O6 NAG VA . -35.06 -10.04 28.33
O7 NAG VA . -33.42 -15.87 31.15
C1 NAG WA . 15.91 7.41 -47.18
C2 NAG WA . 15.93 6.84 -48.66
C3 NAG WA . 16.45 5.36 -48.62
C4 NAG WA . 17.89 5.32 -47.99
C5 NAG WA . 17.82 5.94 -46.55
C6 NAG WA . 19.18 6.06 -45.84
C7 NAG WA . 14.12 7.84 -50.05
C8 NAG WA . 12.71 7.81 -50.54
N2 NAG WA . 14.55 6.87 -49.22
O3 NAG WA . 16.49 4.84 -49.96
O4 NAG WA . 18.30 3.92 -47.88
O5 NAG WA . 17.27 7.32 -46.63
O6 NAG WA . 20.14 6.78 -46.62
O7 NAG WA . 14.86 8.77 -50.41
C1 NAG XA . -7.20 9.83 -46.26
C2 NAG XA . -5.89 9.26 -46.98
C3 NAG XA . -6.07 9.42 -48.53
C4 NAG XA . -7.36 8.67 -49.00
C5 NAG XA . -8.60 9.27 -48.25
C6 NAG XA . -9.91 8.57 -48.58
C7 NAG XA . -3.66 9.62 -45.95
C8 NAG XA . -2.56 10.57 -45.58
N2 NAG XA . -4.74 10.09 -46.56
O3 NAG XA . -4.93 8.86 -49.18
O4 NAG XA . -7.53 8.84 -50.41
O5 NAG XA . -8.39 9.14 -46.78
O6 NAG XA . -11.04 9.25 -48.03
O7 NAG XA . -3.54 8.41 -45.67
C1 NAG YA . 14.00 28.16 -31.83
C2 NAG YA . 15.07 29.31 -31.54
C3 NAG YA . 14.33 30.50 -30.83
C4 NAG YA . 13.15 31.04 -31.73
C5 NAG YA . 12.16 29.84 -31.99
C6 NAG YA . 10.99 30.18 -32.91
C7 NAG YA . 17.28 28.27 -31.04
C8 NAG YA . 18.26 27.74 -30.04
N2 NAG YA . 16.11 28.76 -30.62
O3 NAG YA . 15.29 31.55 -30.61
O4 NAG YA . 12.47 32.08 -30.98
O5 NAG YA . 12.90 28.72 -32.63
O6 NAG YA . 9.89 29.27 -32.79
O7 NAG YA . 17.58 28.24 -32.24
C1 NAG ZA . 45.68 7.75 -22.76
C2 NAG ZA . 46.43 9.01 -23.40
C3 NAG ZA . 47.46 8.50 -24.45
C4 NAG ZA . 48.49 7.55 -23.73
C5 NAG ZA . 47.73 6.36 -23.06
C6 NAG ZA . 48.64 5.50 -22.17
C7 NAG ZA . 45.18 11.18 -23.56
C8 NAG ZA . 44.13 12.05 -24.17
N2 NAG ZA . 45.39 9.91 -24.00
O3 NAG ZA . 48.16 9.62 -25.02
O4 NAG ZA . 49.42 7.07 -24.70
O5 NAG ZA . 46.69 6.88 -22.13
O6 NAG ZA . 49.76 4.92 -22.86
O7 NAG ZA . 45.86 11.66 -22.64
C1 NAG AB . 17.84 25.76 -44.87
C2 NAG AB . 18.63 27.07 -44.41
C3 NAG AB . 17.77 28.33 -44.84
C4 NAG AB . 17.56 28.32 -46.39
C5 NAG AB . 16.85 26.98 -46.81
C6 NAG AB . 16.70 26.82 -48.32
C7 NAG AB . 20.03 26.70 -42.38
C8 NAG AB . 20.16 26.67 -40.89
N2 NAG AB . 18.84 27.03 -42.94
O3 NAG AB . 18.47 29.54 -44.45
O4 NAG AB . 16.74 29.42 -46.76
O5 NAG AB . 17.64 25.80 -46.33
O6 NAG AB . 17.96 26.77 -48.99
O7 NAG AB . 21.02 26.41 -43.08
C1 NAG BB . 51.95 -15.86 -13.37
C2 NAG BB . 51.54 -17.26 -12.91
C3 NAG BB . 52.64 -18.28 -13.20
C4 NAG BB . 53.14 -18.17 -14.63
C5 NAG BB . 53.48 -16.72 -14.93
C6 NAG BB . 54.01 -16.55 -16.34
C7 NAG BB . 49.97 -17.08 -11.02
C8 NAG BB . 49.85 -16.95 -9.53
N2 NAG BB . 51.21 -17.26 -11.49
O3 NAG BB . 52.14 -19.59 -12.90
O4 NAG BB . 54.36 -18.88 -14.82
O5 NAG BB . 52.33 -15.90 -14.74
O6 NAG BB . 52.95 -16.85 -17.23
O7 NAG BB . 48.99 -17.02 -11.75
C1 NAG CB . 57.93 -3.51 -19.82
C2 NAG CB . 58.34 -4.54 -20.87
C3 NAG CB . 59.64 -5.19 -20.43
C4 NAG CB . 60.70 -4.13 -20.17
C5 NAG CB . 60.18 -3.13 -19.14
C6 NAG CB . 61.13 -1.98 -18.88
C7 NAG CB . 56.57 -5.67 -22.14
C8 NAG CB . 55.55 -6.76 -22.13
N2 NAG CB . 57.31 -5.54 -21.04
O3 NAG CB . 60.06 -6.09 -21.45
O4 NAG CB . 61.87 -4.75 -19.63
O5 NAG CB . 58.94 -2.55 -19.60
O6 NAG CB . 61.33 -1.19 -20.04
O7 NAG CB . 56.71 -4.93 -23.12
C1 NAG DB . 17.68 -29.72 33.22
C2 NAG DB . 16.72 -29.85 34.48
C3 NAG DB . 16.73 -31.34 34.93
C4 NAG DB . 16.25 -32.25 33.74
C5 NAG DB . 17.18 -32.03 32.50
C6 NAG DB . 16.71 -32.79 31.26
C7 NAG DB . 16.63 -27.71 35.80
C8 NAG DB . 17.17 -26.78 36.84
N2 NAG DB . 17.21 -28.91 35.53
O3 NAG DB . 15.84 -31.50 36.05
O4 NAG DB . 16.32 -33.62 34.15
O5 NAG DB . 17.19 -30.59 32.13
O6 NAG DB . 17.64 -32.68 30.18
O7 NAG DB . 15.62 -27.34 35.17
C1 NAG EB . 20.72 -26.01 17.92
C2 NAG EB . 21.90 -26.94 18.09
C3 NAG EB . 22.49 -27.25 16.71
C4 NAG EB . 21.41 -27.82 15.82
C5 NAG EB . 20.24 -26.84 15.75
C6 NAG EB . 19.08 -27.36 14.95
C7 NAG EB . 23.63 -25.40 18.95
C8 NAG EB . 24.55 -25.11 20.11
N2 NAG EB . 22.89 -26.50 19.05
O3 NAG EB . 23.56 -28.15 16.88
O4 NAG EB . 21.92 -28.00 14.51
O5 NAG EB . 19.73 -26.57 17.07
O6 NAG EB . 18.53 -28.55 15.53
O7 NAG EB . 23.59 -24.68 17.96
C1 NAG FB . -33.94 30.43 -33.94
C2 NAG FB . -34.38 31.56 -34.99
C3 NAG FB . -33.24 32.64 -35.06
C4 NAG FB . -33.00 33.26 -33.63
C5 NAG FB . -32.61 32.10 -32.65
C6 NAG FB . -32.40 32.58 -31.20
C7 NAG FB . -35.74 30.65 -36.87
C8 NAG FB . -35.80 30.00 -38.23
N2 NAG FB . -34.54 30.94 -36.33
O3 NAG FB . -33.64 33.69 -35.97
O4 NAG FB . -31.88 34.19 -33.70
O5 NAG FB . -33.69 31.06 -32.64
O6 NAG FB . -31.68 31.62 -30.43
O7 NAG FB . -36.80 30.89 -36.28
C1 NAG GB . -26.53 10.80 -41.86
C2 NAG GB . -26.65 12.34 -42.20
C3 NAG GB . -27.02 12.50 -43.72
C4 NAG GB . -25.99 11.77 -44.62
C5 NAG GB . -25.94 10.26 -44.22
C6 NAG GB . -24.91 9.46 -45.01
C7 NAG GB . -27.58 13.60 -40.25
C8 NAG GB . -28.77 14.13 -39.52
N2 NAG GB . -27.75 12.92 -41.39
O3 NAG GB . -27.05 13.90 -44.05
O4 NAG GB . -26.35 11.92 -46.00
O5 NAG GB . -25.59 10.15 -42.79
O6 NAG GB . -25.08 8.05 -44.80
O7 NAG GB . -26.45 13.83 -39.80
C1 NAG HB . -46.61 26.52 -2.80
C2 NAG HB . -47.25 27.92 -2.41
C3 NAG HB . -48.17 27.72 -1.17
C4 NAG HB . -49.27 26.66 -1.47
C5 NAG HB . -48.57 25.31 -1.86
C6 NAG HB . -49.52 24.18 -2.28
C7 NAG HB . -45.71 29.83 -2.87
C8 NAG HB . -44.55 30.68 -2.47
N2 NAG HB . -46.13 28.83 -2.08
O3 NAG HB . -48.77 28.99 -0.87
O4 NAG HB . -50.05 26.42 -0.26
O5 NAG HB . -47.68 25.54 -3.02
O6 NAG HB . -48.89 22.91 -2.21
O7 NAG HB . -46.27 30.07 -3.95
C1 NAG IB . -41.69 46.50 2.57
C2 NAG IB . -42.67 47.21 1.53
C3 NAG IB . -42.56 48.76 1.69
C4 NAG IB . -42.95 49.16 3.16
C5 NAG IB . -41.97 48.42 4.15
C6 NAG IB . -42.31 48.69 5.62
C7 NAG IB . -42.95 46.00 -0.64
C8 NAG IB . -42.43 45.66 -2.01
N2 NAG IB . -42.24 46.83 0.15
O3 NAG IB . -43.48 49.40 0.77
O4 NAG IB . -42.83 50.57 3.32
O5 NAG IB . -42.06 46.95 3.94
O6 NAG IB . -41.30 48.20 6.50
O7 NAG IB . -44.02 45.48 -0.26
C1 NAG JB . -50.27 23.18 -29.05
C2 NAG JB . -51.30 24.26 -29.62
C3 NAG JB . -52.68 23.53 -29.90
C4 NAG JB . -52.46 22.36 -30.92
C5 NAG JB . -51.40 21.36 -30.32
C6 NAG JB . -51.03 20.21 -31.26
C7 NAG JB . -51.72 26.63 -28.91
C8 NAG JB . -51.80 27.66 -27.82
N2 NAG JB . -51.42 25.35 -28.60
O3 NAG JB . -53.63 24.46 -30.45
O4 NAG JB . -53.70 21.68 -31.13
O5 NAG JB . -50.13 22.09 -30.03
O6 NAG JB . -52.03 19.19 -31.27
O7 NAG JB . -51.93 26.98 -30.08
C1 NAG KB . 13.85 22.48 39.78
C2 NAG KB . 14.67 21.34 40.52
C3 NAG KB . 16.11 21.88 40.83
C4 NAG KB . 16.80 22.30 39.48
C5 NAG KB . 15.92 23.39 38.76
C6 NAG KB . 16.48 23.79 37.38
C7 NAG KB . 13.14 19.84 41.83
C8 NAG KB . 12.36 19.52 43.08
N2 NAG KB . 13.91 20.97 41.76
O3 NAG KB . 16.87 20.85 41.47
O4 NAG KB . 18.10 22.83 39.76
O5 NAG KB . 14.56 22.86 38.54
O6 NAG KB . 15.76 24.88 36.81
O7 NAG KB . 13.06 19.06 40.87
C1 NAG LB . 5.78 28.55 27.91
C2 NAG LB . 5.12 29.49 28.91
C3 NAG LB . 4.48 30.66 28.18
C4 NAG LB . 5.52 31.36 27.32
C5 NAG LB . 6.16 30.35 26.37
C6 NAG LB . 7.29 30.95 25.56
C7 NAG LB . 3.85 29.23 30.98
C8 NAG LB . 4.99 29.83 31.74
N2 NAG LB . 4.12 28.82 29.74
O3 NAG LB . 3.91 31.55 29.13
O4 NAG LB . 4.90 32.39 26.55
O5 NAG LB . 6.72 29.25 27.12
O6 NAG LB . 8.31 31.49 26.41
O7 NAG LB . 2.73 29.11 31.46
#